data_4B1Z
#
_entry.id   4B1Z
#
_cell.length_a   127.060
_cell.length_b   142.890
_cell.length_c   184.380
_cell.angle_alpha   90.00
_cell.angle_beta   90.00
_cell.angle_gamma   90.00
#
_symmetry.space_group_name_H-M   'P 21 21 21'
#
loop_
_entity.id
_entity.type
_entity.pdbx_description
1 polymer 'ACTIN, ALPHA SKELETAL MUSCLE'
2 polymer 'PHOSPHATASE AND ACTIN REGULATOR 1'
3 non-polymer "ADENOSINE-5'-TRIPHOSPHATE"
4 non-polymer 'MAGNESIUM ION'
5 non-polymer GLYCEROL
6 water water
#
loop_
_entity_poly.entity_id
_entity_poly.type
_entity_poly.pdbx_seq_one_letter_code
_entity_poly.pdbx_strand_id
1 'polypeptide(L)'
;CDEDETTALVCDNGSGLVKAGFAGDDAPRAVFPSIVGRPRHQGVMVGMGQKDSYVGDEAQSKRGILTLKYPIEHGIITNW
DDMEKIWHHTFYNELRVAPEEHPTLLTEAPLNPKANREKMTQIMFETFNVPAMYVAIQAVLSLYASGRTTGIVLDSGDGV
THNVPIYEGYALPHAIMRLDLAGRDLTDYLMKILTERGYSFVTTAEREIVRDIKEKLCYVALDFENEMATAASSSSLEKS
YELPDGQVITIGNERFRCPETLFQPSFIGMESAGIHETTYNSIMKCDIDIRKDLYANNVMSGGTTMYPGIADRMQKEITA
LAPSTMKIKIIAPPERKYSVWIGGSILASLSTFQQMWITKQEYDEAGPSIVHRKCF
;
A,B,C,D,E,F
2 'polypeptide(L)'
;LAMKVCRKDSLAIKLSNRPSKRELEEKNILPRQTDEERLELRQQIGTKLTRRLSQRPTAEELEQRNILKPRNEQEEQEEK
REIKRRLTRKLSQRPTVEELRERKILIRFSDYVEV
;
M,N
#
loop_
_chem_comp.id
_chem_comp.type
_chem_comp.name
_chem_comp.formula
ATP non-polymer ADENOSINE-5'-TRIPHOSPHATE 'C10 H16 N5 O13 P3'
GOL non-polymer GLYCEROL 'C3 H8 O3'
MG non-polymer 'MAGNESIUM ION' 'Mg 2'
#
# COMPACT_ATOMS: atom_id res chain seq x y z
N ALA A 8 7.06 -10.63 43.75
CA ALA A 8 6.56 -9.49 43.00
C ALA A 8 5.54 -8.69 43.82
N LEU A 9 5.38 -7.42 43.50
CA LEU A 9 4.39 -6.58 44.17
C LEU A 9 3.20 -6.30 43.26
N VAL A 10 2.04 -6.08 43.86
CA VAL A 10 0.83 -5.72 43.10
C VAL A 10 0.21 -4.46 43.68
N CYS A 11 0.05 -3.46 42.82
CA CYS A 11 -0.48 -2.14 43.20
C CYS A 11 -1.65 -1.65 42.33
N ASP A 12 -2.82 -1.56 42.95
CA ASP A 12 -4.02 -1.04 42.30
C ASP A 12 -4.23 0.39 42.77
N ASN A 13 -4.01 1.33 41.84
CA ASN A 13 -4.03 2.76 42.14
C ASN A 13 -5.41 3.38 42.00
N GLY A 14 -6.22 3.28 43.05
CA GLY A 14 -7.57 3.81 43.00
C GLY A 14 -7.71 5.31 43.21
N SER A 15 -8.82 5.86 42.74
CA SER A 15 -9.14 7.27 42.94
C SER A 15 -9.40 7.55 44.41
N GLY A 16 -9.91 6.54 45.11
CA GLY A 16 -10.22 6.68 46.51
C GLY A 16 -9.27 5.85 47.37
N LEU A 17 -9.04 4.62 46.96
CA LEU A 17 -8.20 3.73 47.76
C LEU A 17 -7.10 3.08 46.93
N VAL A 18 -5.88 3.15 47.44
CA VAL A 18 -4.76 2.39 46.91
C VAL A 18 -4.77 1.04 47.59
N LYS A 19 -4.76 -0.03 46.78
CA LYS A 19 -4.63 -1.38 47.31
C LYS A 19 -3.27 -1.94 46.93
N ALA A 20 -2.46 -2.31 47.91
CA ALA A 20 -1.10 -2.75 47.63
C ALA A 20 -0.73 -4.02 48.39
N GLY A 21 0.09 -4.86 47.77
CA GLY A 21 0.53 -6.07 48.45
C GLY A 21 1.53 -6.92 47.70
N PHE A 22 1.64 -8.17 48.12
CA PHE A 22 2.59 -9.10 47.54
C PHE A 22 1.89 -10.16 46.69
N ALA A 23 2.52 -10.50 45.56
CA ALA A 23 1.99 -11.52 44.67
C ALA A 23 1.86 -12.86 45.39
N GLY A 24 0.76 -13.55 45.13
CA GLY A 24 0.50 -14.84 45.75
C GLY A 24 -0.37 -14.74 47.00
N ASP A 25 -0.50 -13.53 47.54
CA ASP A 25 -1.32 -13.34 48.73
C ASP A 25 -2.80 -13.23 48.36
N ASP A 26 -3.66 -13.68 49.28
CA ASP A 26 -5.09 -13.70 49.04
C ASP A 26 -5.75 -12.32 49.14
N ALA A 27 -5.13 -11.43 49.90
CA ALA A 27 -5.66 -10.09 50.11
C ALA A 27 -4.50 -9.10 50.17
N PRO A 28 -4.77 -7.83 49.82
CA PRO A 28 -3.71 -6.82 49.90
C PRO A 28 -3.23 -6.60 51.33
N ARG A 29 -1.92 -6.50 51.50
CA ARG A 29 -1.33 -6.30 52.81
C ARG A 29 -1.71 -4.92 53.34
N ALA A 30 -1.71 -3.94 52.44
CA ALA A 30 -2.02 -2.56 52.83
C ALA A 30 -3.07 -1.94 51.90
N VAL A 31 -4.07 -1.32 52.51
CA VAL A 31 -5.11 -0.57 51.82
C VAL A 31 -5.24 0.81 52.44
N PHE A 32 -5.06 1.86 51.65
CA PHE A 32 -5.08 3.20 52.25
C PHE A 32 -5.63 4.26 51.30
N PRO A 33 -6.22 5.33 51.85
CA PRO A 33 -6.82 6.36 51.00
C PRO A 33 -5.77 7.07 50.16
N SER A 34 -6.10 7.40 48.91
CA SER A 34 -5.14 8.01 48.02
C SER A 34 -5.16 9.53 48.16
N ILE A 35 -4.61 10.00 49.28
CA ILE A 35 -4.55 11.42 49.57
C ILE A 35 -3.11 11.85 49.89
N TYR A 70 -6.35 15.20 46.11
CA TYR A 70 -6.66 13.98 45.36
C TYR A 70 -5.83 13.86 44.09
N PRO A 71 -4.78 13.03 44.13
CA PRO A 71 -3.87 12.85 42.98
C PRO A 71 -4.51 12.13 41.79
N ILE A 72 -5.40 11.19 42.07
CA ILE A 72 -6.09 10.42 41.04
C ILE A 72 -7.57 10.77 40.99
N GLU A 73 -8.02 11.26 39.84
CA GLU A 73 -9.43 11.60 39.66
C GLU A 73 -9.97 10.82 38.49
N HIS A 74 -11.08 10.13 38.71
CA HIS A 74 -11.71 9.30 37.68
C HIS A 74 -10.76 8.24 37.11
N GLY A 75 -9.90 7.70 37.97
CA GLY A 75 -9.04 6.59 37.60
C GLY A 75 -7.75 6.92 36.87
N ILE A 76 -7.56 8.20 36.55
CA ILE A 76 -6.38 8.63 35.81
C ILE A 76 -5.51 9.56 36.66
N ILE A 77 -4.21 9.28 36.68
CA ILE A 77 -3.25 10.06 37.46
C ILE A 77 -3.11 11.49 36.94
N THR A 78 -3.29 12.46 37.84
CA THR A 78 -3.23 13.88 37.48
C THR A 78 -2.16 14.69 38.21
N ASN A 79 -1.77 14.25 39.40
CA ASN A 79 -0.71 14.93 40.13
C ASN A 79 0.49 14.01 40.36
N TRP A 80 1.55 14.22 39.59
CA TRP A 80 2.66 13.29 39.58
C TRP A 80 3.56 13.31 40.81
N ASP A 81 3.77 14.48 41.40
CA ASP A 81 4.58 14.58 42.62
C ASP A 81 3.88 13.83 43.75
N ASP A 82 2.58 14.08 43.88
CA ASP A 82 1.77 13.45 44.90
C ASP A 82 1.68 11.95 44.65
N MET A 83 1.61 11.57 43.38
CA MET A 83 1.56 10.16 43.01
C MET A 83 2.86 9.44 43.38
N GLU A 84 3.98 10.14 43.17
CA GLU A 84 5.28 9.61 43.56
C GLU A 84 5.37 9.44 45.07
N LYS A 85 4.77 10.39 45.78
CA LYS A 85 4.67 10.33 47.24
C LYS A 85 3.87 9.10 47.67
N ILE A 86 2.76 8.89 46.98
CA ILE A 86 1.89 7.74 47.23
C ILE A 86 2.61 6.41 47.01
N TRP A 87 3.37 6.34 45.93
CA TRP A 87 4.10 5.12 45.60
C TRP A 87 5.23 4.86 46.62
N HIS A 88 5.88 5.94 47.04
CA HIS A 88 6.92 5.86 48.07
C HIS A 88 6.35 5.34 49.38
N HIS A 89 5.20 5.90 49.75
CA HIS A 89 4.48 5.52 50.95
C HIS A 89 4.10 4.05 50.86
N THR A 90 3.68 3.64 49.67
CA THR A 90 3.35 2.25 49.40
C THR A 90 4.51 1.30 49.63
N PHE A 91 5.66 1.60 49.01
CA PHE A 91 6.83 0.74 49.12
C PHE A 91 7.44 0.68 50.51
N TYR A 92 7.74 1.85 51.05
CA TYR A 92 8.52 1.96 52.29
C TYR A 92 7.70 1.84 53.58
N ASN A 93 6.63 2.60 53.66
CA ASN A 93 5.82 2.66 54.88
C ASN A 93 4.81 1.54 55.06
N GLU A 94 4.10 1.22 53.99
CA GLU A 94 3.01 0.25 54.08
C GLU A 94 3.47 -1.20 53.93
N LEU A 95 4.25 -1.47 52.89
CA LEU A 95 4.71 -2.83 52.61
C LEU A 95 6.06 -3.16 53.21
N ARG A 96 6.84 -2.14 53.56
CA ARG A 96 8.18 -2.31 54.12
C ARG A 96 9.09 -3.14 53.21
N VAL A 97 9.23 -2.72 51.96
CA VAL A 97 10.08 -3.44 51.01
C VAL A 97 11.02 -2.51 50.24
N ALA A 98 12.03 -3.11 49.62
CA ALA A 98 12.92 -2.39 48.71
C ALA A 98 12.49 -2.60 47.26
N PRO A 99 12.11 -1.50 46.59
CA PRO A 99 11.53 -1.53 45.24
C PRO A 99 12.45 -2.18 44.19
N GLU A 100 13.77 -2.07 44.40
CA GLU A 100 14.74 -2.68 43.50
C GLU A 100 14.79 -4.20 43.57
N GLU A 101 14.09 -4.78 44.55
CA GLU A 101 14.12 -6.23 44.75
C GLU A 101 12.89 -6.98 44.23
N HIS A 102 11.94 -6.27 43.62
CA HIS A 102 10.68 -6.89 43.21
C HIS A 102 10.16 -6.38 41.88
N PRO A 103 9.81 -7.30 40.97
CA PRO A 103 9.00 -6.94 39.81
C PRO A 103 7.69 -6.33 40.32
N THR A 104 7.17 -5.32 39.63
CA THR A 104 6.00 -4.61 40.12
C THR A 104 4.88 -4.48 39.09
N LEU A 105 3.71 -5.01 39.43
CA LEU A 105 2.54 -4.85 38.57
C LEU A 105 1.67 -3.71 39.06
N LEU A 106 1.48 -2.71 38.21
CA LEU A 106 0.63 -1.57 38.49
C LEU A 106 -0.65 -1.74 37.70
N THR A 107 -1.75 -1.16 38.21
CA THR A 107 -2.98 -1.16 37.44
C THR A 107 -3.23 0.21 36.80
N GLU A 108 -4.05 0.22 35.75
CA GLU A 108 -4.42 1.47 35.11
C GLU A 108 -5.89 1.44 34.70
N ALA A 109 -6.46 2.62 34.50
CA ALA A 109 -7.85 2.76 34.08
C ALA A 109 -8.02 2.43 32.60
N PRO A 110 -9.22 2.01 32.20
CA PRO A 110 -9.56 1.88 30.78
C PRO A 110 -9.38 3.20 30.05
N LEU A 111 -8.87 3.15 28.83
CA LEU A 111 -8.66 4.34 28.00
C LEU A 111 -7.60 5.29 28.57
N ASN A 112 -6.74 4.76 29.44
CA ASN A 112 -5.60 5.52 29.93
C ASN A 112 -4.74 5.97 28.76
N PRO A 113 -4.47 7.28 28.68
CA PRO A 113 -3.66 7.87 27.60
C PRO A 113 -2.26 7.26 27.52
N LYS A 114 -1.71 7.20 26.31
CA LYS A 114 -0.41 6.62 26.07
C LYS A 114 0.69 7.31 26.89
N ALA A 115 0.64 8.64 26.90
CA ALA A 115 1.60 9.45 27.62
C ALA A 115 1.54 9.17 29.13
N ASN A 116 0.34 8.92 29.64
CA ASN A 116 0.15 8.67 31.07
C ASN A 116 0.84 7.39 31.54
N ARG A 117 0.62 6.31 30.81
CA ARG A 117 1.25 5.04 31.15
C ARG A 117 2.76 5.12 30.89
N GLU A 118 3.13 5.93 29.89
CA GLU A 118 4.54 6.16 29.61
C GLU A 118 5.22 6.83 30.82
N LYS A 119 4.55 7.82 31.40
CA LYS A 119 5.06 8.50 32.58
C LYS A 119 5.12 7.57 33.79
N MET A 120 4.11 6.70 33.93
CA MET A 120 4.11 5.70 34.99
C MET A 120 5.35 4.82 34.89
N THR A 121 5.61 4.34 33.67
CA THR A 121 6.75 3.47 33.41
C THR A 121 8.06 4.20 33.71
N GLN A 122 8.16 5.43 33.21
CA GLN A 122 9.35 6.24 33.40
C GLN A 122 9.66 6.42 34.89
N ILE A 123 8.64 6.75 35.66
CA ILE A 123 8.83 6.95 37.10
C ILE A 123 9.20 5.65 37.80
N MET A 124 8.53 4.56 37.43
CA MET A 124 8.82 3.27 38.03
C MET A 124 10.27 2.83 37.81
N PHE A 125 10.76 2.96 36.58
CA PHE A 125 12.14 2.56 36.28
C PHE A 125 13.20 3.52 36.78
N GLU A 126 13.00 4.81 36.57
CA GLU A 126 14.01 5.81 36.92
C GLU A 126 14.05 6.15 38.40
N THR A 127 12.88 6.37 39.00
CA THR A 127 12.81 6.78 40.40
C THR A 127 12.97 5.62 41.38
N PHE A 128 12.30 4.51 41.10
CA PHE A 128 12.27 3.39 42.04
C PHE A 128 13.17 2.22 41.67
N ASN A 129 13.77 2.26 40.48
CA ASN A 129 14.77 1.28 40.05
C ASN A 129 14.32 -0.18 40.12
N VAL A 130 13.08 -0.46 39.76
CA VAL A 130 12.58 -1.83 39.75
C VAL A 130 13.27 -2.69 38.68
N PRO A 131 13.46 -3.99 38.97
CA PRO A 131 14.09 -4.90 38.02
C PRO A 131 13.15 -5.24 36.89
N ALA A 132 11.85 -5.07 37.16
CA ALA A 132 10.81 -5.38 36.18
C ALA A 132 9.51 -4.73 36.61
N MET A 133 8.63 -4.47 35.64
CA MET A 133 7.29 -3.98 35.96
C MET A 133 6.33 -4.25 34.82
N TYR A 134 5.03 -4.11 35.11
CA TYR A 134 4.00 -4.35 34.11
C TYR A 134 2.82 -3.45 34.43
N VAL A 135 2.07 -3.03 33.42
CA VAL A 135 0.89 -2.23 33.65
C VAL A 135 -0.31 -2.96 33.06
N ALA A 136 -1.26 -3.29 33.92
CA ALA A 136 -2.44 -4.04 33.49
C ALA A 136 -3.72 -3.22 33.65
N ILE A 137 -4.66 -3.41 32.73
CA ILE A 137 -5.97 -2.79 32.83
C ILE A 137 -6.75 -3.41 33.98
N GLN A 138 -7.34 -2.56 34.82
CA GLN A 138 -8.06 -3.00 36.01
C GLN A 138 -9.18 -3.98 35.71
N ALA A 139 -10.02 -3.64 34.74
CA ALA A 139 -11.16 -4.49 34.39
C ALA A 139 -10.69 -5.85 33.90
N VAL A 140 -9.57 -5.86 33.19
CA VAL A 140 -8.98 -7.09 32.69
C VAL A 140 -8.52 -7.97 33.85
N LEU A 141 -7.83 -7.37 34.83
CA LEU A 141 -7.43 -8.11 36.03
C LEU A 141 -8.63 -8.66 36.79
N SER A 142 -9.70 -7.86 36.86
CA SER A 142 -10.94 -8.30 37.50
C SER A 142 -11.50 -9.52 36.80
N LEU A 143 -11.44 -9.50 35.47
CA LEU A 143 -11.91 -10.62 34.65
C LEU A 143 -11.05 -11.85 34.88
N TYR A 144 -9.73 -11.66 34.90
CA TYR A 144 -8.79 -12.75 35.12
C TYR A 144 -9.00 -13.39 36.49
N ALA A 145 -9.37 -12.55 37.46
CA ALA A 145 -9.56 -13.00 38.84
C ALA A 145 -10.68 -14.02 38.95
N SER A 146 -11.62 -13.97 38.02
CA SER A 146 -12.73 -14.90 37.99
C SER A 146 -12.40 -16.10 37.08
N GLY A 147 -11.17 -16.15 36.59
CA GLY A 147 -10.71 -17.24 35.76
C GLY A 147 -11.16 -17.13 34.30
N ARG A 148 -11.49 -15.92 33.88
CA ARG A 148 -11.96 -15.69 32.52
C ARG A 148 -10.97 -14.82 31.74
N THR A 149 -11.00 -14.95 30.43
CA THR A 149 -10.26 -14.04 29.55
C THR A 149 -11.22 -13.37 28.59
N THR A 150 -12.48 -13.79 28.62
CA THR A 150 -13.52 -13.18 27.80
C THR A 150 -14.77 -12.89 28.63
N GLY A 151 -15.27 -11.66 28.53
CA GLY A 151 -16.49 -11.27 29.20
C GLY A 151 -16.58 -9.75 29.26
N ILE A 152 -17.63 -9.22 29.87
CA ILE A 152 -17.73 -7.77 30.02
C ILE A 152 -17.72 -7.37 31.51
N VAL A 153 -16.82 -6.47 31.85
CA VAL A 153 -16.64 -6.08 33.25
C VAL A 153 -17.31 -4.74 33.53
N LEU A 154 -18.04 -4.67 34.64
CA LEU A 154 -18.51 -3.41 35.18
C LEU A 154 -17.67 -3.10 36.40
N ASP A 155 -16.77 -2.13 36.26
CA ASP A 155 -15.86 -1.78 37.34
C ASP A 155 -16.27 -0.43 37.90
N SER A 156 -16.85 -0.45 39.10
CA SER A 156 -17.33 0.77 39.74
C SER A 156 -16.61 0.97 41.07
N GLY A 157 -15.82 2.02 41.15
CA GLY A 157 -15.00 2.28 42.31
C GLY A 157 -15.45 3.51 43.09
N ASP A 158 -14.49 4.33 43.49
CA ASP A 158 -14.79 5.52 44.27
C ASP A 158 -15.07 6.74 43.41
N GLY A 159 -14.32 6.87 42.31
CA GLY A 159 -14.38 8.07 41.50
C GLY A 159 -14.96 7.92 40.11
N VAL A 160 -14.96 6.71 39.58
CA VAL A 160 -15.39 6.48 38.20
C VAL A 160 -15.93 5.07 37.99
N THR A 161 -16.84 4.93 37.03
CA THR A 161 -17.43 3.64 36.68
C THR A 161 -17.14 3.35 35.21
N HIS A 162 -16.76 2.11 34.90
CA HIS A 162 -16.50 1.72 33.53
C HIS A 162 -17.22 0.44 33.14
N ASN A 163 -17.66 0.39 31.88
CA ASN A 163 -17.98 -0.87 31.23
C ASN A 163 -16.87 -1.24 30.24
N VAL A 164 -16.26 -2.40 30.44
CA VAL A 164 -15.17 -2.82 29.58
C VAL A 164 -15.40 -4.23 29.06
N PRO A 165 -15.77 -4.34 27.78
CA PRO A 165 -15.87 -5.66 27.15
C PRO A 165 -14.48 -6.13 26.74
N ILE A 166 -14.19 -7.40 27.01
CA ILE A 166 -12.86 -7.95 26.81
C ILE A 166 -12.98 -9.31 26.14
N TYR A 167 -12.19 -9.49 25.08
CA TYR A 167 -12.14 -10.74 24.35
C TYR A 167 -10.70 -11.23 24.32
N GLU A 168 -10.49 -12.44 24.83
CA GLU A 168 -9.18 -13.06 24.89
C GLU A 168 -8.14 -12.16 25.57
N GLY A 169 -8.55 -11.51 26.66
CA GLY A 169 -7.65 -10.66 27.43
C GLY A 169 -7.51 -9.26 26.87
N TYR A 170 -8.09 -9.04 25.68
CA TYR A 170 -8.02 -7.74 25.02
C TYR A 170 -9.26 -6.89 25.30
N ALA A 171 -9.04 -5.72 25.89
CA ALA A 171 -10.11 -4.74 26.05
C ALA A 171 -10.44 -4.17 24.68
N LEU A 172 -11.72 -3.96 24.42
CA LEU A 172 -12.18 -3.45 23.12
C LEU A 172 -12.46 -1.95 23.24
N PRO A 173 -11.47 -1.11 22.89
CA PRO A 173 -11.49 0.32 23.19
C PRO A 173 -12.71 1.04 22.63
N HIS A 174 -13.14 0.65 21.43
CA HIS A 174 -14.25 1.32 20.77
C HIS A 174 -15.57 1.10 21.51
N ALA A 175 -15.61 0.09 22.37
CA ALA A 175 -16.85 -0.28 23.05
C ALA A 175 -16.84 0.02 24.55
N ILE A 176 -15.76 0.62 25.05
CA ILE A 176 -15.68 0.96 26.47
C ILE A 176 -16.61 2.14 26.78
N MET A 177 -17.36 2.03 27.87
CA MET A 177 -18.22 3.10 28.33
C MET A 177 -17.71 3.67 29.64
N ARG A 178 -17.66 5.00 29.73
CA ARG A 178 -17.26 5.66 30.96
C ARG A 178 -18.40 6.47 31.56
N LEU A 179 -18.60 6.30 32.86
CA LEU A 179 -19.62 7.01 33.60
C LEU A 179 -19.01 7.64 34.85
N ASP A 180 -19.08 8.96 34.95
CA ASP A 180 -18.53 9.67 36.10
C ASP A 180 -19.51 9.72 37.27
N LEU A 181 -20.06 8.55 37.61
CA LEU A 181 -20.90 8.39 38.77
C LEU A 181 -20.41 7.18 39.55
N ALA A 182 -20.02 7.40 40.81
CA ALA A 182 -19.45 6.32 41.62
C ALA A 182 -19.77 6.46 43.11
N GLY A 183 -18.96 5.80 43.92
CA GLY A 183 -19.19 5.73 45.36
C GLY A 183 -19.24 7.06 46.09
N ARG A 184 -18.36 7.97 45.71
CA ARG A 184 -18.26 9.27 46.36
C ARG A 184 -19.55 10.07 46.14
N ASP A 185 -20.05 10.02 44.91
CA ASP A 185 -21.29 10.69 44.55
C ASP A 185 -22.47 10.10 45.30
N LEU A 186 -22.44 8.78 45.50
CA LEU A 186 -23.47 8.09 46.25
C LEU A 186 -23.45 8.50 47.71
N THR A 187 -22.24 8.70 48.25
CA THR A 187 -22.10 9.19 49.61
C THR A 187 -22.71 10.58 49.76
N ASP A 188 -22.39 11.45 48.80
CA ASP A 188 -22.94 12.81 48.80
C ASP A 188 -24.47 12.83 48.72
N TYR A 189 -25.00 11.99 47.83
CA TYR A 189 -26.44 11.90 47.64
C TYR A 189 -27.09 11.41 48.93
N LEU A 190 -26.42 10.46 49.59
CA LEU A 190 -26.90 9.95 50.86
C LEU A 190 -26.93 11.03 51.93
N MET A 191 -25.93 11.91 51.93
CA MET A 191 -25.93 13.06 52.84
C MET A 191 -27.16 13.94 52.59
N LYS A 192 -27.46 14.20 51.31
CA LYS A 192 -28.61 15.01 50.95
C LYS A 192 -29.95 14.43 51.42
N ILE A 193 -30.14 13.14 51.15
CA ILE A 193 -31.40 12.47 51.48
C ILE A 193 -31.56 12.24 52.99
N LEU A 194 -30.42 12.05 53.67
CA LEU A 194 -30.39 11.95 55.12
C LEU A 194 -30.81 13.29 55.70
N THR A 195 -30.40 14.36 55.03
CA THR A 195 -30.84 15.69 55.44
C THR A 195 -32.35 15.77 55.30
N GLU A 196 -32.89 15.21 54.22
CA GLU A 196 -34.35 15.17 54.07
C GLU A 196 -35.02 14.40 55.24
N ARG A 197 -34.34 13.38 55.75
CA ARG A 197 -34.87 12.65 56.92
C ARG A 197 -34.86 13.49 58.19
N GLY A 198 -34.06 14.56 58.21
CA GLY A 198 -33.95 15.41 59.38
C GLY A 198 -32.63 15.30 60.12
N TYR A 199 -31.74 14.44 59.62
CA TYR A 199 -30.39 14.33 60.16
C TYR A 199 -29.34 15.21 59.47
N SER A 200 -28.57 15.97 60.24
CA SER A 200 -27.58 16.89 59.67
C SER A 200 -26.19 16.23 59.59
N PHE A 201 -25.67 16.12 58.38
CA PHE A 201 -24.33 15.57 58.08
C PHE A 201 -23.39 16.42 57.23
N VAL A 202 -22.94 17.58 57.72
CA VAL A 202 -22.08 18.47 56.92
C VAL A 202 -20.55 18.28 56.98
N THR A 203 -19.99 17.86 58.11
CA THR A 203 -18.52 17.78 58.25
C THR A 203 -17.90 16.57 57.51
N THR A 204 -16.61 16.67 57.17
CA THR A 204 -15.87 15.60 56.51
C THR A 204 -15.90 14.31 57.33
N ALA A 205 -15.72 14.45 58.65
CA ALA A 205 -15.81 13.30 59.55
C ALA A 205 -17.22 12.73 59.48
N GLU A 206 -18.20 13.63 59.47
CA GLU A 206 -19.59 13.25 59.32
C GLU A 206 -19.81 12.57 57.96
N ARG A 207 -19.11 13.06 56.95
CA ARG A 207 -19.17 12.45 55.61
C ARG A 207 -18.67 11.02 55.66
N GLU A 208 -17.61 10.78 56.41
CA GLU A 208 -17.06 9.45 56.59
C GLU A 208 -18.09 8.56 57.28
N ILE A 209 -18.76 9.14 58.28
CA ILE A 209 -19.81 8.42 59.00
C ILE A 209 -20.94 8.02 58.05
N VAL A 210 -21.33 8.94 57.18
CA VAL A 210 -22.38 8.68 56.20
C VAL A 210 -21.94 7.59 55.23
N ARG A 211 -20.66 7.60 54.88
CA ARG A 211 -20.11 6.56 54.00
C ARG A 211 -20.24 5.20 54.66
N ASP A 212 -19.91 5.12 55.94
CA ASP A 212 -20.04 3.87 56.68
C ASP A 212 -21.51 3.43 56.74
N ILE A 213 -22.41 4.40 56.93
CA ILE A 213 -23.84 4.12 56.93
C ILE A 213 -24.24 3.50 55.59
N LYS A 214 -23.71 4.06 54.52
CA LYS A 214 -23.98 3.58 53.16
C LYS A 214 -23.50 2.14 52.98
N GLU A 215 -22.28 1.88 53.44
CA GLU A 215 -21.70 0.55 53.30
C GLU A 215 -22.43 -0.51 54.13
N LYS A 216 -22.89 -0.12 55.31
CA LYS A 216 -23.54 -1.06 56.22
C LYS A 216 -25.04 -1.28 55.96
N LEU A 217 -25.74 -0.23 55.54
CA LEU A 217 -27.20 -0.28 55.50
C LEU A 217 -27.87 -0.17 54.12
N CYS A 218 -27.14 0.26 53.11
CA CYS A 218 -27.73 0.43 51.79
C CYS A 218 -27.84 -0.87 50.99
N TYR A 219 -28.79 -0.92 50.07
CA TYR A 219 -28.98 -2.07 49.19
C TYR A 219 -29.70 -1.64 47.93
N VAL A 220 -29.63 -2.45 46.88
CA VAL A 220 -30.29 -2.12 45.63
C VAL A 220 -31.63 -2.85 45.50
N ALA A 221 -32.71 -2.09 45.37
CA ALA A 221 -34.03 -2.69 45.27
C ALA A 221 -34.18 -3.41 43.94
N LEU A 222 -34.80 -4.57 43.96
CA LEU A 222 -35.02 -5.33 42.73
C LEU A 222 -36.09 -4.63 41.89
N ASP A 223 -37.13 -4.14 42.57
CA ASP A 223 -38.16 -3.36 41.91
C ASP A 223 -38.32 -2.10 42.74
N PHE A 224 -37.83 -0.98 42.19
CA PHE A 224 -37.75 0.26 42.93
C PHE A 224 -39.10 0.81 43.38
N GLU A 225 -40.09 0.77 42.48
CA GLU A 225 -41.42 1.30 42.80
C GLU A 225 -42.10 0.49 43.91
N ASN A 226 -41.99 -0.83 43.82
CA ASN A 226 -42.58 -1.72 44.82
C ASN A 226 -41.92 -1.52 46.17
N GLU A 227 -40.61 -1.31 46.14
CA GLU A 227 -39.85 -1.10 47.37
C GLU A 227 -40.18 0.26 47.99
N MET A 228 -40.40 1.27 47.16
CA MET A 228 -40.87 2.57 47.64
C MET A 228 -42.24 2.45 48.32
N ALA A 229 -43.12 1.67 47.70
CA ALA A 229 -44.48 1.48 48.24
C ALA A 229 -44.43 0.72 49.56
N THR A 230 -43.57 -0.30 49.62
CA THR A 230 -43.35 -1.06 50.84
C THR A 230 -42.78 -0.18 51.95
N ALA A 231 -41.85 0.70 51.56
CA ALA A 231 -41.22 1.62 52.51
C ALA A 231 -42.23 2.61 53.06
N ALA A 232 -43.22 2.96 52.24
CA ALA A 232 -44.27 3.88 52.66
C ALA A 232 -45.36 3.19 53.48
N SER A 233 -45.49 1.88 53.29
CA SER A 233 -46.53 1.09 53.94
C SER A 233 -46.22 0.64 55.37
N SER A 234 -44.95 0.41 55.67
CA SER A 234 -44.57 -0.13 56.96
C SER A 234 -43.13 0.18 57.37
N SER A 235 -42.79 -0.17 58.60
CA SER A 235 -41.45 0.04 59.13
C SER A 235 -40.51 -1.14 58.87
N SER A 236 -40.94 -2.06 57.98
CA SER A 236 -40.20 -3.28 57.72
C SER A 236 -38.80 -3.05 57.14
N LEU A 237 -38.67 -2.01 56.32
CA LEU A 237 -37.40 -1.66 55.69
C LEU A 237 -36.48 -0.83 56.56
N GLU A 238 -37.04 -0.17 57.56
CA GLU A 238 -36.27 0.68 58.48
C GLU A 238 -35.11 -0.03 59.17
N LYS A 239 -34.00 0.68 59.32
CA LYS A 239 -32.82 0.17 60.00
C LYS A 239 -32.30 1.21 60.98
N SER A 240 -31.47 0.78 61.92
CA SER A 240 -30.94 1.70 62.91
C SER A 240 -29.42 1.72 62.89
N TYR A 241 -28.85 2.92 62.92
CA TYR A 241 -27.40 3.05 62.95
C TYR A 241 -27.01 3.80 64.22
N GLU A 242 -26.06 3.27 64.98
CA GLU A 242 -25.65 3.94 66.21
C GLU A 242 -24.40 4.79 65.97
N LEU A 243 -24.54 6.10 66.13
CA LEU A 243 -23.43 7.03 65.93
C LEU A 243 -22.40 6.88 67.05
N PRO A 244 -21.16 7.38 66.83
CA PRO A 244 -20.14 7.31 67.87
C PRO A 244 -20.54 8.02 69.17
N ASP A 245 -21.29 9.12 69.07
CA ASP A 245 -21.81 9.80 70.25
C ASP A 245 -22.92 8.99 70.93
N GLY A 246 -23.19 7.81 70.38
CA GLY A 246 -24.25 6.95 70.90
C GLY A 246 -25.65 7.30 70.43
N GLN A 247 -25.80 8.37 69.66
CA GLN A 247 -27.09 8.66 69.04
C GLN A 247 -27.47 7.54 68.07
N VAL A 248 -28.75 7.23 68.00
CA VAL A 248 -29.26 6.18 67.12
C VAL A 248 -30.19 6.80 66.07
N ILE A 249 -29.97 6.46 64.81
CA ILE A 249 -30.78 7.02 63.74
C ILE A 249 -31.51 5.94 62.97
N THR A 250 -32.64 6.29 62.37
CA THR A 250 -33.43 5.34 61.60
C THR A 250 -33.45 5.73 60.14
N ILE A 251 -33.14 4.77 59.28
CA ILE A 251 -33.11 4.98 57.83
C ILE A 251 -34.13 4.08 57.14
N GLY A 252 -34.92 4.66 56.24
CA GLY A 252 -35.99 3.90 55.59
C GLY A 252 -35.74 3.62 54.12
N ASN A 253 -36.38 4.36 53.23
CA ASN A 253 -36.22 4.11 51.80
C ASN A 253 -34.89 4.57 51.25
N GLU A 254 -34.21 5.44 52.00
CA GLU A 254 -32.90 5.94 51.62
C GLU A 254 -31.91 4.83 51.38
N ARG A 255 -32.13 3.72 52.07
CA ARG A 255 -31.30 2.52 51.96
C ARG A 255 -31.17 2.08 50.52
N PHE A 256 -32.28 2.17 49.79
CA PHE A 256 -32.23 1.74 48.41
C PHE A 256 -32.31 2.91 47.45
N ARG A 257 -32.70 4.09 47.93
CA ARG A 257 -32.69 5.23 47.03
C ARG A 257 -31.26 5.66 46.68
N CYS A 258 -30.35 5.53 47.63
CA CYS A 258 -28.95 5.88 47.40
C CYS A 258 -28.29 5.13 46.23
N PRO A 259 -28.28 3.78 46.26
CA PRO A 259 -27.63 3.10 45.14
C PRO A 259 -28.50 3.04 43.90
N GLU A 260 -29.77 3.40 44.02
CA GLU A 260 -30.68 3.48 42.87
C GLU A 260 -30.15 4.46 41.84
N THR A 261 -29.35 5.42 42.32
CA THR A 261 -28.72 6.43 41.48
C THR A 261 -27.88 5.81 40.36
N LEU A 262 -27.31 4.65 40.61
CA LEU A 262 -26.52 3.94 39.61
C LEU A 262 -27.37 3.56 38.40
N PHE A 263 -28.63 3.26 38.66
CA PHE A 263 -29.56 2.88 37.59
C PHE A 263 -30.34 4.10 37.10
N GLN A 264 -30.48 5.10 37.96
CA GLN A 264 -31.15 6.34 37.62
C GLN A 264 -30.32 7.55 38.01
N PRO A 265 -29.30 7.89 37.20
CA PRO A 265 -28.38 9.00 37.49
C PRO A 265 -29.10 10.34 37.60
N SER A 266 -30.31 10.43 37.05
CA SER A 266 -31.12 11.64 37.13
C SER A 266 -31.39 12.05 38.58
N PHE A 267 -31.20 11.11 39.51
CA PHE A 267 -31.36 11.40 40.93
C PHE A 267 -30.37 12.47 41.40
N ILE A 268 -29.22 12.57 40.72
CA ILE A 268 -28.25 13.61 41.06
C ILE A 268 -28.08 14.62 39.94
N GLY A 269 -29.04 14.68 39.03
CA GLY A 269 -29.04 15.68 37.98
C GLY A 269 -28.23 15.38 36.73
N MET A 270 -27.81 14.12 36.56
CA MET A 270 -27.08 13.72 35.36
C MET A 270 -28.02 13.27 34.25
N GLU A 271 -27.66 13.59 33.01
CA GLU A 271 -28.47 13.20 31.87
C GLU A 271 -28.04 11.83 31.33
N SER A 272 -26.93 11.33 31.88
CA SER A 272 -26.36 10.05 31.45
C SER A 272 -27.30 8.86 31.70
N ALA A 273 -27.17 7.83 30.87
CA ALA A 273 -27.86 6.56 31.07
C ALA A 273 -27.33 5.79 32.29
N GLY A 274 -28.14 4.87 32.80
CA GLY A 274 -27.75 4.03 33.94
C GLY A 274 -26.80 2.92 33.58
N ILE A 275 -26.28 2.23 34.60
CA ILE A 275 -25.25 1.21 34.38
C ILE A 275 -25.70 0.00 33.56
N HIS A 276 -26.99 -0.33 33.62
CA HIS A 276 -27.52 -1.44 32.83
C HIS A 276 -27.58 -1.07 31.35
N GLU A 277 -27.97 0.18 31.09
CA GLU A 277 -28.08 0.67 29.72
C GLU A 277 -26.70 0.84 29.11
N THR A 278 -25.74 1.28 29.91
CA THR A 278 -24.36 1.40 29.45
C THR A 278 -23.72 0.03 29.23
N THR A 279 -24.10 -0.95 30.06
CA THR A 279 -23.66 -2.33 29.84
C THR A 279 -24.18 -2.81 28.49
N TYR A 280 -25.49 -2.62 28.29
CA TYR A 280 -26.13 -3.00 27.04
C TYR A 280 -25.53 -2.32 25.81
N ASN A 281 -25.33 -1.01 25.90
CA ASN A 281 -24.74 -0.23 24.83
C ASN A 281 -23.31 -0.67 24.51
N SER A 282 -22.54 -0.94 25.54
CA SER A 282 -21.17 -1.42 25.38
C SER A 282 -21.18 -2.76 24.64
N ILE A 283 -22.08 -3.64 25.06
CA ILE A 283 -22.27 -4.93 24.41
C ILE A 283 -22.66 -4.78 22.94
N MET A 284 -23.53 -3.83 22.65
CA MET A 284 -24.01 -3.61 21.29
C MET A 284 -22.93 -3.06 20.36
N LYS A 285 -21.96 -2.34 20.92
CA LYS A 285 -20.86 -1.79 20.14
C LYS A 285 -19.85 -2.85 19.70
N CYS A 286 -19.96 -4.04 20.28
CA CYS A 286 -19.06 -5.14 19.93
C CYS A 286 -19.62 -5.95 18.76
N ASP A 287 -18.73 -6.73 18.12
CA ASP A 287 -19.11 -7.60 17.01
C ASP A 287 -20.18 -8.59 17.46
N ILE A 288 -21.13 -8.88 16.58
CA ILE A 288 -22.29 -9.69 16.95
C ILE A 288 -21.92 -11.09 17.45
N ASP A 289 -20.89 -11.66 16.84
CA ASP A 289 -20.46 -13.02 17.17
C ASP A 289 -19.96 -13.20 18.61
N ILE A 290 -19.36 -12.17 19.19
CA ILE A 290 -18.81 -12.27 20.55
C ILE A 290 -19.85 -11.79 21.57
N ARG A 291 -20.93 -11.21 21.06
CA ARG A 291 -21.95 -10.57 21.88
C ARG A 291 -22.54 -11.57 22.89
N LYS A 292 -22.79 -12.78 22.41
CA LYS A 292 -23.29 -13.87 23.22
C LYS A 292 -22.33 -14.18 24.37
N ASP A 293 -21.04 -14.20 24.04
CA ASP A 293 -19.99 -14.44 25.02
C ASP A 293 -19.94 -13.34 26.08
N LEU A 294 -20.25 -12.12 25.67
CA LEU A 294 -20.29 -11.00 26.61
C LEU A 294 -21.49 -11.07 27.55
N TYR A 295 -22.64 -11.43 27.01
CA TYR A 295 -23.87 -11.49 27.82
C TYR A 295 -23.77 -12.54 28.92
N ALA A 296 -23.11 -13.65 28.61
CA ALA A 296 -23.00 -14.77 29.54
C ALA A 296 -21.90 -14.54 30.58
N ASN A 297 -21.16 -13.45 30.44
CA ASN A 297 -20.06 -13.18 31.36
C ASN A 297 -19.95 -11.71 31.81
N ASN A 298 -20.91 -11.27 32.63
CA ASN A 298 -20.80 -9.95 33.24
C ASN A 298 -20.12 -10.06 34.60
N VAL A 299 -18.91 -9.54 34.69
CA VAL A 299 -18.19 -9.57 35.96
C VAL A 299 -18.25 -8.19 36.59
N MET A 300 -18.68 -8.12 37.84
CA MET A 300 -18.73 -6.85 38.55
C MET A 300 -17.59 -6.74 39.54
N SER A 301 -16.92 -5.60 39.53
CA SER A 301 -15.80 -5.38 40.41
C SER A 301 -15.76 -3.94 40.92
N GLY A 302 -15.15 -3.76 42.09
CA GLY A 302 -15.05 -2.45 42.69
C GLY A 302 -15.99 -2.36 43.88
N GLY A 303 -15.72 -1.41 44.78
CA GLY A 303 -16.49 -1.28 46.00
C GLY A 303 -17.95 -0.90 45.80
N THR A 304 -18.23 -0.14 44.75
CA THR A 304 -19.57 0.40 44.54
C THR A 304 -20.51 -0.67 43.97
N THR A 305 -19.97 -1.85 43.69
CA THR A 305 -20.78 -2.99 43.26
C THR A 305 -21.12 -3.92 44.43
N MET A 306 -20.78 -3.51 45.64
CA MET A 306 -20.95 -4.34 46.83
C MET A 306 -22.37 -4.35 47.40
N TYR A 307 -23.22 -3.46 46.90
CA TYR A 307 -24.60 -3.39 47.38
C TYR A 307 -25.34 -4.70 47.16
N PRO A 308 -25.95 -5.24 48.23
CA PRO A 308 -26.80 -6.43 48.13
C PRO A 308 -27.93 -6.18 47.14
N GLY A 309 -28.22 -7.16 46.29
CA GLY A 309 -29.33 -7.03 45.35
C GLY A 309 -28.95 -6.45 44.01
N ILE A 310 -27.71 -5.98 43.88
CA ILE A 310 -27.29 -5.31 42.65
C ILE A 310 -27.20 -6.31 41.49
N ALA A 311 -26.79 -7.54 41.82
CA ALA A 311 -26.65 -8.58 40.82
C ALA A 311 -28.01 -9.00 40.25
N ASP A 312 -29.00 -9.12 41.13
CA ASP A 312 -30.34 -9.53 40.72
C ASP A 312 -30.99 -8.47 39.84
N ARG A 313 -30.82 -7.22 40.26
CA ARG A 313 -31.35 -6.07 39.54
C ARG A 313 -30.69 -5.97 38.17
N MET A 314 -29.38 -6.15 38.13
CA MET A 314 -28.64 -6.10 36.88
C MET A 314 -29.10 -7.21 35.94
N GLN A 315 -29.31 -8.40 36.50
CA GLN A 315 -29.83 -9.54 35.76
C GLN A 315 -31.18 -9.19 35.12
N LYS A 316 -32.07 -8.61 35.92
CA LYS A 316 -33.41 -8.27 35.45
C LYS A 316 -33.38 -7.23 34.34
N GLU A 317 -32.57 -6.19 34.53
CA GLU A 317 -32.50 -5.10 33.57
C GLU A 317 -31.87 -5.53 32.25
N ILE A 318 -30.75 -6.25 32.34
CA ILE A 318 -30.09 -6.76 31.15
C ILE A 318 -30.97 -7.75 30.40
N THR A 319 -31.66 -8.61 31.13
CA THR A 319 -32.65 -9.51 30.52
C THR A 319 -33.74 -8.72 29.80
N ALA A 320 -34.15 -7.62 30.42
CA ALA A 320 -35.18 -6.75 29.84
C ALA A 320 -34.70 -6.05 28.57
N LEU A 321 -33.41 -5.79 28.48
CA LEU A 321 -32.86 -5.10 27.32
C LEU A 321 -32.43 -6.03 26.18
N ALA A 322 -31.94 -7.21 26.54
CA ALA A 322 -31.37 -8.13 25.57
C ALA A 322 -32.47 -8.89 24.82
N PRO A 323 -32.10 -9.57 23.71
CA PRO A 323 -33.05 -10.44 23.02
C PRO A 323 -33.64 -11.50 23.95
N SER A 324 -34.89 -11.89 23.69
CA SER A 324 -35.63 -12.78 24.58
C SER A 324 -34.96 -14.12 24.88
N THR A 325 -34.20 -14.64 23.91
CA THR A 325 -33.59 -15.96 24.06
C THR A 325 -32.13 -15.93 24.53
N MET A 326 -31.59 -14.74 24.74
CA MET A 326 -30.19 -14.60 25.12
C MET A 326 -29.91 -15.10 26.53
N LYS A 327 -28.83 -15.87 26.69
CA LYS A 327 -28.42 -16.34 28.00
C LYS A 327 -27.65 -15.25 28.74
N ILE A 328 -28.14 -14.86 29.92
CA ILE A 328 -27.51 -13.81 30.72
C ILE A 328 -26.98 -14.35 32.04
N LYS A 329 -25.74 -14.03 32.36
CA LYS A 329 -25.15 -14.44 33.63
C LYS A 329 -24.37 -13.29 34.26
N ILE A 330 -24.72 -12.93 35.50
CA ILE A 330 -24.00 -11.88 36.21
C ILE A 330 -23.09 -12.50 37.27
N ILE A 331 -21.81 -12.18 37.18
CA ILE A 331 -20.79 -12.70 38.10
C ILE A 331 -20.32 -11.63 39.07
N ALA A 332 -20.55 -11.86 40.36
CA ALA A 332 -20.24 -10.88 41.39
C ALA A 332 -19.77 -11.59 42.66
N PRO A 333 -18.50 -12.01 42.68
CA PRO A 333 -17.93 -12.74 43.82
C PRO A 333 -17.79 -11.86 45.06
N PRO A 334 -17.74 -12.49 46.24
CA PRO A 334 -17.64 -11.77 47.52
C PRO A 334 -16.38 -10.92 47.62
N GLU A 335 -15.33 -11.36 46.93
CA GLU A 335 -14.04 -10.70 47.02
C GLU A 335 -13.95 -9.48 46.10
N ARG A 336 -15.03 -9.17 45.39
CA ARG A 336 -14.96 -8.20 44.31
C ARG A 336 -14.42 -6.82 44.68
N LYS A 337 -14.53 -6.46 45.97
CA LYS A 337 -14.09 -5.14 46.41
C LYS A 337 -12.61 -4.97 46.13
N TYR A 338 -11.92 -6.10 46.10
CA TYR A 338 -10.49 -6.13 45.84
C TYR A 338 -10.15 -6.99 44.63
N SER A 339 -11.14 -7.38 43.84
CA SER A 339 -10.89 -8.41 42.84
C SER A 339 -9.85 -7.98 41.79
N VAL A 340 -9.83 -6.69 41.49
CA VAL A 340 -8.85 -6.12 40.58
C VAL A 340 -7.47 -6.56 41.07
N TRP A 341 -7.20 -6.19 42.32
CA TRP A 341 -5.92 -6.48 42.93
C TRP A 341 -5.67 -7.99 42.90
N ILE A 342 -6.72 -8.76 43.21
CA ILE A 342 -6.55 -10.21 43.30
C ILE A 342 -6.09 -10.72 41.95
N GLY A 343 -6.69 -10.17 40.88
CA GLY A 343 -6.35 -10.59 39.53
C GLY A 343 -4.87 -10.37 39.33
N GLY A 344 -4.39 -9.18 39.70
CA GLY A 344 -3.00 -8.86 39.53
C GLY A 344 -2.16 -9.86 40.30
N SER A 345 -2.58 -10.13 41.53
CA SER A 345 -1.87 -11.05 42.41
C SER A 345 -1.74 -12.41 41.73
N ILE A 346 -2.80 -12.84 41.05
CA ILE A 346 -2.76 -14.10 40.34
C ILE A 346 -1.82 -13.99 39.14
N LEU A 347 -2.01 -12.94 38.36
CA LEU A 347 -1.31 -12.79 37.09
C LEU A 347 0.20 -12.78 37.31
N ALA A 348 0.63 -12.02 38.31
CA ALA A 348 2.05 -11.88 38.59
C ALA A 348 2.67 -13.15 39.18
N SER A 349 1.84 -14.11 39.58
CA SER A 349 2.39 -15.34 40.16
C SER A 349 2.41 -16.50 39.16
N LEU A 350 1.88 -16.28 37.96
CA LEU A 350 1.93 -17.29 36.91
C LEU A 350 3.32 -17.35 36.30
N SER A 351 3.78 -18.57 36.02
CA SER A 351 5.08 -18.77 35.40
C SER A 351 5.13 -18.16 34.00
N THR A 352 4.03 -18.30 33.26
CA THR A 352 3.97 -17.83 31.88
C THR A 352 3.95 -16.29 31.77
N PHE A 353 3.67 -15.62 32.88
CA PHE A 353 3.69 -14.16 32.89
C PHE A 353 5.12 -13.63 32.93
N GLN A 354 6.06 -14.49 33.33
CA GLN A 354 7.43 -14.09 33.59
C GLN A 354 8.14 -13.49 32.37
N GLN A 355 7.81 -13.99 31.18
CA GLN A 355 8.36 -13.41 29.96
C GLN A 355 7.79 -12.01 29.68
N MET A 356 6.59 -11.76 30.20
CA MET A 356 5.84 -10.55 29.87
C MET A 356 6.39 -9.28 30.52
N TRP A 357 7.10 -9.42 31.63
CA TRP A 357 7.67 -8.27 32.34
C TRP A 357 8.57 -7.41 31.47
N ILE A 358 8.51 -6.10 31.68
CA ILE A 358 9.47 -5.17 31.10
C ILE A 358 10.70 -5.08 31.98
N THR A 359 11.85 -5.53 31.48
CA THR A 359 13.07 -5.50 32.26
C THR A 359 13.67 -4.10 32.21
N LYS A 360 14.48 -3.77 33.21
CA LYS A 360 15.12 -2.45 33.30
C LYS A 360 16.03 -2.18 32.11
N GLN A 361 16.65 -3.23 31.60
CA GLN A 361 17.52 -3.13 30.42
C GLN A 361 16.70 -2.74 29.20
N GLU A 362 15.55 -3.37 29.02
CA GLU A 362 14.67 -3.09 27.89
C GLU A 362 14.21 -1.63 27.95
N TYR A 363 13.87 -1.16 29.15
CA TYR A 363 13.47 0.23 29.32
C TYR A 363 14.64 1.13 28.96
N ASP A 364 15.85 0.70 29.32
CA ASP A 364 17.04 1.48 29.01
C ASP A 364 17.18 1.59 27.49
N GLU A 365 16.87 0.51 26.79
CA GLU A 365 16.95 0.47 25.33
C GLU A 365 15.89 1.31 24.59
N ALA A 366 14.64 1.24 25.04
CA ALA A 366 13.53 1.85 24.31
C ALA A 366 12.90 3.12 24.90
N GLY A 367 13.13 3.38 26.18
CA GLY A 367 12.52 4.50 26.87
C GLY A 367 11.07 4.25 27.21
N PRO A 368 10.29 5.33 27.43
CA PRO A 368 8.86 5.21 27.75
C PRO A 368 8.06 4.43 26.70
N SER A 369 8.56 4.40 25.47
CA SER A 369 7.86 3.73 24.36
C SER A 369 7.59 2.25 24.61
N ILE A 370 8.49 1.58 25.33
CA ILE A 370 8.45 0.12 25.47
C ILE A 370 7.19 -0.43 26.13
N VAL A 371 6.57 0.35 27.02
CA VAL A 371 5.42 -0.12 27.78
C VAL A 371 4.26 -0.52 26.87
N HIS A 372 4.09 0.24 25.78
CA HIS A 372 3.01 0.01 24.82
C HIS A 372 3.15 -1.35 24.13
N ARG A 373 4.36 -1.68 23.71
CA ARG A 373 4.64 -2.95 23.04
C ARG A 373 4.55 -4.16 23.97
N LYS A 374 5.17 -4.05 25.14
CA LYS A 374 5.28 -5.17 26.08
C LYS A 374 3.99 -5.53 26.84
N CYS A 375 3.15 -4.54 27.11
CA CYS A 375 1.93 -4.74 27.90
C CYS A 375 0.64 -4.55 27.11
N PHE A 376 -0.22 -5.58 27.12
CA PHE A 376 -1.47 -5.56 26.36
C PHE A 376 -2.50 -6.60 26.83
N THR B 7 -37.94 2.66 4.99
CA THR B 7 -36.68 1.93 5.10
C THR B 7 -36.83 0.50 4.59
N ALA B 8 -35.94 0.12 3.68
CA ALA B 8 -35.96 -1.22 3.09
C ALA B 8 -35.37 -2.29 4.00
N LEU B 9 -35.78 -3.53 3.79
CA LEU B 9 -35.24 -4.66 4.54
C LEU B 9 -34.32 -5.52 3.67
N VAL B 10 -33.37 -6.18 4.32
CA VAL B 10 -32.45 -7.08 3.63
C VAL B 10 -32.45 -8.44 4.33
N CYS B 11 -32.75 -9.49 3.57
CA CYS B 11 -32.83 -10.83 4.10
C CYS B 11 -31.98 -11.81 3.31
N ASP B 12 -30.94 -12.31 3.97
CA ASP B 12 -30.04 -13.30 3.44
C ASP B 12 -30.43 -14.67 4.02
N ASN B 13 -30.98 -15.51 3.15
CA ASN B 13 -31.54 -16.80 3.52
C ASN B 13 -30.50 -17.90 3.47
N GLY B 14 -29.74 -18.04 4.55
CA GLY B 14 -28.70 -19.05 4.57
C GLY B 14 -29.23 -20.44 4.84
N SER B 15 -28.45 -21.44 4.44
CA SER B 15 -28.79 -22.84 4.71
C SER B 15 -28.73 -23.09 6.21
N GLY B 16 -27.86 -22.34 6.88
CA GLY B 16 -27.66 -22.47 8.31
C GLY B 16 -28.17 -21.27 9.09
N LEU B 17 -27.85 -20.08 8.60
CA LEU B 17 -28.19 -18.85 9.31
C LEU B 17 -28.93 -17.84 8.44
N VAL B 18 -30.03 -17.32 8.96
CA VAL B 18 -30.70 -16.19 8.36
C VAL B 18 -30.06 -14.93 8.90
N LYS B 19 -29.65 -14.05 7.99
CA LYS B 19 -29.14 -12.74 8.36
C LYS B 19 -30.14 -11.71 7.89
N ALA B 20 -30.67 -10.91 8.80
CA ALA B 20 -31.72 -9.97 8.44
C ALA B 20 -31.47 -8.59 9.03
N GLY B 21 -31.88 -7.56 8.30
CA GLY B 21 -31.71 -6.22 8.82
C GLY B 21 -32.29 -5.11 7.95
N PHE B 22 -31.82 -3.90 8.20
CA PHE B 22 -32.32 -2.72 7.50
C PHE B 22 -31.30 -2.19 6.50
N ALA B 23 -31.79 -1.75 5.35
CA ALA B 23 -30.93 -1.16 4.33
C ALA B 23 -30.21 0.06 4.88
N GLY B 24 -28.93 0.17 4.52
CA GLY B 24 -28.10 1.27 4.97
C GLY B 24 -27.26 0.95 6.20
N ASP B 25 -27.60 -0.12 6.90
CA ASP B 25 -26.85 -0.50 8.09
C ASP B 25 -25.59 -1.27 7.71
N ASP B 26 -24.54 -1.14 8.52
CA ASP B 26 -23.27 -1.78 8.25
C ASP B 26 -23.30 -3.28 8.53
N ALA B 27 -24.19 -3.69 9.44
CA ALA B 27 -24.28 -5.10 9.82
C ALA B 27 -25.74 -5.50 10.07
N PRO B 28 -26.06 -6.80 9.90
CA PRO B 28 -27.43 -7.29 10.13
C PRO B 28 -27.87 -7.18 11.59
N ARG B 29 -29.10 -6.75 11.82
CA ARG B 29 -29.63 -6.60 13.17
C ARG B 29 -29.81 -7.96 13.84
N ALA B 30 -30.27 -8.95 13.07
CA ALA B 30 -30.52 -10.27 13.61
C ALA B 30 -29.90 -11.38 12.75
N VAL B 31 -29.20 -12.30 13.44
CA VAL B 31 -28.64 -13.47 12.80
C VAL B 31 -29.06 -14.69 13.61
N PHE B 32 -29.75 -15.64 12.99
CA PHE B 32 -30.28 -16.77 13.73
C PHE B 32 -30.33 -18.05 12.90
N PRO B 33 -30.24 -19.22 13.54
CA PRO B 33 -30.22 -20.46 12.74
C PRO B 33 -31.53 -20.67 12.00
N SER B 34 -31.44 -21.19 10.77
CA SER B 34 -32.62 -21.38 9.95
C SER B 34 -33.25 -22.74 10.20
N ILE B 35 -33.87 -22.89 11.35
CA ILE B 35 -34.51 -24.14 11.72
C ILE B 35 -35.96 -23.90 12.12
N VAL B 36 -36.81 -24.89 11.87
CA VAL B 36 -38.20 -24.83 12.28
C VAL B 36 -38.52 -26.02 13.19
N GLY B 37 -39.09 -25.73 14.35
CA GLY B 37 -39.38 -26.74 15.35
C GLY B 37 -40.86 -26.99 15.49
N ARG B 38 -41.26 -28.26 15.49
CA ARG B 38 -42.66 -28.62 15.67
C ARG B 38 -42.80 -29.66 16.78
N PRO B 39 -43.81 -29.48 17.65
CA PRO B 39 -44.10 -30.35 18.80
C PRO B 39 -44.11 -31.83 18.44
N SER B 53 -45.41 -23.85 17.02
CA SER B 53 -44.26 -23.82 16.14
C SER B 53 -43.17 -22.89 16.65
N TYR B 54 -41.92 -23.35 16.57
CA TYR B 54 -40.79 -22.56 17.05
C TYR B 54 -39.77 -22.42 15.93
N VAL B 55 -39.19 -21.23 15.79
CA VAL B 55 -38.23 -20.95 14.74
C VAL B 55 -36.91 -20.44 15.29
N GLY B 56 -35.80 -20.92 14.72
CA GLY B 56 -34.50 -20.38 15.10
C GLY B 56 -34.05 -20.67 16.52
N ASP B 57 -33.67 -19.62 17.21
CA ASP B 57 -33.10 -19.71 18.55
C ASP B 57 -34.09 -20.38 19.52
N GLU B 58 -35.36 -19.98 19.43
CA GLU B 58 -36.39 -20.55 20.29
C GLU B 58 -36.56 -22.04 20.06
N ALA B 59 -36.47 -22.45 18.80
CA ALA B 59 -36.52 -23.87 18.44
C ALA B 59 -35.34 -24.64 19.01
N GLN B 60 -34.16 -24.03 18.98
CA GLN B 60 -32.95 -24.63 19.52
C GLN B 60 -33.07 -24.78 21.04
N SER B 61 -33.66 -23.76 21.68
CA SER B 61 -33.90 -23.80 23.10
C SER B 61 -34.90 -24.91 23.43
N LYS B 62 -35.92 -25.04 22.59
CA LYS B 62 -36.94 -26.06 22.80
C LYS B 62 -36.58 -27.36 22.09
N ARG B 63 -35.35 -27.44 21.58
CA ARG B 63 -34.89 -28.59 20.79
C ARG B 63 -35.09 -29.93 21.49
N GLY B 64 -34.97 -29.94 22.82
CA GLY B 64 -35.16 -31.17 23.56
C GLY B 64 -36.58 -31.69 23.47
N ILE B 65 -37.56 -30.80 23.63
CA ILE B 65 -38.97 -31.19 23.61
C ILE B 65 -39.47 -31.61 22.22
N LEU B 66 -38.96 -30.95 21.18
CA LEU B 66 -39.45 -31.17 19.83
C LEU B 66 -38.35 -31.40 18.78
N THR B 67 -38.67 -32.19 17.75
CA THR B 67 -37.74 -32.46 16.65
C THR B 67 -37.61 -31.24 15.72
N LEU B 68 -36.40 -30.98 15.22
CA LEU B 68 -36.12 -29.78 14.44
C LEU B 68 -35.80 -30.07 12.96
N LYS B 69 -36.40 -29.28 12.07
CA LYS B 69 -36.19 -29.41 10.63
C LYS B 69 -35.64 -28.17 9.91
N TYR B 70 -34.66 -28.42 9.04
CA TYR B 70 -33.98 -27.48 8.15
C TYR B 70 -34.70 -27.21 6.80
N PRO B 71 -35.40 -26.06 6.72
CA PRO B 71 -36.17 -25.69 5.52
C PRO B 71 -35.26 -25.38 4.35
N ILE B 72 -34.07 -24.83 4.60
CA ILE B 72 -33.17 -24.53 3.50
C ILE B 72 -31.99 -25.48 3.59
N GLU B 73 -31.84 -26.30 2.55
CA GLU B 73 -30.76 -27.25 2.46
C GLU B 73 -29.96 -27.00 1.20
N HIS B 74 -28.64 -26.87 1.36
CA HIS B 74 -27.73 -26.60 0.25
C HIS B 74 -28.10 -25.32 -0.52
N GLY B 75 -28.61 -24.33 0.20
CA GLY B 75 -28.86 -23.02 -0.36
C GLY B 75 -30.18 -22.86 -1.11
N ILE B 76 -30.94 -23.94 -1.25
CA ILE B 76 -32.20 -23.88 -1.99
C ILE B 76 -33.40 -24.15 -1.08
N ILE B 77 -34.41 -23.29 -1.18
CA ILE B 77 -35.62 -23.44 -0.38
C ILE B 77 -36.37 -24.70 -0.80
N THR B 78 -36.67 -25.57 0.15
CA THR B 78 -37.35 -26.83 -0.16
C THR B 78 -38.68 -27.01 0.56
N ASN B 79 -38.84 -26.35 1.70
CA ASN B 79 -40.10 -26.39 2.47
C ASN B 79 -40.74 -25.02 2.60
N TRP B 80 -41.80 -24.78 1.84
CA TRP B 80 -42.36 -23.44 1.75
C TRP B 80 -43.13 -23.00 2.99
N ASP B 81 -43.82 -23.92 3.65
CA ASP B 81 -44.54 -23.58 4.87
C ASP B 81 -43.55 -23.13 5.95
N ASP B 82 -42.49 -23.91 6.10
CA ASP B 82 -41.45 -23.61 7.08
C ASP B 82 -40.73 -22.31 6.71
N MET B 83 -40.54 -22.07 5.43
CA MET B 83 -39.90 -20.83 4.98
C MET B 83 -40.78 -19.62 5.31
N GLU B 84 -42.09 -19.78 5.14
CA GLU B 84 -43.04 -18.74 5.49
C GLU B 84 -42.98 -18.50 6.99
N LYS B 85 -42.82 -19.57 7.76
CA LYS B 85 -42.68 -19.46 9.21
C LYS B 85 -41.42 -18.67 9.56
N ILE B 86 -40.32 -18.98 8.90
CA ILE B 86 -39.04 -18.30 9.09
C ILE B 86 -39.14 -16.81 8.76
N TRP B 87 -39.80 -16.50 7.66
CA TRP B 87 -39.96 -15.12 7.23
C TRP B 87 -40.86 -14.36 8.19
N HIS B 88 -41.90 -15.03 8.67
CA HIS B 88 -42.81 -14.44 9.65
C HIS B 88 -42.04 -14.11 10.92
N HIS B 89 -41.24 -15.05 11.40
CA HIS B 89 -40.43 -14.84 12.60
C HIS B 89 -39.45 -13.70 12.38
N THR B 90 -38.88 -13.65 11.18
CA THR B 90 -37.97 -12.58 10.78
C THR B 90 -38.60 -11.20 10.87
N PHE B 91 -39.76 -11.04 10.24
CA PHE B 91 -40.45 -9.76 10.21
C PHE B 91 -40.95 -9.35 11.59
N TYR B 92 -41.73 -10.23 12.21
CA TYR B 92 -42.45 -9.90 13.43
C TYR B 92 -41.62 -10.03 14.71
N ASN B 93 -40.95 -11.16 14.88
CA ASN B 93 -40.21 -11.43 16.12
C ASN B 93 -38.82 -10.79 16.15
N GLU B 94 -38.07 -10.92 15.06
CA GLU B 94 -36.68 -10.47 15.03
C GLU B 94 -36.51 -8.98 14.72
N LEU B 95 -37.14 -8.52 13.64
CA LEU B 95 -36.97 -7.12 13.22
C LEU B 95 -38.06 -6.22 13.79
N ARG B 96 -39.16 -6.81 14.22
CA ARG B 96 -40.31 -6.09 14.77
C ARG B 96 -40.87 -5.03 13.81
N VAL B 97 -41.19 -5.43 12.59
CA VAL B 97 -41.74 -4.50 11.59
C VAL B 97 -42.98 -5.06 10.91
N ALA B 98 -43.73 -4.19 10.24
CA ALA B 98 -44.85 -4.61 9.42
C ALA B 98 -44.40 -4.69 7.96
N PRO B 99 -44.45 -5.90 7.38
CA PRO B 99 -43.93 -6.18 6.03
C PRO B 99 -44.57 -5.35 4.92
N GLU B 100 -45.82 -4.94 5.08
CA GLU B 100 -46.48 -4.10 4.08
C GLU B 100 -45.93 -2.68 4.01
N GLU B 101 -45.08 -2.32 4.97
CA GLU B 101 -44.52 -0.97 5.05
C GLU B 101 -43.09 -0.86 4.54
N HIS B 102 -42.53 -1.95 4.02
CA HIS B 102 -41.12 -1.97 3.64
C HIS B 102 -40.86 -2.75 2.37
N PRO B 103 -40.14 -2.14 1.41
CA PRO B 103 -39.54 -2.88 0.30
C PRO B 103 -38.60 -3.94 0.84
N THR B 104 -38.55 -5.11 0.22
CA THR B 104 -37.76 -6.20 0.76
C THR B 104 -36.82 -6.83 -0.27
N LEU B 105 -35.52 -6.80 0.03
CA LEU B 105 -34.55 -7.47 -0.82
C LEU B 105 -34.23 -8.83 -0.21
N LEU B 106 -34.51 -9.89 -0.97
CA LEU B 106 -34.18 -11.24 -0.56
C LEU B 106 -32.98 -11.71 -1.34
N THR B 107 -32.22 -12.63 -0.75
CA THR B 107 -31.13 -13.25 -1.48
C THR B 107 -31.53 -14.65 -1.97
N GLU B 108 -30.82 -15.12 -2.98
CA GLU B 108 -31.02 -16.47 -3.50
C GLU B 108 -29.70 -17.12 -3.85
N ALA B 109 -29.70 -18.45 -3.94
CA ALA B 109 -28.49 -19.18 -4.31
C ALA B 109 -28.25 -19.05 -5.81
N PRO B 110 -26.98 -19.19 -6.23
CA PRO B 110 -26.65 -19.31 -7.66
C PRO B 110 -27.38 -20.51 -8.29
N LEU B 111 -27.84 -20.35 -9.52
CA LEU B 111 -28.53 -21.42 -10.26
C LEU B 111 -29.87 -21.81 -9.62
N ASN B 112 -30.43 -20.92 -8.81
CA ASN B 112 -31.76 -21.11 -8.26
C ASN B 112 -32.78 -21.29 -9.39
N PRO B 113 -33.55 -22.38 -9.34
CA PRO B 113 -34.56 -22.70 -10.36
C PRO B 113 -35.58 -21.59 -10.53
N LYS B 114 -36.09 -21.44 -11.75
CA LYS B 114 -37.06 -20.41 -12.08
C LYS B 114 -38.32 -20.47 -11.23
N ALA B 115 -38.86 -21.68 -11.08
CA ALA B 115 -40.07 -21.89 -10.30
C ALA B 115 -39.87 -21.49 -8.84
N ASN B 116 -38.66 -21.73 -8.35
CA ASN B 116 -38.33 -21.45 -6.96
C ASN B 116 -38.37 -19.95 -6.64
N ARG B 117 -37.70 -19.16 -7.48
CA ARG B 117 -37.70 -17.71 -7.31
C ARG B 117 -39.08 -17.12 -7.59
N GLU B 118 -39.80 -17.75 -8.52
CA GLU B 118 -41.17 -17.36 -8.81
C GLU B 118 -42.06 -17.52 -7.57
N LYS B 119 -41.89 -18.65 -6.89
CA LYS B 119 -42.63 -18.92 -5.66
C LYS B 119 -42.24 -17.94 -4.55
N MET B 120 -40.96 -17.62 -4.47
CA MET B 120 -40.49 -16.61 -3.52
C MET B 120 -41.24 -15.30 -3.74
N THR B 121 -41.29 -14.86 -4.99
CA THR B 121 -41.95 -13.61 -5.34
C THR B 121 -43.43 -13.64 -4.99
N GLN B 122 -44.09 -14.72 -5.38
CA GLN B 122 -45.52 -14.90 -5.15
C GLN B 122 -45.84 -14.82 -3.65
N ILE B 123 -45.05 -15.52 -2.85
CA ILE B 123 -45.28 -15.54 -1.41
C ILE B 123 -45.02 -14.17 -0.80
N MET B 124 -43.96 -13.50 -1.24
CA MET B 124 -43.67 -12.15 -0.74
C MET B 124 -44.82 -11.19 -0.99
N PHE B 125 -45.36 -11.19 -2.21
CA PHE B 125 -46.45 -10.26 -2.51
C PHE B 125 -47.82 -10.64 -1.94
N GLU B 126 -48.21 -11.91 -2.07
CA GLU B 126 -49.55 -12.33 -1.64
C GLU B 126 -49.69 -12.55 -0.13
N THR B 127 -48.73 -13.24 0.47
CA THR B 127 -48.79 -13.58 1.89
C THR B 127 -48.38 -12.43 2.81
N PHE B 128 -47.31 -11.73 2.46
CA PHE B 128 -46.77 -10.71 3.36
C PHE B 128 -47.11 -9.29 2.90
N ASN B 129 -47.71 -9.19 1.71
CA ASN B 129 -48.21 -7.92 1.19
C ASN B 129 -47.19 -6.79 1.15
N VAL B 130 -45.95 -7.11 0.80
CA VAL B 130 -44.91 -6.10 0.68
C VAL B 130 -45.22 -5.13 -0.47
N PRO B 131 -44.84 -3.85 -0.30
CA PRO B 131 -45.08 -2.86 -1.36
C PRO B 131 -44.13 -3.06 -2.53
N ALA B 132 -43.00 -3.71 -2.26
CA ALA B 132 -41.98 -3.94 -3.27
C ALA B 132 -41.01 -5.01 -2.80
N MET B 133 -40.38 -5.69 -3.74
CA MET B 133 -39.34 -6.65 -3.41
C MET B 133 -38.38 -6.91 -4.57
N TYR B 134 -37.25 -7.54 -4.25
CA TYR B 134 -36.23 -7.86 -5.24
C TYR B 134 -35.53 -9.13 -4.82
N VAL B 135 -35.05 -9.90 -5.78
CA VAL B 135 -34.29 -11.11 -5.47
C VAL B 135 -32.90 -11.01 -6.10
N ALA B 136 -31.87 -11.04 -5.26
CA ALA B 136 -30.50 -10.92 -5.75
C ALA B 136 -29.69 -12.19 -5.47
N ILE B 137 -28.80 -12.53 -6.38
CA ILE B 137 -27.89 -13.66 -6.18
C ILE B 137 -26.90 -13.33 -5.06
N GLN B 138 -26.73 -14.26 -4.13
CA GLN B 138 -25.85 -14.06 -2.97
C GLN B 138 -24.43 -13.67 -3.38
N ALA B 139 -23.85 -14.43 -4.30
CA ALA B 139 -22.48 -14.19 -4.75
C ALA B 139 -22.34 -12.82 -5.40
N VAL B 140 -23.37 -12.41 -6.12
CA VAL B 140 -23.37 -11.10 -6.77
C VAL B 140 -23.37 -9.99 -5.73
N LEU B 141 -24.20 -10.13 -4.70
CA LEU B 141 -24.21 -9.18 -3.59
C LEU B 141 -22.86 -9.14 -2.88
N SER B 142 -22.23 -10.31 -2.74
CA SER B 142 -20.90 -10.40 -2.16
C SER B 142 -19.91 -9.58 -2.99
N LEU B 143 -20.06 -9.66 -4.30
CA LEU B 143 -19.20 -8.89 -5.20
C LEU B 143 -19.46 -7.40 -5.03
N TYR B 144 -20.74 -7.02 -4.97
CA TYR B 144 -21.13 -5.62 -4.82
C TYR B 144 -20.64 -5.01 -3.51
N ALA B 145 -20.58 -5.81 -2.45
CA ALA B 145 -20.19 -5.30 -1.14
C ALA B 145 -18.76 -4.75 -1.16
N SER B 146 -17.94 -5.28 -2.07
CA SER B 146 -16.57 -4.81 -2.21
C SER B 146 -16.46 -3.72 -3.27
N GLY B 147 -17.61 -3.29 -3.79
CA GLY B 147 -17.65 -2.24 -4.80
C GLY B 147 -17.31 -2.66 -6.20
N ARG B 148 -17.45 -3.95 -6.50
CA ARG B 148 -17.13 -4.49 -7.81
C ARG B 148 -18.38 -4.99 -8.51
N THR B 149 -18.34 -5.04 -9.85
CA THR B 149 -19.39 -5.69 -10.61
C THR B 149 -18.84 -6.81 -11.49
N THR B 150 -17.52 -6.95 -11.51
CA THR B 150 -16.86 -8.02 -12.26
C THR B 150 -15.80 -8.70 -11.39
N GLY B 151 -15.85 -10.02 -11.33
CA GLY B 151 -14.86 -10.78 -10.58
C GLY B 151 -15.38 -12.18 -10.32
N ILE B 152 -14.62 -13.01 -9.62
CA ILE B 152 -15.09 -14.34 -9.28
C ILE B 152 -15.24 -14.53 -7.77
N VAL B 153 -16.43 -14.96 -7.37
CA VAL B 153 -16.75 -15.10 -5.96
C VAL B 153 -16.69 -16.55 -5.51
N LEU B 154 -16.05 -16.78 -4.37
CA LEU B 154 -16.13 -18.07 -3.70
C LEU B 154 -17.03 -17.88 -2.49
N ASP B 155 -18.26 -18.40 -2.58
CA ASP B 155 -19.21 -18.21 -1.49
C ASP B 155 -19.38 -19.54 -0.78
N SER B 156 -18.81 -19.66 0.41
CA SER B 156 -18.88 -20.91 1.15
C SER B 156 -19.58 -20.68 2.48
N GLY B 157 -20.76 -21.28 2.63
CA GLY B 157 -21.57 -21.06 3.82
C GLY B 157 -21.69 -22.28 4.72
N ASP B 158 -22.90 -22.53 5.19
CA ASP B 158 -23.17 -23.63 6.09
C ASP B 158 -23.49 -24.91 5.32
N GLY B 159 -24.23 -24.76 4.23
CA GLY B 159 -24.74 -25.91 3.51
C GLY B 159 -24.18 -26.14 2.11
N VAL B 160 -23.65 -25.10 1.49
CA VAL B 160 -23.19 -25.21 0.11
C VAL B 160 -22.06 -24.24 -0.21
N THR B 161 -21.21 -24.62 -1.16
CA THR B 161 -20.11 -23.78 -1.61
C THR B 161 -20.25 -23.53 -3.12
N HIS B 162 -20.04 -22.28 -3.55
CA HIS B 162 -20.12 -21.95 -4.96
C HIS B 162 -18.90 -21.18 -5.46
N ASN B 163 -18.50 -21.45 -6.70
CA ASN B 163 -17.68 -20.51 -7.45
C ASN B 163 -18.56 -19.84 -8.49
N VAL B 164 -18.64 -18.52 -8.43
CA VAL B 164 -19.50 -17.78 -9.33
C VAL B 164 -18.73 -16.65 -9.99
N PRO B 165 -18.39 -16.84 -11.28
CA PRO B 165 -17.78 -15.76 -12.07
C PRO B 165 -18.84 -14.79 -12.56
N ILE B 166 -18.55 -13.50 -12.45
CA ILE B 166 -19.54 -12.47 -12.74
C ILE B 166 -18.93 -11.36 -13.59
N TYR B 167 -19.62 -11.00 -14.67
CA TYR B 167 -19.19 -9.92 -15.54
C TYR B 167 -20.29 -8.89 -15.64
N GLU B 168 -19.98 -7.65 -15.25
CA GLU B 168 -20.93 -6.55 -15.29
C GLU B 168 -22.24 -6.88 -14.56
N GLY B 169 -22.12 -7.53 -13.41
CA GLY B 169 -23.27 -7.85 -12.60
C GLY B 169 -23.99 -9.12 -13.02
N TYR B 170 -23.57 -9.69 -14.15
CA TYR B 170 -24.18 -10.91 -14.66
C TYR B 170 -23.39 -12.14 -14.24
N ALA B 171 -24.05 -13.04 -13.51
CA ALA B 171 -23.46 -14.33 -13.21
C ALA B 171 -23.41 -15.13 -14.49
N LEU B 172 -22.32 -15.86 -14.70
CA LEU B 172 -22.13 -16.64 -15.92
C LEU B 172 -22.46 -18.10 -15.63
N PRO B 173 -23.71 -18.50 -15.92
CA PRO B 173 -24.27 -19.77 -15.46
C PRO B 173 -23.46 -20.99 -15.91
N HIS B 174 -22.93 -20.93 -17.12
CA HIS B 174 -22.18 -22.05 -17.69
C HIS B 174 -20.88 -22.34 -16.96
N ALA B 175 -20.38 -21.37 -16.21
CA ALA B 175 -19.08 -21.51 -15.56
C ALA B 175 -19.20 -21.63 -14.05
N ILE B 176 -20.44 -21.65 -13.56
CA ILE B 176 -20.70 -21.77 -12.13
C ILE B 176 -20.39 -23.19 -11.64
N MET B 177 -19.70 -23.29 -10.51
CA MET B 177 -19.41 -24.58 -9.90
C MET B 177 -20.18 -24.69 -8.59
N ARG B 178 -20.83 -25.83 -8.39
CA ARG B 178 -21.52 -26.07 -7.13
C ARG B 178 -20.86 -27.23 -6.41
N LEU B 179 -20.59 -27.03 -5.13
CA LEU B 179 -19.98 -28.06 -4.31
C LEU B 179 -20.78 -28.23 -3.02
N ASP B 180 -21.32 -29.43 -2.80
CA ASP B 180 -22.08 -29.70 -1.58
C ASP B 180 -21.15 -30.05 -0.43
N LEU B 181 -20.13 -29.21 -0.24
CA LEU B 181 -19.22 -29.31 0.89
C LEU B 181 -19.07 -27.93 1.52
N ALA B 182 -19.44 -27.83 2.80
CA ALA B 182 -19.43 -26.54 3.48
C ALA B 182 -19.10 -26.66 4.97
N GLY B 183 -19.47 -25.63 5.72
CA GLY B 183 -19.16 -25.50 7.13
C GLY B 183 -19.67 -26.64 7.99
N ARG B 184 -20.90 -27.06 7.71
CA ARG B 184 -21.55 -28.11 8.50
C ARG B 184 -20.76 -29.40 8.36
N ASP B 185 -20.34 -29.68 7.12
CA ASP B 185 -19.54 -30.85 6.81
C ASP B 185 -18.18 -30.81 7.51
N LEU B 186 -17.60 -29.61 7.60
CA LEU B 186 -16.33 -29.43 8.29
C LEU B 186 -16.47 -29.67 9.78
N THR B 187 -17.60 -29.24 10.34
CA THR B 187 -17.92 -29.49 11.73
C THR B 187 -18.03 -30.98 12.00
N ASP B 188 -18.75 -31.67 11.12
CA ASP B 188 -18.92 -33.11 11.22
C ASP B 188 -17.57 -33.84 11.17
N TYR B 189 -16.71 -33.42 10.25
CA TYR B 189 -15.40 -34.03 10.11
C TYR B 189 -14.57 -33.80 11.37
N LEU B 190 -14.69 -32.60 11.94
CA LEU B 190 -13.98 -32.29 13.17
C LEU B 190 -14.44 -33.17 14.32
N MET B 191 -15.75 -33.42 14.38
CA MET B 191 -16.30 -34.35 15.36
C MET B 191 -15.68 -35.74 15.18
N LYS B 192 -15.60 -36.18 13.93
CA LYS B 192 -15.01 -37.50 13.65
C LYS B 192 -13.54 -37.61 14.07
N ILE B 193 -12.73 -36.63 13.71
CA ILE B 193 -11.30 -36.70 14.03
C ILE B 193 -10.98 -36.46 15.50
N LEU B 194 -11.79 -35.63 16.16
CA LEU B 194 -11.64 -35.45 17.60
C LEU B 194 -12.02 -36.74 18.30
N THR B 195 -13.03 -37.43 17.77
CA THR B 195 -13.40 -38.73 18.30
C THR B 195 -12.28 -39.75 18.11
N GLU B 196 -11.64 -39.73 16.94
CA GLU B 196 -10.49 -40.59 16.70
C GLU B 196 -9.35 -40.30 17.68
N ARG B 197 -9.20 -39.04 18.08
CA ARG B 197 -8.21 -38.68 19.09
C ARG B 197 -8.63 -39.24 20.46
N GLY B 198 -9.91 -39.60 20.59
CA GLY B 198 -10.43 -40.12 21.84
C GLY B 198 -11.40 -39.29 22.67
N TYR B 199 -11.75 -38.08 22.20
CA TYR B 199 -12.79 -37.30 22.86
C TYR B 199 -14.12 -37.62 22.17
N SER B 200 -15.16 -37.94 22.93
CA SER B 200 -16.44 -38.34 22.33
C SER B 200 -17.43 -37.19 22.16
N PHE B 201 -17.80 -36.94 20.90
CA PHE B 201 -18.78 -35.91 20.54
C PHE B 201 -19.98 -36.36 19.69
N VAL B 202 -20.86 -37.22 20.19
CA VAL B 202 -21.97 -37.67 19.33
C VAL B 202 -23.28 -36.83 19.36
N THR B 203 -23.63 -36.25 20.51
CA THR B 203 -24.90 -35.51 20.67
C THR B 203 -24.90 -34.11 20.03
N THR B 204 -26.09 -33.59 19.73
CA THR B 204 -26.26 -32.25 19.15
C THR B 204 -25.63 -31.12 19.98
N ALA B 205 -25.79 -31.16 21.29
CA ALA B 205 -25.16 -30.14 22.15
C ALA B 205 -23.64 -30.23 22.02
N GLU B 206 -23.13 -31.46 22.02
CA GLU B 206 -21.72 -31.71 21.81
C GLU B 206 -21.33 -31.22 20.41
N ARG B 207 -22.23 -31.38 19.45
CA ARG B 207 -21.99 -30.87 18.10
C ARG B 207 -21.80 -29.36 18.08
N GLU B 208 -22.63 -28.67 18.84
CA GLU B 208 -22.53 -27.21 18.94
C GLU B 208 -21.18 -26.85 19.55
N ILE B 209 -20.79 -27.62 20.56
CA ILE B 209 -19.49 -27.39 21.18
C ILE B 209 -18.35 -27.56 20.17
N VAL B 210 -18.43 -28.61 19.36
CA VAL B 210 -17.42 -28.86 18.33
C VAL B 210 -17.39 -27.74 17.29
N ARG B 211 -18.57 -27.23 16.93
CA ARG B 211 -18.66 -26.13 15.98
C ARG B 211 -17.94 -24.92 16.54
N ASP B 212 -18.17 -24.64 17.82
CA ASP B 212 -17.48 -23.52 18.47
C ASP B 212 -15.97 -23.72 18.49
N ILE B 213 -15.54 -24.96 18.75
CA ILE B 213 -14.12 -25.30 18.71
C ILE B 213 -13.55 -25.01 17.33
N LYS B 214 -14.31 -25.36 16.30
CA LYS B 214 -13.90 -25.15 14.92
C LYS B 214 -13.74 -23.68 14.60
N GLU B 215 -14.73 -22.89 15.00
CA GLU B 215 -14.71 -21.46 14.75
C GLU B 215 -13.58 -20.75 15.49
N LYS B 216 -13.30 -21.18 16.71
CA LYS B 216 -12.26 -20.52 17.52
C LYS B 216 -10.82 -20.98 17.27
N LEU B 217 -10.63 -22.25 16.96
CA LEU B 217 -9.28 -22.84 16.95
C LEU B 217 -8.76 -23.33 15.59
N CYS B 218 -9.63 -23.51 14.61
CA CYS B 218 -9.18 -24.04 13.32
C CYS B 218 -8.54 -22.98 12.41
N TYR B 219 -7.66 -23.45 11.52
CA TYR B 219 -7.00 -22.59 10.54
C TYR B 219 -6.55 -23.42 9.35
N VAL B 220 -6.26 -22.76 8.23
CA VAL B 220 -5.82 -23.47 7.03
C VAL B 220 -4.29 -23.39 6.88
N ALA B 221 -3.65 -24.55 6.84
CA ALA B 221 -2.19 -24.62 6.72
C ALA B 221 -1.75 -24.17 5.33
N LEU B 222 -0.66 -23.42 5.27
CA LEU B 222 -0.12 -22.97 3.99
C LEU B 222 0.52 -24.12 3.22
N ASP B 223 1.23 -24.97 3.95
CA ASP B 223 1.81 -26.18 3.38
C ASP B 223 1.40 -27.32 4.30
N PHE B 224 0.46 -28.14 3.83
CA PHE B 224 -0.16 -29.16 4.67
C PHE B 224 0.80 -30.22 5.21
N GLU B 225 1.70 -30.70 4.36
CA GLU B 225 2.64 -31.73 4.79
C GLU B 225 3.61 -31.21 5.85
N ASN B 226 4.11 -30.00 5.64
CA ASN B 226 5.02 -29.38 6.58
C ASN B 226 4.32 -29.15 7.91
N GLU B 227 3.05 -28.76 7.86
CA GLU B 227 2.27 -28.54 9.07
C GLU B 227 1.96 -29.84 9.83
N MET B 228 1.69 -30.92 9.10
CA MET B 228 1.51 -32.23 9.72
C MET B 228 2.80 -32.68 10.42
N ALA B 229 3.91 -32.43 9.74
CA ALA B 229 5.22 -32.79 10.27
C ALA B 229 5.52 -31.97 11.51
N THR B 230 5.20 -30.69 11.47
CA THR B 230 5.34 -29.80 12.61
C THR B 230 4.49 -30.23 13.80
N ALA B 231 3.25 -30.63 13.52
CA ALA B 231 2.34 -31.06 14.58
C ALA B 231 2.82 -32.36 15.22
N ALA B 232 3.46 -33.22 14.43
CA ALA B 232 3.99 -34.47 14.95
C ALA B 232 5.33 -34.29 15.66
N SER B 233 6.05 -33.24 15.27
CA SER B 233 7.39 -32.98 15.79
C SER B 233 7.37 -32.26 17.13
N SER B 234 6.34 -31.44 17.36
CA SER B 234 6.31 -30.61 18.55
C SER B 234 4.90 -30.19 18.95
N SER B 235 4.80 -29.59 20.14
CA SER B 235 3.55 -29.09 20.67
C SER B 235 3.22 -27.65 20.31
N SER B 236 3.94 -27.09 19.34
CA SER B 236 3.76 -25.68 19.02
C SER B 236 2.36 -25.37 18.49
N LEU B 237 1.79 -26.33 17.77
CA LEU B 237 0.44 -26.16 17.22
C LEU B 237 -0.70 -26.51 18.18
N GLU B 238 -0.40 -27.32 19.21
CA GLU B 238 -1.42 -27.71 20.19
C GLU B 238 -2.09 -26.52 20.85
N LYS B 239 -3.40 -26.64 21.06
CA LYS B 239 -4.19 -25.63 21.73
C LYS B 239 -5.06 -26.31 22.76
N SER B 240 -5.60 -25.54 23.71
CA SER B 240 -6.43 -26.12 24.75
C SER B 240 -7.83 -25.52 24.76
N TYR B 241 -8.84 -26.38 24.86
CA TYR B 241 -10.22 -25.93 24.92
C TYR B 241 -10.85 -26.41 26.22
N GLU B 242 -11.48 -25.50 26.95
CA GLU B 242 -12.12 -25.88 28.20
C GLU B 242 -13.61 -26.14 27.97
N LEU B 243 -14.02 -27.38 28.17
CA LEU B 243 -15.41 -27.77 27.99
C LEU B 243 -16.27 -27.15 29.08
N PRO B 244 -17.60 -27.10 28.86
CA PRO B 244 -18.52 -26.55 29.86
C PRO B 244 -18.42 -27.32 31.19
N ASP B 245 -18.17 -28.62 31.12
CA ASP B 245 -17.98 -29.42 32.34
C ASP B 245 -16.66 -29.13 33.06
N GLY B 246 -15.88 -28.20 32.51
CA GLY B 246 -14.59 -27.86 33.09
C GLY B 246 -13.50 -28.83 32.71
N GLN B 247 -13.85 -29.89 31.99
CA GLN B 247 -12.87 -30.79 31.42
C GLN B 247 -12.04 -29.99 30.43
N VAL B 248 -10.75 -30.31 30.34
CA VAL B 248 -9.88 -29.61 29.42
C VAL B 248 -9.36 -30.56 28.36
N ILE B 249 -9.47 -30.16 27.10
CA ILE B 249 -9.05 -31.01 26.01
C ILE B 249 -7.96 -30.33 25.20
N THR B 250 -7.14 -31.15 24.54
CA THR B 250 -6.05 -30.64 23.73
C THR B 250 -6.27 -30.97 22.27
N ILE B 251 -6.16 -29.97 21.41
CA ILE B 251 -6.35 -30.18 19.98
C ILE B 251 -5.05 -29.85 19.25
N GLY B 252 -4.63 -30.74 18.36
CA GLY B 252 -3.37 -30.58 17.66
C GLY B 252 -3.52 -30.28 16.19
N ASN B 253 -3.32 -31.30 15.36
CA ASN B 253 -3.40 -31.14 13.93
C ASN B 253 -4.83 -31.01 13.41
N GLU B 254 -5.80 -31.38 14.25
CA GLU B 254 -7.21 -31.26 13.92
C GLU B 254 -7.55 -29.81 13.56
N ARG B 255 -6.77 -28.88 14.11
CA ARG B 255 -6.93 -27.46 13.83
C ARG B 255 -6.85 -27.17 12.33
N PHE B 256 -5.92 -27.82 11.64
CA PHE B 256 -5.77 -27.59 10.20
C PHE B 256 -6.20 -28.76 9.32
N ARG B 257 -6.35 -29.93 9.91
CA ARG B 257 -6.85 -31.07 9.15
C ARG B 257 -8.32 -30.87 8.79
N CYS B 258 -9.07 -30.24 9.70
CA CYS B 258 -10.49 -29.97 9.48
C CYS B 258 -10.79 -29.13 8.23
N PRO B 259 -10.21 -27.91 8.12
CA PRO B 259 -10.54 -27.11 6.93
C PRO B 259 -9.75 -27.56 5.70
N GLU B 260 -8.76 -28.42 5.88
CA GLU B 260 -8.02 -28.98 4.75
C GLU B 260 -8.94 -29.71 3.78
N THR B 261 -10.06 -30.18 4.30
CA THR B 261 -11.08 -30.88 3.52
C THR B 261 -11.57 -30.03 2.33
N LEU B 262 -11.57 -28.72 2.48
CA LEU B 262 -11.99 -27.83 1.40
C LEU B 262 -11.08 -27.97 0.17
N PHE B 263 -9.80 -28.23 0.41
CA PHE B 263 -8.84 -28.38 -0.68
C PHE B 263 -8.69 -29.85 -1.04
N GLN B 264 -8.99 -30.72 -0.09
CA GLN B 264 -8.93 -32.16 -0.30
C GLN B 264 -10.22 -32.82 0.20
N PRO B 265 -11.30 -32.72 -0.60
CA PRO B 265 -12.61 -33.26 -0.21
C PRO B 265 -12.58 -34.77 0.02
N SER B 266 -11.55 -35.44 -0.49
CA SER B 266 -11.37 -36.87 -0.29
C SER B 266 -11.28 -37.24 1.20
N PHE B 267 -11.00 -36.25 2.04
CA PHE B 267 -10.96 -36.46 3.48
C PHE B 267 -12.32 -36.93 4.02
N ILE B 268 -13.40 -36.54 3.35
CA ILE B 268 -14.74 -36.99 3.76
C ILE B 268 -15.40 -37.90 2.74
N GLY B 269 -14.59 -38.49 1.86
CA GLY B 269 -15.07 -39.47 0.90
C GLY B 269 -15.67 -38.93 -0.38
N MET B 270 -15.47 -37.63 -0.64
CA MET B 270 -15.94 -37.03 -1.87
C MET B 270 -14.91 -37.13 -2.99
N GLU B 271 -15.38 -37.33 -4.22
CA GLU B 271 -14.51 -37.44 -5.37
C GLU B 271 -14.28 -36.07 -5.99
N SER B 272 -15.02 -35.08 -5.51
CA SER B 272 -14.95 -33.73 -6.04
C SER B 272 -13.57 -33.09 -5.87
N ALA B 273 -13.25 -32.17 -6.78
CA ALA B 273 -12.05 -31.35 -6.67
C ALA B 273 -12.16 -30.36 -5.52
N GLY B 274 -11.01 -29.85 -5.07
CA GLY B 274 -10.98 -28.87 -4.00
C GLY B 274 -11.37 -27.49 -4.50
N ILE B 275 -11.53 -26.55 -3.58
CA ILE B 275 -12.04 -25.22 -3.93
C ILE B 275 -11.13 -24.41 -4.85
N HIS B 276 -9.82 -24.67 -4.78
CA HIS B 276 -8.87 -24.00 -5.66
C HIS B 276 -9.00 -24.53 -7.09
N GLU B 277 -9.19 -25.83 -7.21
CA GLU B 277 -9.33 -26.46 -8.51
C GLU B 277 -10.64 -26.06 -9.15
N THR B 278 -11.69 -25.94 -8.34
CA THR B 278 -12.98 -25.49 -8.84
C THR B 278 -12.96 -24.01 -9.20
N THR B 279 -12.19 -23.21 -8.46
CA THR B 279 -12.01 -21.82 -8.84
C THR B 279 -11.33 -21.72 -10.20
N TYR B 280 -10.22 -22.46 -10.36
CA TYR B 280 -9.49 -22.49 -11.61
C TYR B 280 -10.35 -22.98 -12.79
N ASN B 281 -11.08 -24.07 -12.58
CA ASN B 281 -11.95 -24.63 -13.61
C ASN B 281 -13.07 -23.66 -14.00
N SER B 282 -13.63 -23.00 -13.00
CA SER B 282 -14.68 -22.00 -13.23
C SER B 282 -14.11 -20.87 -14.07
N ILE B 283 -12.92 -20.41 -13.72
CA ILE B 283 -12.24 -19.39 -14.49
C ILE B 283 -11.99 -19.83 -15.93
N MET B 284 -11.59 -21.09 -16.10
CA MET B 284 -11.28 -21.63 -17.43
C MET B 284 -12.52 -21.79 -18.29
N LYS B 285 -13.67 -22.01 -17.66
CA LYS B 285 -14.92 -22.16 -18.41
C LYS B 285 -15.43 -20.83 -18.98
N CYS B 286 -14.86 -19.72 -18.53
CA CYS B 286 -15.25 -18.40 -19.02
C CYS B 286 -14.43 -18.02 -20.24
N ASP B 287 -14.92 -17.05 -21.01
CA ASP B 287 -14.19 -16.58 -22.18
C ASP B 287 -12.82 -16.07 -21.79
N ILE B 288 -11.83 -16.33 -22.63
CA ILE B 288 -10.44 -16.04 -22.30
C ILE B 288 -10.17 -14.55 -22.06
N ASP B 289 -10.87 -13.68 -22.78
CA ASP B 289 -10.65 -12.23 -22.68
C ASP B 289 -10.98 -11.63 -21.31
N ILE B 290 -11.96 -12.20 -20.60
CA ILE B 290 -12.38 -11.67 -19.30
C ILE B 290 -11.62 -12.36 -18.17
N ARG B 291 -10.89 -13.40 -18.54
CA ARG B 291 -10.20 -14.28 -17.60
C ARG B 291 -9.21 -13.52 -16.71
N LYS B 292 -8.47 -12.60 -17.30
CA LYS B 292 -7.53 -11.76 -16.56
C LYS B 292 -8.28 -10.98 -15.49
N ASP B 293 -9.43 -10.43 -15.86
CA ASP B 293 -10.28 -9.69 -14.94
C ASP B 293 -10.80 -10.58 -13.81
N LEU B 294 -11.03 -11.85 -14.12
CA LEU B 294 -11.47 -12.79 -13.10
C LEU B 294 -10.36 -13.14 -12.10
N TYR B 295 -9.15 -13.36 -12.60
CA TYR B 295 -8.03 -13.73 -11.75
C TYR B 295 -7.67 -12.61 -10.76
N ALA B 296 -7.80 -11.38 -11.21
CA ALA B 296 -7.42 -10.21 -10.41
C ALA B 296 -8.50 -9.82 -9.40
N ASN B 297 -9.63 -10.51 -9.43
CA ASN B 297 -10.73 -10.17 -8.54
C ASN B 297 -11.41 -11.40 -7.94
N ASN B 298 -10.70 -12.11 -7.06
CA ASN B 298 -11.26 -13.20 -6.29
C ASN B 298 -11.80 -12.71 -4.97
N VAL B 299 -13.13 -12.73 -4.83
CA VAL B 299 -13.75 -12.30 -3.58
C VAL B 299 -14.23 -13.51 -2.80
N MET B 300 -13.82 -13.61 -1.53
CA MET B 300 -14.27 -14.72 -0.70
C MET B 300 -15.36 -14.24 0.25
N SER B 301 -16.44 -15.01 0.34
CA SER B 301 -17.55 -14.65 1.20
C SER B 301 -18.17 -15.88 1.85
N GLY B 302 -18.80 -15.68 3.00
CA GLY B 302 -19.44 -16.76 3.72
C GLY B 302 -18.64 -17.13 4.96
N GLY B 303 -19.29 -17.77 5.92
CA GLY B 303 -18.66 -18.09 7.18
C GLY B 303 -17.49 -19.06 7.06
N THR B 304 -17.56 -19.96 6.08
CA THR B 304 -16.58 -21.03 5.95
C THR B 304 -15.28 -20.50 5.32
N THR B 305 -15.28 -19.23 4.94
CA THR B 305 -14.06 -18.59 4.46
C THR B 305 -13.35 -17.82 5.57
N MET B 306 -13.85 -17.94 6.79
CA MET B 306 -13.32 -17.17 7.91
C MET B 306 -12.05 -17.75 8.52
N TYR B 307 -11.68 -18.97 8.14
CA TYR B 307 -10.48 -19.60 8.66
C TYR B 307 -9.25 -18.78 8.34
N PRO B 308 -8.45 -18.46 9.37
CA PRO B 308 -7.18 -17.76 9.17
C PRO B 308 -6.27 -18.56 8.22
N GLY B 309 -5.62 -17.88 7.29
CA GLY B 309 -4.71 -18.53 6.38
C GLY B 309 -5.29 -19.03 5.07
N ILE B 310 -6.62 -18.97 4.93
CA ILE B 310 -7.27 -19.51 3.75
C ILE B 310 -6.96 -18.68 2.49
N ALA B 311 -6.83 -17.36 2.67
CA ALA B 311 -6.55 -16.46 1.55
C ALA B 311 -5.17 -16.70 0.98
N ASP B 312 -4.19 -16.89 1.87
CA ASP B 312 -2.82 -17.14 1.46
C ASP B 312 -2.69 -18.48 0.75
N ARG B 313 -3.38 -19.50 1.26
CA ARG B 313 -3.37 -20.81 0.66
C ARG B 313 -4.00 -20.74 -0.72
N MET B 314 -5.12 -20.02 -0.83
CA MET B 314 -5.78 -19.87 -2.12
C MET B 314 -4.89 -19.13 -3.11
N GLN B 315 -4.21 -18.10 -2.63
CA GLN B 315 -3.25 -17.37 -3.45
C GLN B 315 -2.20 -18.32 -3.98
N LYS B 316 -1.67 -19.17 -3.11
CA LYS B 316 -0.62 -20.11 -3.50
C LYS B 316 -1.10 -21.12 -4.55
N GLU B 317 -2.28 -21.69 -4.33
CA GLU B 317 -2.81 -22.71 -5.23
C GLU B 317 -3.20 -22.15 -6.59
N ILE B 318 -3.90 -21.01 -6.57
CA ILE B 318 -4.30 -20.35 -7.81
C ILE B 318 -3.07 -19.90 -8.59
N THR B 319 -2.07 -19.39 -7.87
CA THR B 319 -0.80 -19.05 -8.50
C THR B 319 -0.17 -20.28 -9.14
N ALA B 320 -0.30 -21.42 -8.47
CA ALA B 320 0.24 -22.67 -8.99
C ALA B 320 -0.48 -23.17 -10.23
N LEU B 321 -1.77 -22.86 -10.35
CA LEU B 321 -2.55 -23.33 -11.50
C LEU B 321 -2.55 -22.35 -12.69
N ALA B 322 -2.49 -21.06 -12.40
CA ALA B 322 -2.61 -20.04 -13.45
C ALA B 322 -1.30 -19.89 -14.22
N PRO B 323 -1.35 -19.20 -15.38
CA PRO B 323 -0.13 -18.85 -16.13
C PRO B 323 0.87 -18.08 -15.28
N SER B 324 2.15 -18.28 -15.55
CA SER B 324 3.23 -17.71 -14.73
C SER B 324 3.17 -16.18 -14.60
N THR B 325 2.67 -15.50 -15.62
CA THR B 325 2.65 -14.04 -15.62
C THR B 325 1.31 -13.46 -15.19
N MET B 326 0.35 -14.33 -14.88
CA MET B 326 -0.99 -13.88 -14.53
C MET B 326 -1.02 -13.18 -13.18
N LYS B 327 -1.71 -12.05 -13.10
CA LYS B 327 -1.88 -11.32 -11.85
C LYS B 327 -3.01 -11.95 -11.02
N ILE B 328 -2.68 -12.37 -9.80
CA ILE B 328 -3.66 -13.01 -8.93
C ILE B 328 -3.91 -12.15 -7.70
N LYS B 329 -5.19 -11.89 -7.41
CA LYS B 329 -5.56 -11.13 -6.22
C LYS B 329 -6.74 -11.77 -5.50
N ILE B 330 -6.55 -12.07 -4.22
CA ILE B 330 -7.60 -12.63 -3.39
C ILE B 330 -8.16 -11.56 -2.48
N ILE B 331 -9.46 -11.33 -2.55
CA ILE B 331 -10.08 -10.32 -1.71
C ILE B 331 -10.86 -10.99 -0.60
N ALA B 332 -10.43 -10.76 0.63
CA ALA B 332 -11.05 -11.42 1.77
C ALA B 332 -11.06 -10.47 2.96
N PRO B 333 -12.01 -9.54 2.99
CA PRO B 333 -12.05 -8.59 4.10
C PRO B 333 -12.48 -9.32 5.37
N PRO B 334 -12.14 -8.75 6.53
CA PRO B 334 -12.49 -9.39 7.81
C PRO B 334 -14.02 -9.52 7.96
N GLU B 335 -14.77 -8.63 7.32
CA GLU B 335 -16.24 -8.63 7.49
C GLU B 335 -16.95 -9.66 6.62
N ARG B 336 -16.20 -10.45 5.86
CA ARG B 336 -16.76 -11.29 4.79
C ARG B 336 -17.88 -12.27 5.15
N LYS B 337 -17.94 -12.69 6.42
CA LYS B 337 -18.93 -13.68 6.86
C LYS B 337 -20.35 -13.20 6.60
N TYR B 338 -20.52 -11.89 6.57
CA TYR B 338 -21.84 -11.30 6.36
C TYR B 338 -21.87 -10.43 5.13
N SER B 339 -20.84 -10.54 4.30
CA SER B 339 -20.66 -9.59 3.20
C SER B 339 -21.82 -9.62 2.21
N VAL B 340 -22.38 -10.82 2.03
CA VAL B 340 -23.56 -11.00 1.18
C VAL B 340 -24.59 -9.98 1.61
N TRP B 341 -24.96 -10.04 2.89
CA TRP B 341 -25.97 -9.16 3.44
C TRP B 341 -25.56 -7.72 3.22
N ILE B 342 -24.27 -7.44 3.45
CA ILE B 342 -23.78 -6.07 3.36
C ILE B 342 -24.05 -5.57 1.95
N GLY B 343 -23.78 -6.42 0.97
CA GLY B 343 -23.98 -6.03 -0.42
C GLY B 343 -25.42 -5.61 -0.61
N GLY B 344 -26.33 -6.45 -0.11
CA GLY B 344 -27.74 -6.17 -0.25
C GLY B 344 -28.04 -4.85 0.42
N SER B 345 -27.49 -4.68 1.62
CA SER B 345 -27.71 -3.47 2.40
C SER B 345 -27.30 -2.23 1.59
N ILE B 346 -26.18 -2.34 0.88
CA ILE B 346 -25.76 -1.22 0.06
C ILE B 346 -26.73 -1.03 -1.11
N LEU B 347 -27.00 -2.13 -1.81
CA LEU B 347 -27.74 -2.08 -3.06
C LEU B 347 -29.13 -1.48 -2.88
N ALA B 348 -29.83 -1.93 -1.83
CA ALA B 348 -31.18 -1.48 -1.58
C ALA B 348 -31.25 -0.03 -1.10
N SER B 349 -30.09 0.53 -0.73
CA SER B 349 -30.08 1.91 -0.23
C SER B 349 -29.62 2.91 -1.30
N LEU B 350 -29.26 2.40 -2.47
CA LEU B 350 -28.87 3.25 -3.58
C LEU B 350 -30.12 3.88 -4.19
N SER B 351 -30.02 5.16 -4.55
CA SER B 351 -31.13 5.89 -5.17
C SER B 351 -31.51 5.30 -6.52
N THR B 352 -30.52 4.91 -7.31
CA THR B 352 -30.77 4.39 -8.65
C THR B 352 -31.43 3.01 -8.60
N PHE B 353 -31.38 2.38 -7.44
CA PHE B 353 -32.01 1.08 -7.26
C PHE B 353 -33.52 1.17 -7.09
N GLN B 354 -34.02 2.36 -6.73
CA GLN B 354 -35.42 2.51 -6.37
C GLN B 354 -36.36 2.15 -7.51
N GLN B 355 -35.93 2.42 -8.74
CA GLN B 355 -36.68 2.03 -9.93
C GLN B 355 -36.64 0.50 -10.13
N MET B 356 -35.61 -0.14 -9.61
CA MET B 356 -35.37 -1.56 -9.88
C MET B 356 -36.36 -2.49 -9.16
N TRP B 357 -36.92 -2.01 -8.06
CA TRP B 357 -37.88 -2.78 -7.26
C TRP B 357 -39.06 -3.26 -8.09
N ILE B 358 -39.56 -4.46 -7.78
CA ILE B 358 -40.82 -4.90 -8.35
C ILE B 358 -41.92 -4.36 -7.46
N THR B 359 -42.74 -3.47 -8.01
CA THR B 359 -43.83 -2.85 -7.27
C THR B 359 -45.04 -3.77 -7.21
N LYS B 360 -45.89 -3.56 -6.22
CA LYS B 360 -47.08 -4.40 -6.04
C LYS B 360 -48.02 -4.31 -7.25
N GLN B 361 -48.09 -3.15 -7.88
CA GLN B 361 -48.91 -2.99 -9.07
C GLN B 361 -48.38 -3.85 -10.20
N GLU B 362 -47.06 -3.83 -10.40
CA GLU B 362 -46.43 -4.60 -11.45
C GLU B 362 -46.65 -6.10 -11.24
N TYR B 363 -46.49 -6.56 -10.00
CA TYR B 363 -46.72 -7.96 -9.66
C TYR B 363 -48.18 -8.33 -9.88
N ASP B 364 -49.07 -7.40 -9.57
CA ASP B 364 -50.49 -7.66 -9.75
C ASP B 364 -50.75 -7.85 -11.24
N GLU B 365 -50.08 -7.04 -12.06
CA GLU B 365 -50.22 -7.12 -13.52
C GLU B 365 -49.63 -8.37 -14.20
N ALA B 366 -48.42 -8.76 -13.79
CA ALA B 366 -47.68 -9.82 -14.49
C ALA B 366 -47.57 -11.15 -13.75
N GLY B 367 -47.83 -11.13 -12.45
CA GLY B 367 -47.69 -12.30 -11.61
C GLY B 367 -46.26 -12.64 -11.27
N PRO B 368 -46.01 -13.91 -10.86
CA PRO B 368 -44.68 -14.42 -10.53
C PRO B 368 -43.68 -14.23 -11.67
N SER B 369 -44.20 -14.12 -12.90
CA SER B 369 -43.36 -14.00 -14.09
C SER B 369 -42.43 -12.78 -14.06
N ILE B 370 -42.87 -11.71 -13.41
CA ILE B 370 -42.15 -10.43 -13.48
C ILE B 370 -40.73 -10.48 -12.91
N VAL B 371 -40.48 -11.36 -11.94
CA VAL B 371 -39.17 -11.40 -11.28
C VAL B 371 -38.06 -11.73 -12.28
N HIS B 372 -38.35 -12.58 -13.25
CA HIS B 372 -37.37 -12.98 -14.26
C HIS B 372 -36.97 -11.77 -15.10
N ARG B 373 -37.95 -10.99 -15.51
CA ARG B 373 -37.70 -9.80 -16.32
C ARG B 373 -37.03 -8.70 -15.49
N LYS B 374 -37.57 -8.44 -14.30
CA LYS B 374 -37.09 -7.34 -13.48
C LYS B 374 -35.73 -7.60 -12.81
N CYS B 375 -35.48 -8.86 -12.45
CA CYS B 375 -34.25 -9.24 -11.76
C CYS B 375 -33.38 -10.13 -12.63
N PHE B 376 -32.13 -9.74 -12.86
CA PHE B 376 -31.24 -10.50 -13.72
C PHE B 376 -29.76 -10.16 -13.54
N THR C 7 -0.38 -34.69 -30.47
CA THR C 7 -1.23 -33.51 -30.57
C THR C 7 -0.54 -32.39 -31.33
N ALA C 8 -1.22 -31.87 -32.34
CA ALA C 8 -0.68 -30.79 -33.17
C ALA C 8 -0.82 -29.44 -32.47
N LEU C 9 0.04 -28.50 -32.85
CA LEU C 9 -0.04 -27.15 -32.31
C LEU C 9 -0.57 -26.20 -33.37
N VAL C 10 -1.23 -25.12 -32.93
CA VAL C 10 -1.74 -24.10 -33.85
C VAL C 10 -1.25 -22.74 -33.42
N CYS C 11 -0.56 -22.05 -34.34
CA CYS C 11 0.02 -20.75 -34.07
C CYS C 11 -0.39 -19.73 -35.12
N ASP C 12 -1.17 -18.74 -34.68
CA ASP C 12 -1.60 -17.62 -35.51
C ASP C 12 -0.73 -16.43 -35.17
N ASN C 13 0.13 -16.07 -36.13
CA ASN C 13 1.14 -15.05 -35.96
C ASN C 13 0.64 -13.66 -36.35
N GLY C 14 -0.03 -12.99 -35.42
CA GLY C 14 -0.59 -11.68 -35.67
C GLY C 14 0.41 -10.54 -35.61
N SER C 15 0.06 -9.42 -36.25
CA SER C 15 0.90 -8.23 -36.20
C SER C 15 0.94 -7.65 -34.80
N GLY C 16 -0.14 -7.84 -34.06
CA GLY C 16 -0.25 -7.32 -32.71
C GLY C 16 -0.23 -8.42 -31.67
N LEU C 17 -1.00 -9.48 -31.92
CA LEU C 17 -1.14 -10.56 -30.95
C LEU C 17 -0.88 -11.93 -31.56
N VAL C 18 -0.04 -12.71 -30.88
CA VAL C 18 0.15 -14.11 -31.19
C VAL C 18 -0.89 -14.92 -30.45
N LYS C 19 -1.60 -15.76 -31.20
CA LYS C 19 -2.54 -16.72 -30.62
C LYS C 19 -2.00 -18.13 -30.78
N ALA C 20 -1.81 -18.84 -29.68
CA ALA C 20 -1.21 -20.16 -29.76
C ALA C 20 -1.96 -21.17 -28.92
N GLY C 21 -2.02 -22.42 -29.39
CA GLY C 21 -2.69 -23.45 -28.64
C GLY C 21 -2.61 -24.84 -29.24
N PHE C 22 -3.50 -25.72 -28.82
CA PHE C 22 -3.48 -27.11 -29.28
C PHE C 22 -4.65 -27.39 -30.22
N ALA C 23 -4.38 -28.17 -31.27
CA ALA C 23 -5.41 -28.57 -32.22
C ALA C 23 -6.53 -29.33 -31.51
N GLY C 24 -7.78 -29.04 -31.89
CA GLY C 24 -8.92 -29.69 -31.29
C GLY C 24 -9.54 -28.91 -30.15
N ASP C 25 -8.81 -27.93 -29.64
CA ASP C 25 -9.29 -27.10 -28.54
C ASP C 25 -10.20 -26.00 -29.07
N ASP C 26 -11.16 -25.58 -28.25
CA ASP C 26 -12.14 -24.58 -28.67
C ASP C 26 -11.56 -23.17 -28.71
N ALA C 27 -10.52 -22.92 -27.91
CA ALA C 27 -9.91 -21.60 -27.84
C ALA C 27 -8.40 -21.70 -27.68
N PRO C 28 -7.66 -20.67 -28.13
CA PRO C 28 -6.20 -20.71 -27.97
C PRO C 28 -5.79 -20.69 -26.50
N ARG C 29 -4.82 -21.53 -26.15
CA ARG C 29 -4.32 -21.63 -24.78
C ARG C 29 -3.59 -20.36 -24.35
N ALA C 30 -2.82 -19.78 -25.26
CA ALA C 30 -2.05 -18.58 -24.94
C ALA C 30 -2.22 -17.47 -25.97
N VAL C 31 -2.48 -16.26 -25.50
CA VAL C 31 -2.56 -15.08 -26.34
C VAL C 31 -1.65 -14.01 -25.75
N PHE C 32 -0.69 -13.54 -26.54
CA PHE C 32 0.29 -12.58 -26.02
C PHE C 32 0.78 -11.63 -27.11
N PRO C 33 1.18 -10.40 -26.71
CA PRO C 33 1.59 -9.44 -27.75
C PRO C 33 2.83 -9.88 -28.52
N SER C 34 2.85 -9.62 -29.82
CA SER C 34 3.96 -10.07 -30.65
C SER C 34 5.06 -9.03 -30.69
N ILE C 35 5.76 -8.88 -29.58
CA ILE C 35 6.85 -7.91 -29.50
C ILE C 35 8.12 -8.59 -29.02
N VAL C 36 9.26 -8.10 -29.48
CA VAL C 36 10.53 -8.61 -28.98
C VAL C 36 11.28 -7.42 -28.41
N GLY C 37 11.72 -7.53 -27.17
CA GLY C 37 12.38 -6.41 -26.54
C GLY C 37 13.85 -6.64 -26.33
N ARG C 38 14.67 -5.67 -26.74
CA ARG C 38 16.11 -5.74 -26.54
C ARG C 38 16.62 -4.48 -25.87
N PRO C 39 17.55 -4.65 -24.90
CA PRO C 39 18.11 -3.53 -24.14
C PRO C 39 18.56 -2.40 -25.04
N ARG C 40 18.39 -1.17 -24.56
CA ARG C 40 18.70 0.03 -25.34
C ARG C 40 20.20 0.21 -25.42
N HIS C 41 20.88 -0.22 -24.37
CA HIS C 41 22.33 -0.06 -24.26
C HIS C 41 22.88 -1.26 -23.50
N GLN C 42 24.10 -1.66 -23.84
CA GLN C 42 24.74 -2.83 -23.24
C GLN C 42 24.74 -2.75 -21.71
N GLY C 43 24.07 -3.70 -21.07
CA GLY C 43 23.97 -3.71 -19.62
C GLY C 43 25.28 -3.94 -18.92
N VAL C 44 25.28 -3.77 -17.59
CA VAL C 44 26.47 -4.01 -16.78
C VAL C 44 26.58 -5.48 -16.45
N MET C 45 26.66 -6.32 -17.48
CA MET C 45 26.63 -7.76 -17.28
C MET C 45 27.40 -8.45 -18.39
N VAL C 46 28.53 -9.06 -18.03
CA VAL C 46 29.37 -9.73 -19.01
C VAL C 46 29.18 -11.25 -18.96
N GLY C 47 29.37 -11.91 -20.09
CA GLY C 47 29.32 -13.35 -20.12
C GLY C 47 28.40 -13.93 -21.17
N MET C 48 28.87 -14.98 -21.84
CA MET C 48 28.05 -15.70 -22.81
C MET C 48 26.85 -16.30 -22.11
N GLY C 49 25.74 -16.41 -22.83
CA GLY C 49 24.52 -16.94 -22.26
C GLY C 49 23.75 -15.90 -21.48
N GLN C 50 23.96 -14.63 -21.85
CA GLN C 50 23.20 -13.55 -21.24
C GLN C 50 21.76 -13.59 -21.69
N LYS C 51 20.86 -13.10 -20.83
CA LYS C 51 19.45 -13.05 -21.16
C LYS C 51 19.15 -11.81 -21.99
N ASP C 52 19.69 -11.78 -23.19
CA ASP C 52 19.37 -10.72 -24.13
C ASP C 52 18.07 -11.10 -24.83
N SER C 53 17.11 -10.16 -24.78
CA SER C 53 15.79 -10.19 -25.43
C SER C 53 14.67 -10.71 -24.52
N TYR C 54 13.54 -10.00 -24.59
CA TYR C 54 12.33 -10.29 -23.81
C TYR C 54 11.17 -10.39 -24.81
N VAL C 55 10.26 -11.33 -24.59
CA VAL C 55 9.16 -11.54 -25.52
C VAL C 55 7.78 -11.42 -24.87
N GLY C 56 6.86 -10.77 -25.56
CA GLY C 56 5.47 -10.68 -25.14
C GLY C 56 5.17 -9.88 -23.88
N ASP C 57 4.46 -10.48 -22.95
CA ASP C 57 3.99 -9.82 -21.74
C ASP C 57 5.15 -9.27 -20.90
N GLU C 58 6.18 -10.09 -20.73
CA GLU C 58 7.34 -9.68 -19.94
C GLU C 58 8.04 -8.49 -20.57
N ALA C 59 8.09 -8.49 -21.90
CA ALA C 59 8.65 -7.36 -22.65
C ALA C 59 7.83 -6.07 -22.49
N GLN C 60 6.51 -6.21 -22.47
CA GLN C 60 5.63 -5.06 -22.29
C GLN C 60 5.79 -4.47 -20.89
N SER C 61 5.93 -5.37 -19.91
CA SER C 61 6.18 -4.98 -18.53
C SER C 61 7.52 -4.27 -18.37
N LYS C 62 8.51 -4.78 -19.08
CA LYS C 62 9.88 -4.27 -19.07
C LYS C 62 10.14 -3.19 -20.12
N ARG C 63 9.08 -2.70 -20.75
CA ARG C 63 9.16 -1.73 -21.85
C ARG C 63 10.02 -0.49 -21.60
N GLY C 64 10.04 -0.01 -20.36
CA GLY C 64 10.86 1.14 -20.00
C GLY C 64 12.36 0.93 -20.17
N ILE C 65 12.82 -0.23 -19.71
CA ILE C 65 14.25 -0.59 -19.75
C ILE C 65 14.82 -0.85 -21.14
N LEU C 66 14.00 -1.42 -22.01
CA LEU C 66 14.45 -1.83 -23.35
C LEU C 66 13.61 -1.37 -24.54
N THR C 67 14.26 -1.21 -25.68
CA THR C 67 13.55 -0.84 -26.90
C THR C 67 12.78 -2.05 -27.44
N LEU C 68 11.58 -1.79 -27.99
CA LEU C 68 10.68 -2.87 -28.42
C LEU C 68 10.53 -2.87 -29.93
N LYS C 69 10.61 -4.07 -30.51
CA LYS C 69 10.46 -4.25 -31.95
C LYS C 69 9.32 -5.20 -32.34
N TYR C 70 8.57 -4.76 -33.35
CA TYR C 70 7.48 -5.48 -34.00
C TYR C 70 7.99 -6.39 -35.11
N PRO C 71 8.11 -7.71 -34.86
CA PRO C 71 8.64 -8.58 -35.91
C PRO C 71 7.67 -8.69 -37.09
N ILE C 72 6.37 -8.66 -36.82
CA ILE C 72 5.39 -8.76 -37.89
C ILE C 72 4.68 -7.42 -38.06
N GLU C 73 4.82 -6.82 -39.24
CA GLU C 73 4.16 -5.55 -39.53
C GLU C 73 3.28 -5.72 -40.76
N HIS C 74 2.01 -5.33 -40.63
CA HIS C 74 1.03 -5.48 -41.70
C HIS C 74 0.94 -6.92 -42.17
N GLY C 75 1.09 -7.84 -41.21
CA GLY C 75 0.90 -9.26 -41.45
C GLY C 75 2.07 -10.02 -42.03
N ILE C 76 3.16 -9.33 -42.37
CA ILE C 76 4.30 -10.02 -42.96
C ILE C 76 5.52 -9.96 -42.07
N ILE C 77 6.15 -11.12 -41.87
CA ILE C 77 7.34 -11.23 -41.04
C ILE C 77 8.51 -10.50 -41.68
N THR C 78 9.14 -9.60 -40.93
CA THR C 78 10.24 -8.79 -41.44
C THR C 78 11.55 -8.96 -40.66
N ASN C 79 11.44 -9.35 -39.39
CA ASN C 79 12.63 -9.59 -38.56
C ASN C 79 12.68 -11.05 -38.11
N TRP C 80 13.55 -11.81 -38.75
CA TRP C 80 13.59 -13.26 -38.56
C TRP C 80 14.15 -13.73 -37.22
N ASP C 81 15.14 -13.02 -36.70
CA ASP C 81 15.72 -13.35 -35.40
C ASP C 81 14.68 -13.19 -34.30
N ASP C 82 13.99 -12.06 -34.35
CA ASP C 82 12.95 -11.73 -33.39
C ASP C 82 11.80 -12.71 -33.48
N MET C 83 11.50 -13.13 -34.72
CA MET C 83 10.44 -14.11 -34.96
C MET C 83 10.83 -15.44 -34.32
N GLU C 84 12.11 -15.78 -34.42
CA GLU C 84 12.62 -16.99 -33.77
C GLU C 84 12.48 -16.88 -32.26
N LYS C 85 12.71 -15.68 -31.73
CA LYS C 85 12.52 -15.46 -30.30
C LYS C 85 11.07 -15.68 -29.89
N ILE C 86 10.15 -15.13 -30.68
CA ILE C 86 8.71 -15.29 -30.43
C ILE C 86 8.28 -16.75 -30.46
N TRP C 87 8.76 -17.49 -31.46
CA TRP C 87 8.38 -18.90 -31.58
C TRP C 87 8.97 -19.73 -30.44
N HIS C 88 10.21 -19.42 -30.04
CA HIS C 88 10.84 -20.12 -28.92
C HIS C 88 10.02 -19.89 -27.66
N HIS C 89 9.63 -18.64 -27.42
CA HIS C 89 8.82 -18.30 -26.25
C HIS C 89 7.47 -19.01 -26.31
N THR C 90 6.92 -19.09 -27.51
CA THR C 90 5.66 -19.79 -27.75
C THR C 90 5.75 -21.27 -27.35
N PHE C 91 6.76 -21.96 -27.85
CA PHE C 91 6.93 -23.37 -27.57
C PHE C 91 7.23 -23.62 -26.09
N TYR C 92 8.27 -22.97 -25.58
CA TYR C 92 8.77 -23.28 -24.24
C TYR C 92 8.03 -22.61 -23.08
N ASN C 93 7.85 -21.30 -23.17
CA ASN C 93 7.23 -20.55 -22.07
C ASN C 93 5.70 -20.57 -22.03
N GLU C 94 5.07 -20.39 -23.19
CA GLU C 94 3.62 -20.26 -23.25
C GLU C 94 2.87 -21.58 -23.28
N LEU C 95 3.27 -22.47 -24.20
CA LEU C 95 2.58 -23.74 -24.37
C LEU C 95 3.22 -24.88 -23.57
N ARG C 96 4.47 -24.68 -23.16
CA ARG C 96 5.21 -25.69 -22.41
C ARG C 96 5.30 -27.01 -23.15
N VAL C 97 5.79 -26.97 -24.40
CA VAL C 97 5.91 -28.18 -25.19
C VAL C 97 7.29 -28.29 -25.86
N ALA C 98 7.62 -29.50 -26.32
CA ALA C 98 8.83 -29.70 -27.12
C ALA C 98 8.46 -29.70 -28.59
N PRO C 99 8.99 -28.73 -29.35
CA PRO C 99 8.61 -28.55 -30.76
C PRO C 99 8.87 -29.78 -31.64
N GLU C 100 9.88 -30.57 -31.30
CA GLU C 100 10.16 -31.79 -32.06
C GLU C 100 9.11 -32.89 -31.82
N GLU C 101 8.22 -32.67 -30.85
CA GLU C 101 7.21 -33.65 -30.50
C GLU C 101 5.82 -33.32 -31.04
N HIS C 102 5.71 -32.25 -31.81
CA HIS C 102 4.41 -31.79 -32.27
C HIS C 102 4.43 -31.27 -33.69
N PRO C 103 3.51 -31.76 -34.53
CA PRO C 103 3.21 -31.10 -35.81
C PRO C 103 2.76 -29.67 -35.54
N THR C 104 3.14 -28.75 -36.41
CA THR C 104 2.85 -27.34 -36.15
C THR C 104 2.17 -26.66 -37.33
N LEU C 105 0.97 -26.15 -37.10
CA LEU C 105 0.29 -25.38 -38.12
C LEU C 105 0.52 -23.90 -37.85
N LEU C 106 1.14 -23.22 -38.81
CA LEU C 106 1.34 -21.79 -38.70
C LEU C 106 0.36 -21.08 -39.62
N THR C 107 0.01 -19.86 -39.28
CA THR C 107 -0.80 -19.06 -40.19
C THR C 107 0.08 -18.03 -40.89
N GLU C 108 -0.38 -17.54 -42.04
CA GLU C 108 0.32 -16.50 -42.77
C GLU C 108 -0.68 -15.50 -43.35
N ALA C 109 -0.18 -14.32 -43.68
CA ALA C 109 -1.03 -13.30 -44.27
C ALA C 109 -1.27 -13.63 -45.75
N PRO C 110 -2.38 -13.12 -46.30
CA PRO C 110 -2.63 -13.18 -47.74
C PRO C 110 -1.51 -12.49 -48.51
N LEU C 111 -1.13 -13.06 -49.65
CA LEU C 111 -0.09 -12.50 -50.51
C LEU C 111 1.30 -12.51 -49.87
N ASN C 112 1.48 -13.36 -48.86
CA ASN C 112 2.78 -13.60 -48.25
C ASN C 112 3.74 -14.06 -49.33
N PRO C 113 4.89 -13.37 -49.48
CA PRO C 113 5.84 -13.74 -50.53
C PRO C 113 6.32 -15.18 -50.45
N LYS C 114 6.59 -15.78 -51.62
CA LYS C 114 7.05 -17.16 -51.71
C LYS C 114 8.33 -17.41 -50.93
N ALA C 115 9.28 -16.50 -51.10
CA ALA C 115 10.57 -16.60 -50.43
C ALA C 115 10.36 -16.55 -48.93
N ASN C 116 9.38 -15.75 -48.51
CA ASN C 116 9.08 -15.54 -47.11
C ASN C 116 8.56 -16.83 -46.44
N ARG C 117 7.59 -17.49 -47.07
CA ARG C 117 7.06 -18.74 -46.53
C ARG C 117 8.07 -19.87 -46.63
N GLU C 118 8.91 -19.81 -47.66
CA GLU C 118 10.00 -20.76 -47.81
C GLU C 118 10.95 -20.65 -46.62
N LYS C 119 11.24 -19.41 -46.26
CA LYS C 119 12.09 -19.13 -45.10
C LYS C 119 11.41 -19.59 -43.81
N MET C 120 10.10 -19.41 -43.73
CA MET C 120 9.34 -19.90 -42.57
C MET C 120 9.51 -21.40 -42.38
N THR C 121 9.33 -22.14 -43.47
CA THR C 121 9.44 -23.60 -43.44
C THR C 121 10.85 -24.04 -43.05
N GLN C 122 11.83 -23.41 -43.70
CA GLN C 122 13.23 -23.70 -43.47
C GLN C 122 13.58 -23.51 -42.00
N ILE C 123 13.15 -22.39 -41.44
CA ILE C 123 13.43 -22.06 -40.05
C ILE C 123 12.74 -23.03 -39.08
N MET C 124 11.49 -23.36 -39.38
CA MET C 124 10.75 -24.30 -38.54
C MET C 124 11.42 -25.66 -38.45
N PHE C 125 11.85 -26.18 -39.59
CA PHE C 125 12.48 -27.50 -39.67
C PHE C 125 13.93 -27.53 -39.17
N GLU C 126 14.73 -26.55 -39.55
CA GLU C 126 16.14 -26.58 -39.17
C GLU C 126 16.33 -26.16 -37.72
N THR C 127 15.65 -25.09 -37.32
CA THR C 127 15.82 -24.58 -35.97
C THR C 127 15.02 -25.36 -34.93
N PHE C 128 13.76 -25.70 -35.23
CA PHE C 128 12.94 -26.31 -34.20
C PHE C 128 12.73 -27.81 -34.34
N ASN C 129 13.20 -28.38 -35.45
CA ASN C 129 13.19 -29.82 -35.67
C ASN C 129 11.81 -30.43 -35.48
N VAL C 130 10.79 -29.72 -35.96
CA VAL C 130 9.43 -30.24 -35.89
C VAL C 130 9.31 -31.46 -36.79
N PRO C 131 8.49 -32.44 -36.37
CA PRO C 131 8.29 -33.64 -37.18
C PRO C 131 7.42 -33.34 -38.40
N ALA C 132 6.64 -32.27 -38.31
CA ALA C 132 5.74 -31.88 -39.39
C ALA C 132 5.26 -30.46 -39.21
N MET C 133 4.89 -29.81 -40.31
CA MET C 133 4.28 -28.49 -40.25
C MET C 133 3.45 -28.15 -41.48
N TYR C 134 2.65 -27.09 -41.36
CA TYR C 134 1.79 -26.66 -42.46
C TYR C 134 1.62 -25.15 -42.36
N VAL C 135 1.44 -24.49 -43.49
CA VAL C 135 1.18 -23.06 -43.48
C VAL C 135 -0.15 -22.72 -44.13
N ALA C 136 -1.05 -22.12 -43.37
CA ALA C 136 -2.38 -21.80 -43.88
C ALA C 136 -2.65 -20.29 -43.90
N ILE C 137 -3.39 -19.83 -44.91
CA ILE C 137 -3.80 -18.43 -44.97
C ILE C 137 -4.84 -18.13 -43.89
N GLN C 138 -4.64 -17.04 -43.16
CA GLN C 138 -5.50 -16.66 -42.04
C GLN C 138 -6.98 -16.54 -42.42
N ALA C 139 -7.27 -15.80 -43.49
CA ALA C 139 -8.64 -15.56 -43.91
C ALA C 139 -9.34 -16.85 -44.30
N VAL C 140 -8.57 -17.76 -44.90
CA VAL C 140 -9.11 -19.06 -45.28
C VAL C 140 -9.50 -19.87 -44.06
N LEU C 141 -8.65 -19.89 -43.05
CA LEU C 141 -8.96 -20.55 -41.78
C LEU C 141 -10.20 -19.95 -41.13
N SER C 142 -10.31 -18.62 -41.22
CA SER C 142 -11.49 -17.91 -40.71
C SER C 142 -12.74 -18.41 -41.41
N LEU C 143 -12.63 -18.61 -42.72
CA LEU C 143 -13.74 -19.12 -43.51
C LEU C 143 -14.09 -20.55 -43.09
N TYR C 144 -13.07 -21.37 -42.92
CA TYR C 144 -13.23 -22.77 -42.51
C TYR C 144 -13.91 -22.91 -41.15
N ALA C 145 -13.63 -21.96 -40.25
CA ALA C 145 -14.16 -22.02 -38.89
C ALA C 145 -15.68 -21.95 -38.89
N SER C 146 -16.25 -21.34 -39.93
CA SER C 146 -17.70 -21.23 -40.06
C SER C 146 -18.29 -22.38 -40.88
N GLY C 147 -17.44 -23.33 -41.23
CA GLY C 147 -17.86 -24.50 -41.99
C GLY C 147 -18.02 -24.25 -43.49
N ARG C 148 -17.35 -23.21 -43.98
CA ARG C 148 -17.43 -22.86 -45.39
C ARG C 148 -16.08 -23.05 -46.07
N THR C 149 -16.10 -23.26 -47.38
CA THR C 149 -14.86 -23.25 -48.17
C THR C 149 -14.94 -22.21 -49.28
N THR C 150 -16.11 -21.60 -49.40
CA THR C 150 -16.31 -20.53 -50.38
C THR C 150 -17.00 -19.33 -49.76
N GLY C 151 -16.42 -18.15 -49.98
CA GLY C 151 -17.00 -16.90 -49.50
C GLY C 151 -15.95 -15.83 -49.51
N ILE C 152 -16.29 -14.62 -49.08
CA ILE C 152 -15.31 -13.56 -49.00
C ILE C 152 -15.10 -13.11 -47.55
N VAL C 153 -13.85 -13.11 -47.11
CA VAL C 153 -13.51 -12.80 -45.74
C VAL C 153 -12.96 -11.38 -45.59
N LEU C 154 -13.46 -10.66 -44.57
CA LEU C 154 -12.86 -9.42 -44.15
C LEU C 154 -12.12 -9.67 -42.86
N ASP C 155 -10.79 -9.71 -42.95
CA ASP C 155 -9.97 -10.00 -41.79
C ASP C 155 -9.26 -8.73 -41.36
N SER C 156 -9.68 -8.15 -40.25
CA SER C 156 -9.10 -6.90 -39.79
C SER C 156 -8.49 -7.09 -38.41
N GLY C 157 -7.17 -6.97 -38.34
CA GLY C 157 -6.44 -7.22 -37.12
C GLY C 157 -5.84 -5.97 -36.51
N ASP C 158 -4.59 -6.06 -36.06
CA ASP C 158 -3.92 -4.94 -35.43
C ASP C 158 -3.19 -4.04 -36.41
N GLY C 159 -2.57 -4.64 -37.43
CA GLY C 159 -1.72 -3.89 -38.33
C GLY C 159 -2.23 -3.75 -39.76
N VAL C 160 -3.12 -4.66 -40.16
CA VAL C 160 -3.58 -4.69 -41.53
C VAL C 160 -4.99 -5.29 -41.65
N THR C 161 -5.71 -4.84 -42.68
CA THR C 161 -7.04 -5.33 -42.98
C THR C 161 -7.02 -5.91 -44.39
N HIS C 162 -7.66 -7.06 -44.57
CA HIS C 162 -7.73 -7.68 -45.89
C HIS C 162 -9.14 -8.05 -46.29
N ASN C 163 -9.40 -7.93 -47.59
CA ASN C 163 -10.51 -8.62 -48.21
C ASN C 163 -9.97 -9.78 -49.02
N VAL C 164 -10.42 -10.99 -48.69
CA VAL C 164 -9.92 -12.18 -49.35
C VAL C 164 -11.09 -13.02 -49.85
N PRO C 165 -11.33 -13.00 -51.16
CA PRO C 165 -12.33 -13.88 -51.77
C PRO C 165 -11.75 -15.28 -51.95
N ILE C 166 -12.54 -16.29 -51.62
CA ILE C 166 -12.06 -17.66 -51.60
C ILE C 166 -13.08 -18.59 -52.25
N TYR C 167 -12.62 -19.41 -53.19
CA TYR C 167 -13.46 -20.39 -53.86
C TYR C 167 -12.90 -21.80 -53.71
N GLU C 168 -13.71 -22.68 -53.14
CA GLU C 168 -13.34 -24.07 -52.91
C GLU C 168 -12.01 -24.21 -52.18
N GLY C 169 -11.82 -23.37 -51.17
CA GLY C 169 -10.61 -23.42 -50.35
C GLY C 169 -9.44 -22.69 -50.97
N TYR C 170 -9.62 -22.23 -52.21
CA TYR C 170 -8.56 -21.50 -52.91
C TYR C 170 -8.76 -20.00 -52.77
N ALA C 171 -7.78 -19.31 -52.21
CA ALA C 171 -7.80 -17.85 -52.20
C ALA C 171 -7.52 -17.38 -53.62
N LEU C 172 -8.23 -16.35 -54.07
CA LEU C 172 -8.08 -15.84 -55.43
C LEU C 172 -7.19 -14.60 -55.42
N PRO C 173 -5.88 -14.78 -55.66
CA PRO C 173 -4.84 -13.76 -55.44
C PRO C 173 -5.09 -12.46 -56.21
N HIS C 174 -5.60 -12.57 -57.43
CA HIS C 174 -5.80 -11.40 -58.28
C HIS C 174 -6.87 -10.46 -57.73
N ALA C 175 -7.72 -10.96 -56.84
CA ALA C 175 -8.84 -10.17 -56.33
C ALA C 175 -8.70 -9.76 -54.87
N ILE C 176 -7.56 -10.10 -54.26
CA ILE C 176 -7.32 -9.74 -52.86
C ILE C 176 -7.06 -8.23 -52.72
N MET C 177 -7.69 -7.63 -51.71
CA MET C 177 -7.49 -6.23 -51.40
C MET C 177 -6.78 -6.06 -50.06
N ARG C 178 -5.77 -5.19 -50.04
CA ARG C 178 -5.04 -4.88 -48.81
C ARG C 178 -5.25 -3.44 -48.39
N LEU C 179 -5.55 -3.24 -47.10
CA LEU C 179 -5.74 -1.91 -46.54
C LEU C 179 -4.91 -1.78 -45.28
N ASP C 180 -3.98 -0.82 -45.27
CA ASP C 180 -3.13 -0.59 -44.11
C ASP C 180 -3.81 0.31 -43.08
N LEU C 181 -5.06 -0.05 -42.76
CA LEU C 181 -5.80 0.60 -41.69
C LEU C 181 -6.40 -0.47 -40.79
N ALA C 182 -6.04 -0.45 -39.50
CA ALA C 182 -6.48 -1.49 -38.58
C ALA C 182 -6.66 -0.98 -37.16
N GLY C 183 -6.66 -1.92 -36.21
CA GLY C 183 -6.94 -1.62 -34.81
C GLY C 183 -5.99 -0.61 -34.19
N ARG C 184 -4.71 -0.72 -34.53
CA ARG C 184 -3.70 0.16 -33.96
C ARG C 184 -3.95 1.60 -34.42
N ASP C 185 -4.27 1.73 -35.70
CA ASP C 185 -4.58 3.04 -36.29
C ASP C 185 -5.83 3.64 -35.66
N LEU C 186 -6.80 2.78 -35.36
CA LEU C 186 -8.03 3.22 -34.70
C LEU C 186 -7.78 3.69 -33.28
N THR C 187 -6.88 3.00 -32.58
CA THR C 187 -6.50 3.40 -31.24
C THR C 187 -5.85 4.77 -31.29
N ASP C 188 -4.94 4.96 -32.25
CA ASP C 188 -4.29 6.25 -32.42
C ASP C 188 -5.30 7.37 -32.71
N TYR C 189 -6.25 7.09 -33.60
CA TYR C 189 -7.26 8.07 -33.95
C TYR C 189 -8.13 8.42 -32.74
N LEU C 190 -8.46 7.42 -31.94
CA LEU C 190 -9.26 7.64 -30.74
C LEU C 190 -8.49 8.53 -29.75
N MET C 191 -7.19 8.29 -29.65
CA MET C 191 -6.32 9.15 -28.85
C MET C 191 -6.36 10.58 -29.34
N LYS C 192 -6.29 10.75 -30.66
CA LYS C 192 -6.32 12.08 -31.27
C LYS C 192 -7.63 12.82 -30.97
N ILE C 193 -8.76 12.16 -31.17
CA ILE C 193 -10.03 12.84 -30.94
C ILE C 193 -10.35 13.07 -29.47
N LEU C 194 -9.92 12.16 -28.60
CA LEU C 194 -10.06 12.39 -27.16
C LEU C 194 -9.17 13.55 -26.69
N THR C 195 -7.98 13.65 -27.28
CA THR C 195 -7.07 14.77 -27.00
C THR C 195 -7.68 16.10 -27.45
N GLU C 196 -8.30 16.09 -28.62
CA GLU C 196 -9.01 17.26 -29.13
C GLU C 196 -10.12 17.70 -28.16
N ARG C 197 -10.72 16.73 -27.48
CA ARG C 197 -11.73 16.98 -26.46
C ARG C 197 -11.18 17.64 -25.18
N GLY C 198 -9.87 17.59 -24.99
CA GLY C 198 -9.28 18.17 -23.79
C GLY C 198 -8.75 17.17 -22.77
N TYR C 199 -8.86 15.89 -23.08
CA TYR C 199 -8.24 14.85 -22.25
C TYR C 199 -6.85 14.55 -22.82
N SER C 200 -5.83 14.53 -21.97
CA SER C 200 -4.49 14.31 -22.50
C SER C 200 -4.14 12.83 -22.45
N PHE C 201 -3.89 12.26 -23.62
CA PHE C 201 -3.48 10.87 -23.75
C PHE C 201 -2.18 10.76 -24.54
N VAL C 202 -1.10 11.33 -24.03
CA VAL C 202 0.17 11.30 -24.75
C VAL C 202 1.04 10.10 -24.41
N THR C 203 0.96 9.65 -23.16
CA THR C 203 1.81 8.58 -22.66
C THR C 203 1.38 7.19 -23.15
N THR C 204 2.33 6.25 -23.17
CA THR C 204 2.09 4.88 -23.57
C THR C 204 1.00 4.19 -22.73
N ALA C 205 1.04 4.43 -21.43
CA ALA C 205 0.05 3.90 -20.50
C ALA C 205 -1.31 4.46 -20.88
N GLU C 206 -1.32 5.75 -21.19
CA GLU C 206 -2.53 6.41 -21.65
C GLU C 206 -3.00 5.81 -22.97
N ARG C 207 -2.06 5.43 -23.84
CA ARG C 207 -2.41 4.77 -25.09
C ARG C 207 -3.11 3.43 -24.84
N GLU C 208 -2.60 2.68 -23.86
CA GLU C 208 -3.22 1.41 -23.50
C GLU C 208 -4.62 1.64 -22.96
N ILE C 209 -4.77 2.68 -22.15
CA ILE C 209 -6.07 3.05 -21.61
C ILE C 209 -7.05 3.39 -22.72
N VAL C 210 -6.60 4.15 -23.71
CA VAL C 210 -7.43 4.51 -24.85
C VAL C 210 -7.82 3.26 -25.63
N ARG C 211 -6.89 2.32 -25.75
CA ARG C 211 -7.17 1.06 -26.43
C ARG C 211 -8.29 0.34 -25.70
N ASP C 212 -8.22 0.32 -24.37
CA ASP C 212 -9.27 -0.31 -23.56
C ASP C 212 -10.61 0.40 -23.74
N ILE C 213 -10.59 1.73 -23.81
CA ILE C 213 -11.78 2.52 -24.07
C ILE C 213 -12.40 2.12 -25.40
N LYS C 214 -11.54 1.94 -26.41
CA LYS C 214 -11.97 1.56 -27.74
C LYS C 214 -12.64 0.20 -27.70
N GLU C 215 -12.00 -0.76 -27.02
CA GLU C 215 -12.53 -2.12 -26.95
C GLU C 215 -13.85 -2.20 -26.17
N LYS C 216 -13.96 -1.42 -25.10
CA LYS C 216 -15.15 -1.47 -24.24
C LYS C 216 -16.36 -0.63 -24.65
N LEU C 217 -16.10 0.55 -25.22
CA LEU C 217 -17.16 1.55 -25.41
C LEU C 217 -17.51 1.92 -26.85
N CYS C 218 -16.65 1.58 -27.79
CA CYS C 218 -16.89 1.96 -29.19
C CYS C 218 -17.87 1.05 -29.90
N TYR C 219 -18.52 1.60 -30.93
CA TYR C 219 -19.46 0.86 -31.76
C TYR C 219 -19.58 1.52 -33.13
N VAL C 220 -20.09 0.79 -34.11
CA VAL C 220 -20.25 1.33 -35.46
C VAL C 220 -21.68 1.79 -35.69
N ALA C 221 -21.84 3.07 -36.01
CA ALA C 221 -23.16 3.64 -36.24
C ALA C 221 -23.75 3.12 -37.55
N LEU C 222 -25.05 2.83 -37.53
CA LEU C 222 -25.73 2.35 -38.73
C LEU C 222 -25.88 3.51 -39.71
N ASP C 223 -26.21 4.68 -39.17
CA ASP C 223 -26.29 5.89 -39.96
C ASP C 223 -25.46 6.94 -39.25
N PHE C 224 -24.29 7.25 -39.81
CA PHE C 224 -23.30 8.11 -39.15
C PHE C 224 -23.80 9.53 -38.88
N GLU C 225 -24.45 10.13 -39.87
CA GLU C 225 -24.95 11.49 -39.74
C GLU C 225 -26.03 11.60 -38.67
N ASN C 226 -26.94 10.62 -38.67
CA ASN C 226 -28.01 10.56 -37.70
C ASN C 226 -27.48 10.39 -36.29
N GLU C 227 -26.43 9.59 -36.17
CA GLU C 227 -25.79 9.34 -34.87
C GLU C 227 -25.04 10.58 -34.38
N MET C 228 -24.44 11.32 -35.31
CA MET C 228 -23.81 12.60 -34.98
C MET C 228 -24.87 13.58 -34.46
N ALA C 229 -26.03 13.57 -35.11
CA ALA C 229 -27.13 14.45 -34.73
C ALA C 229 -27.70 14.10 -33.36
N THR C 230 -27.84 12.80 -33.10
CA THR C 230 -28.28 12.31 -31.80
C THR C 230 -27.29 12.70 -30.72
N ALA C 231 -26.00 12.58 -31.04
CA ALA C 231 -24.94 12.92 -30.10
C ALA C 231 -24.94 14.41 -29.79
N ALA C 232 -25.34 15.22 -30.78
CA ALA C 232 -25.42 16.66 -30.59
C ALA C 232 -26.71 17.08 -29.88
N SER C 233 -27.75 16.26 -29.98
CA SER C 233 -29.05 16.59 -29.42
C SER C 233 -29.22 16.30 -27.93
N SER C 234 -28.54 15.28 -27.42
CA SER C 234 -28.73 14.86 -26.04
C SER C 234 -27.52 14.10 -25.49
N SER C 235 -27.55 13.83 -24.19
CA SER C 235 -26.47 13.08 -23.54
C SER C 235 -26.74 11.58 -23.59
N SER C 236 -27.71 11.18 -24.40
CA SER C 236 -28.15 9.78 -24.45
C SER C 236 -27.06 8.82 -24.92
N LEU C 237 -26.21 9.27 -25.85
CA LEU C 237 -25.13 8.41 -26.34
C LEU C 237 -23.89 8.42 -25.47
N GLU C 238 -23.73 9.47 -24.67
CA GLU C 238 -22.58 9.62 -23.78
C GLU C 238 -22.43 8.43 -22.82
N LYS C 239 -21.19 8.02 -22.59
CA LYS C 239 -20.90 6.93 -21.67
C LYS C 239 -19.74 7.37 -20.78
N SER C 240 -19.53 6.69 -19.66
CA SER C 240 -18.45 7.08 -18.74
C SER C 240 -17.42 5.97 -18.50
N TYR C 241 -16.15 6.37 -18.54
CA TYR C 241 -15.04 5.44 -18.31
C TYR C 241 -14.21 5.87 -17.10
N GLU C 242 -13.97 4.92 -16.20
CA GLU C 242 -13.18 5.16 -15.00
C GLU C 242 -11.73 4.73 -15.21
N LEU C 243 -10.82 5.69 -15.14
CA LEU C 243 -9.40 5.42 -15.32
C LEU C 243 -8.86 4.61 -14.15
N PRO C 244 -7.70 3.96 -14.32
CA PRO C 244 -7.09 3.21 -13.22
C PRO C 244 -6.78 4.04 -11.98
N ASP C 245 -6.40 5.30 -12.18
CA ASP C 245 -6.17 6.22 -11.08
C ASP C 245 -7.47 6.65 -10.40
N GLY C 246 -8.59 6.10 -10.86
CA GLY C 246 -9.90 6.46 -10.33
C GLY C 246 -10.49 7.73 -10.90
N GLN C 247 -9.73 8.40 -11.75
CA GLN C 247 -10.26 9.54 -12.50
C GLN C 247 -11.39 9.09 -13.41
N VAL C 248 -12.42 9.93 -13.57
CA VAL C 248 -13.54 9.56 -14.43
C VAL C 248 -13.71 10.49 -15.64
N ILE C 249 -13.82 9.92 -16.83
CA ILE C 249 -13.97 10.70 -18.05
C ILE C 249 -15.26 10.35 -18.78
N THR C 250 -15.78 11.28 -19.57
CA THR C 250 -17.02 11.07 -20.32
C THR C 250 -16.71 11.07 -21.81
N ILE C 251 -17.18 10.05 -22.51
CA ILE C 251 -16.97 9.91 -23.95
C ILE C 251 -18.29 9.94 -24.72
N GLY C 252 -18.34 10.74 -25.77
CA GLY C 252 -19.55 10.93 -26.54
C GLY C 252 -19.54 10.33 -27.94
N ASN C 253 -19.36 11.17 -28.95
CA ASN C 253 -19.38 10.70 -30.33
C ASN C 253 -18.13 9.92 -30.72
N GLU C 254 -17.08 10.06 -29.92
CA GLU C 254 -15.83 9.34 -30.14
C GLU C 254 -16.08 7.83 -30.18
N ARG C 255 -17.14 7.40 -29.51
CA ARG C 255 -17.53 5.99 -29.50
C ARG C 255 -17.73 5.45 -30.92
N PHE C 256 -18.36 6.25 -31.78
CA PHE C 256 -18.61 5.79 -33.14
C PHE C 256 -17.79 6.48 -34.22
N ARG C 257 -17.20 7.62 -33.89
CA ARG C 257 -16.33 8.30 -34.83
C ARG C 257 -15.03 7.52 -35.07
N CYS C 258 -14.54 6.88 -34.01
CA CYS C 258 -13.33 6.07 -34.10
C CYS C 258 -13.39 4.92 -35.13
N PRO C 259 -14.37 4.01 -34.99
CA PRO C 259 -14.38 2.91 -35.96
C PRO C 259 -15.00 3.31 -37.29
N GLU C 260 -15.61 4.49 -37.34
CA GLU C 260 -16.15 5.01 -38.60
C GLU C 260 -15.04 5.17 -39.65
N THR C 261 -13.81 5.32 -39.16
CA THR C 261 -12.63 5.44 -40.00
C THR C 261 -12.50 4.26 -40.96
N LEU C 262 -12.97 3.09 -40.53
CA LEU C 262 -12.94 1.89 -41.37
C LEU C 262 -13.77 2.09 -42.64
N PHE C 263 -14.86 2.85 -42.52
CA PHE C 263 -15.73 3.09 -43.66
C PHE C 263 -15.36 4.39 -44.37
N GLN C 264 -14.73 5.30 -43.64
CA GLN C 264 -14.27 6.57 -44.19
C GLN C 264 -12.83 6.80 -43.78
N PRO C 265 -11.87 6.14 -44.46
CA PRO C 265 -10.45 6.25 -44.10
C PRO C 265 -9.92 7.69 -44.20
N SER C 266 -10.63 8.55 -44.92
CA SER C 266 -10.28 9.96 -45.04
C SER C 266 -10.23 10.66 -43.69
N PHE C 267 -10.84 10.04 -42.68
CA PHE C 267 -10.83 10.54 -41.31
C PHE C 267 -9.41 10.62 -40.76
N ILE C 268 -8.52 9.76 -41.27
CA ILE C 268 -7.13 9.81 -40.84
C ILE C 268 -6.22 10.22 -41.99
N GLY C 269 -6.80 10.84 -43.01
CA GLY C 269 -6.04 11.39 -44.11
C GLY C 269 -5.69 10.39 -45.20
N MET C 270 -6.33 9.23 -45.18
CA MET C 270 -6.10 8.24 -46.22
C MET C 270 -7.03 8.42 -47.43
N GLU C 271 -6.51 8.17 -48.62
CA GLU C 271 -7.27 8.30 -49.85
C GLU C 271 -7.97 7.00 -50.23
N SER C 272 -7.64 5.93 -49.51
CA SER C 272 -8.18 4.60 -49.76
C SER C 272 -9.70 4.54 -49.63
N ALA C 273 -10.30 3.62 -50.37
CA ALA C 273 -11.71 3.32 -50.23
C ALA C 273 -11.98 2.64 -48.90
N GLY C 274 -13.22 2.69 -48.44
CA GLY C 274 -13.57 2.04 -47.19
C GLY C 274 -13.68 0.54 -47.33
N ILE C 275 -13.84 -0.16 -46.22
CA ILE C 275 -13.82 -1.62 -46.22
C ILE C 275 -14.99 -2.20 -47.02
N HIS C 276 -16.10 -1.46 -47.07
CA HIS C 276 -17.25 -1.89 -47.84
C HIS C 276 -16.97 -1.76 -49.34
N GLU C 277 -16.30 -0.66 -49.71
CA GLU C 277 -15.96 -0.42 -51.11
C GLU C 277 -14.90 -1.40 -51.59
N THR C 278 -13.95 -1.71 -50.72
CA THR C 278 -12.90 -2.70 -51.05
C THR C 278 -13.47 -4.11 -51.10
N THR C 279 -14.46 -4.40 -50.26
CA THR C 279 -15.18 -5.67 -50.32
C THR C 279 -15.86 -5.79 -51.68
N TYR C 280 -16.58 -4.74 -52.05
CA TYR C 280 -17.26 -4.70 -53.34
C TYR C 280 -16.29 -4.87 -54.51
N ASN C 281 -15.17 -4.14 -54.47
CA ASN C 281 -14.16 -4.22 -55.52
C ASN C 281 -13.56 -5.62 -55.63
N SER C 282 -13.31 -6.22 -54.47
CA SER C 282 -12.78 -7.57 -54.41
C SER C 282 -13.75 -8.56 -55.05
N ILE C 283 -15.03 -8.41 -54.71
CA ILE C 283 -16.07 -9.25 -55.32
C ILE C 283 -16.12 -9.06 -56.83
N MET C 284 -15.99 -7.81 -57.28
CA MET C 284 -16.05 -7.52 -58.71
C MET C 284 -14.84 -8.04 -59.48
N LYS C 285 -13.69 -8.15 -58.83
CA LYS C 285 -12.51 -8.68 -59.52
C LYS C 285 -12.60 -10.18 -59.74
N CYS C 286 -13.56 -10.82 -59.08
CA CYS C 286 -13.76 -12.26 -59.24
C CYS C 286 -14.69 -12.53 -60.40
N ASP C 287 -14.65 -13.77 -60.90
CA ASP C 287 -15.53 -14.18 -61.99
C ASP C 287 -16.99 -13.99 -61.62
N ILE C 288 -17.79 -13.58 -62.60
CA ILE C 288 -19.18 -13.20 -62.39
C ILE C 288 -20.00 -14.37 -61.83
N ASP C 289 -19.64 -15.58 -62.26
CA ASP C 289 -20.34 -16.78 -61.87
C ASP C 289 -20.26 -17.06 -60.37
N ILE C 290 -19.18 -16.64 -59.73
CA ILE C 290 -18.98 -16.91 -58.30
C ILE C 290 -19.48 -15.75 -57.41
N ARG C 291 -19.81 -14.63 -58.03
CA ARG C 291 -20.16 -13.44 -57.26
C ARG C 291 -21.33 -13.66 -56.32
N LYS C 292 -22.34 -14.38 -56.80
CA LYS C 292 -23.49 -14.71 -55.95
C LYS C 292 -23.06 -15.47 -54.71
N ASP C 293 -22.18 -16.45 -54.89
CA ASP C 293 -21.64 -17.22 -53.77
C ASP C 293 -20.83 -16.37 -52.80
N LEU C 294 -20.13 -15.37 -53.32
CA LEU C 294 -19.35 -14.46 -52.47
C LEU C 294 -20.23 -13.51 -51.67
N TYR C 295 -21.27 -12.96 -52.31
CA TYR C 295 -22.15 -12.00 -51.65
C TYR C 295 -22.89 -12.63 -50.48
N ALA C 296 -23.27 -13.89 -50.65
CA ALA C 296 -24.05 -14.60 -49.65
C ALA C 296 -23.20 -15.14 -48.52
N ASN C 297 -21.88 -14.97 -48.63
CA ASN C 297 -20.97 -15.48 -47.61
C ASN C 297 -19.84 -14.52 -47.26
N ASN C 298 -20.18 -13.43 -46.59
CA ASN C 298 -19.17 -12.52 -46.05
C ASN C 298 -18.83 -12.91 -44.63
N VAL C 299 -17.61 -13.41 -44.42
CA VAL C 299 -17.21 -13.78 -43.07
C VAL C 299 -16.25 -12.73 -42.52
N MET C 300 -16.55 -12.20 -41.34
CA MET C 300 -15.69 -11.21 -40.71
C MET C 300 -14.89 -11.83 -39.58
N SER C 301 -13.58 -11.54 -39.56
CA SER C 301 -12.70 -12.08 -38.54
C SER C 301 -11.66 -11.07 -38.12
N GLY C 302 -11.16 -11.21 -36.90
CA GLY C 302 -10.15 -10.31 -36.37
C GLY C 302 -10.76 -9.40 -35.34
N GLY C 303 -9.91 -8.84 -34.48
CA GLY C 303 -10.36 -8.01 -33.39
C GLY C 303 -11.06 -6.73 -33.82
N THR C 304 -10.65 -6.18 -34.96
CA THR C 304 -11.17 -4.88 -35.38
C THR C 304 -12.57 -5.03 -35.99
N THR C 305 -13.05 -6.26 -36.09
CA THR C 305 -14.42 -6.50 -36.53
C THR C 305 -15.35 -6.73 -35.33
N MET C 306 -14.83 -6.53 -34.12
CA MET C 306 -15.59 -6.80 -32.90
C MET C 306 -16.55 -5.70 -32.48
N TYR C 307 -16.45 -4.54 -33.13
CA TYR C 307 -17.32 -3.40 -32.80
C TYR C 307 -18.78 -3.79 -33.01
N PRO C 308 -19.62 -3.56 -31.99
CA PRO C 308 -21.06 -3.78 -32.17
C PRO C 308 -21.61 -2.94 -33.31
N GLY C 309 -22.45 -3.53 -34.15
CA GLY C 309 -23.08 -2.80 -35.24
C GLY C 309 -22.35 -2.82 -36.57
N ILE C 310 -21.13 -3.36 -36.60
CA ILE C 310 -20.33 -3.33 -37.82
C ILE C 310 -20.89 -4.24 -38.91
N ALA C 311 -21.48 -5.35 -38.49
CA ALA C 311 -22.05 -6.31 -39.43
C ALA C 311 -23.27 -5.72 -40.13
N ASP C 312 -24.10 -5.03 -39.35
CA ASP C 312 -25.32 -4.41 -39.85
C ASP C 312 -24.99 -3.27 -40.82
N ARG C 313 -23.98 -2.48 -40.47
CA ARG C 313 -23.53 -1.37 -41.31
C ARG C 313 -22.99 -1.92 -42.61
N MET C 314 -22.21 -2.99 -42.51
CA MET C 314 -21.63 -3.63 -43.67
C MET C 314 -22.73 -4.16 -44.58
N GLN C 315 -23.76 -4.74 -43.96
CA GLN C 315 -24.93 -5.22 -44.69
C GLN C 315 -25.56 -4.08 -45.47
N LYS C 316 -25.74 -2.94 -44.80
CA LYS C 316 -26.37 -1.78 -45.43
C LYS C 316 -25.57 -1.24 -46.62
N GLU C 317 -24.25 -1.11 -46.43
CA GLU C 317 -23.39 -0.54 -47.47
C GLU C 317 -23.26 -1.47 -48.66
N ILE C 318 -23.03 -2.76 -48.40
CA ILE C 318 -22.93 -3.75 -49.46
C ILE C 318 -24.25 -3.87 -50.23
N THR C 319 -25.37 -3.84 -49.50
CA THR C 319 -26.68 -3.83 -50.14
C THR C 319 -26.80 -2.60 -51.04
N ALA C 320 -26.25 -1.48 -50.57
CA ALA C 320 -26.28 -0.24 -51.34
C ALA C 320 -25.41 -0.29 -52.60
N LEU C 321 -24.34 -1.09 -52.57
CA LEU C 321 -23.42 -1.21 -53.70
C LEU C 321 -23.79 -2.30 -54.70
N ALA C 322 -24.36 -3.40 -54.19
CA ALA C 322 -24.63 -4.57 -55.02
C ALA C 322 -25.90 -4.39 -55.86
N PRO C 323 -26.10 -5.27 -56.86
CA PRO C 323 -27.37 -5.25 -57.61
C PRO C 323 -28.58 -5.37 -56.69
N SER C 324 -29.68 -4.73 -57.08
CA SER C 324 -30.87 -4.63 -56.25
C SER C 324 -31.43 -5.97 -55.80
N THR C 325 -31.27 -7.00 -56.63
CA THR C 325 -31.84 -8.32 -56.35
C THR C 325 -30.85 -9.29 -55.71
N MET C 326 -29.62 -8.84 -55.49
CA MET C 326 -28.58 -9.72 -54.95
C MET C 326 -28.84 -10.06 -53.49
N LYS C 327 -28.69 -11.34 -53.15
CA LYS C 327 -28.83 -11.78 -51.77
C LYS C 327 -27.54 -11.50 -51.01
N ILE C 328 -27.63 -10.72 -49.93
CA ILE C 328 -26.46 -10.36 -49.16
C ILE C 328 -26.55 -10.94 -47.75
N LYS C 329 -25.51 -11.61 -47.30
CA LYS C 329 -25.48 -12.14 -45.94
C LYS C 329 -24.12 -11.87 -45.31
N ILE C 330 -24.12 -11.20 -44.16
CA ILE C 330 -22.89 -10.92 -43.44
C ILE C 330 -22.77 -11.85 -42.23
N ILE C 331 -21.68 -12.59 -42.18
CA ILE C 331 -21.46 -13.53 -41.08
C ILE C 331 -20.40 -13.03 -40.10
N ALA C 332 -20.81 -12.79 -38.86
CA ALA C 332 -19.91 -12.24 -37.86
C ALA C 332 -20.24 -12.81 -36.49
N PRO C 333 -19.77 -14.04 -36.23
CA PRO C 333 -20.05 -14.72 -34.96
C PRO C 333 -19.30 -14.06 -33.81
N PRO C 334 -19.77 -14.25 -32.57
CA PRO C 334 -19.12 -13.62 -31.41
C PRO C 334 -17.67 -14.08 -31.23
N GLU C 335 -17.35 -15.28 -31.69
CA GLU C 335 -16.01 -15.84 -31.48
C GLU C 335 -15.00 -15.33 -32.51
N ARG C 336 -15.45 -14.46 -33.40
CA ARG C 336 -14.67 -14.09 -34.59
C ARG C 336 -13.27 -13.54 -34.31
N LYS C 337 -13.08 -12.98 -33.11
CA LYS C 337 -11.80 -12.37 -32.74
C LYS C 337 -10.70 -13.41 -32.81
N TYR C 338 -11.07 -14.66 -32.64
CA TYR C 338 -10.10 -15.74 -32.66
C TYR C 338 -10.40 -16.76 -33.74
N SER C 339 -11.32 -16.41 -34.66
CA SER C 339 -11.84 -17.44 -35.56
C SER C 339 -10.73 -18.02 -36.44
N VAL C 340 -9.76 -17.18 -36.80
CA VAL C 340 -8.60 -17.63 -37.57
C VAL C 340 -8.02 -18.83 -36.86
N TRP C 341 -7.62 -18.61 -35.61
CA TRP C 341 -7.00 -19.67 -34.82
C TRP C 341 -7.94 -20.85 -34.75
N ILE C 342 -9.22 -20.57 -34.50
CA ILE C 342 -10.19 -21.64 -34.32
C ILE C 342 -10.22 -22.50 -35.56
N GLY C 343 -10.19 -21.84 -36.72
CA GLY C 343 -10.24 -22.54 -37.98
C GLY C 343 -9.09 -23.52 -38.01
N GLY C 344 -7.90 -23.02 -37.67
CA GLY C 344 -6.71 -23.84 -37.68
C GLY C 344 -6.89 -25.02 -36.76
N SER C 345 -7.41 -24.75 -35.56
CA SER C 345 -7.60 -25.78 -34.55
C SER C 345 -8.48 -26.89 -35.12
N ILE C 346 -9.50 -26.48 -35.87
CA ILE C 346 -10.37 -27.47 -36.49
C ILE C 346 -9.62 -28.22 -37.58
N LEU C 347 -8.96 -27.47 -38.47
CA LEU C 347 -8.36 -28.07 -39.65
C LEU C 347 -7.32 -29.11 -39.28
N ALA C 348 -6.47 -28.77 -38.32
CA ALA C 348 -5.39 -29.65 -37.88
C ALA C 348 -5.92 -30.85 -37.09
N SER C 349 -7.19 -30.79 -36.69
CA SER C 349 -7.77 -31.89 -35.91
C SER C 349 -8.60 -32.81 -36.78
N LEU C 350 -8.74 -32.48 -38.06
CA LEU C 350 -9.45 -33.35 -38.97
C LEU C 350 -8.59 -34.55 -39.32
N SER C 351 -9.24 -35.71 -39.37
CA SER C 351 -8.60 -36.96 -39.72
C SER C 351 -8.06 -36.94 -41.15
N THR C 352 -8.83 -36.33 -42.06
CA THR C 352 -8.48 -36.28 -43.47
C THR C 352 -7.27 -35.37 -43.73
N PHE C 353 -6.96 -34.55 -42.74
CA PHE C 353 -5.81 -33.64 -42.78
C PHE C 353 -4.48 -34.36 -42.56
N GLN C 354 -4.52 -35.56 -42.01
CA GLN C 354 -3.31 -36.26 -41.57
C GLN C 354 -2.30 -36.49 -42.70
N GLN C 355 -2.79 -36.72 -43.91
CA GLN C 355 -1.90 -36.84 -45.08
C GLN C 355 -1.27 -35.50 -45.47
N MET C 356 -1.94 -34.40 -45.13
CA MET C 356 -1.57 -33.06 -45.60
C MET C 356 -0.31 -32.45 -44.99
N TRP C 357 0.06 -32.88 -43.80
CA TRP C 357 1.24 -32.35 -43.11
C TRP C 357 2.48 -32.50 -43.99
N ILE C 358 3.38 -31.52 -43.95
CA ILE C 358 4.69 -31.68 -44.55
C ILE C 358 5.56 -32.37 -43.53
N THR C 359 5.99 -33.59 -43.83
CA THR C 359 6.82 -34.36 -42.91
C THR C 359 8.25 -33.89 -42.98
N LYS C 360 9.01 -34.14 -41.91
CA LYS C 360 10.40 -33.74 -41.84
C LYS C 360 11.18 -34.44 -42.94
N GLN C 361 10.78 -35.65 -43.28
CA GLN C 361 11.40 -36.41 -44.36
C GLN C 361 11.18 -35.73 -45.71
N GLU C 362 9.94 -35.28 -45.97
CA GLU C 362 9.61 -34.62 -47.23
C GLU C 362 10.44 -33.34 -47.36
N TYR C 363 10.56 -32.61 -46.25
CA TYR C 363 11.35 -31.39 -46.23
C TYR C 363 12.81 -31.77 -46.49
N ASP C 364 13.24 -32.91 -45.96
CA ASP C 364 14.61 -33.34 -46.19
C ASP C 364 14.85 -33.59 -47.66
N GLU C 365 13.86 -34.18 -48.33
CA GLU C 365 13.95 -34.46 -49.76
C GLU C 365 13.90 -33.25 -50.70
N ALA C 366 12.98 -32.32 -50.42
CA ALA C 366 12.71 -31.21 -51.34
C ALA C 366 13.18 -29.82 -50.89
N GLY C 367 13.45 -29.67 -49.60
CA GLY C 367 13.82 -28.40 -49.00
C GLY C 367 12.64 -27.46 -48.82
N PRO C 368 12.91 -26.16 -48.67
CA PRO C 368 11.88 -25.11 -48.52
C PRO C 368 10.86 -25.11 -49.66
N SER C 369 11.27 -25.64 -50.81
CA SER C 369 10.43 -25.65 -52.01
C SER C 369 9.11 -26.39 -51.84
N ILE C 370 9.11 -27.41 -50.98
CA ILE C 370 7.98 -28.33 -50.84
C ILE C 370 6.68 -27.67 -50.38
N VAL C 371 6.77 -26.58 -49.63
CA VAL C 371 5.60 -25.92 -49.05
C VAL C 371 4.59 -25.46 -50.10
N HIS C 372 5.11 -25.01 -51.25
CA HIS C 372 4.25 -24.50 -52.32
C HIS C 372 3.35 -25.59 -52.89
N ARG C 373 3.88 -26.79 -53.12
CA ARG C 373 3.09 -27.89 -53.65
C ARG C 373 2.13 -28.41 -52.59
N LYS C 374 2.64 -28.61 -51.37
CA LYS C 374 1.88 -29.22 -50.29
C LYS C 374 0.82 -28.31 -49.64
N CYS C 375 1.08 -27.00 -49.60
CA CYS C 375 0.14 -26.09 -48.94
C CYS C 375 -0.53 -25.15 -49.94
N PHE C 376 -1.86 -25.17 -49.96
CA PHE C 376 -2.63 -24.35 -50.90
C PHE C 376 -4.10 -24.18 -50.48
N THR D 7 30.05 -31.78 23.64
CA THR D 7 30.83 -31.47 22.45
C THR D 7 29.92 -31.44 21.21
N ALA D 8 29.98 -30.34 20.46
CA ALA D 8 29.16 -30.20 19.27
C ALA D 8 29.71 -30.94 18.06
N LEU D 9 28.81 -31.26 17.12
CA LEU D 9 29.16 -31.90 15.86
C LEU D 9 29.06 -30.94 14.69
N VAL D 10 29.84 -31.18 13.64
CA VAL D 10 29.79 -30.37 12.43
C VAL D 10 29.62 -31.27 11.20
N CYS D 11 28.55 -31.03 10.44
CA CYS D 11 28.20 -31.82 9.26
C CYS D 11 27.96 -31.00 7.99
N ASP D 12 28.86 -31.17 7.03
CA ASP D 12 28.78 -30.55 5.71
C ASP D 12 28.26 -31.55 4.68
N ASN D 13 27.04 -31.32 4.21
CA ASN D 13 26.33 -32.24 3.33
C ASN D 13 26.61 -31.97 1.85
N GLY D 14 27.70 -32.51 1.34
CA GLY D 14 28.09 -32.29 -0.04
C GLY D 14 27.35 -33.13 -1.06
N SER D 15 27.34 -32.67 -2.31
CA SER D 15 26.73 -33.42 -3.41
C SER D 15 27.50 -34.71 -3.68
N GLY D 16 28.79 -34.67 -3.43
CA GLY D 16 29.65 -35.82 -3.67
C GLY D 16 30.16 -36.42 -2.37
N LEU D 17 30.61 -35.56 -1.46
CA LEU D 17 31.21 -36.01 -0.22
C LEU D 17 30.59 -35.34 1.00
N VAL D 18 30.23 -36.15 1.98
CA VAL D 18 29.85 -35.69 3.30
C VAL D 18 31.10 -35.52 4.15
N LYS D 19 31.26 -34.34 4.73
CA LYS D 19 32.34 -34.10 5.67
C LYS D 19 31.76 -33.95 7.08
N ALA D 20 32.19 -34.80 8.01
CA ALA D 20 31.61 -34.80 9.35
C ALA D 20 32.69 -34.86 10.42
N GLY D 21 32.45 -34.22 11.55
CA GLY D 21 33.40 -34.25 12.64
C GLY D 21 32.94 -33.53 13.90
N PHE D 22 33.90 -33.21 14.77
CA PHE D 22 33.61 -32.56 16.04
C PHE D 22 34.03 -31.09 16.01
N ALA D 23 33.22 -30.23 16.62
CA ALA D 23 33.53 -28.81 16.71
C ALA D 23 34.86 -28.62 17.45
N GLY D 24 35.71 -27.72 16.97
CA GLY D 24 36.98 -27.48 17.60
C GLY D 24 38.14 -28.23 16.96
N ASP D 25 37.82 -29.23 16.15
CA ASP D 25 38.83 -30.05 15.47
C ASP D 25 39.38 -29.37 14.20
N ASP D 26 40.63 -29.67 13.88
CA ASP D 26 41.32 -29.05 12.75
C ASP D 26 40.84 -29.61 11.40
N ALA D 27 40.36 -30.84 11.43
CA ALA D 27 39.91 -31.52 10.22
C ALA D 27 38.69 -32.38 10.51
N PRO D 28 37.87 -32.64 9.47
CA PRO D 28 36.70 -33.50 9.69
C PRO D 28 37.15 -34.90 10.05
N ARG D 29 36.49 -35.51 11.05
CA ARG D 29 36.86 -36.85 11.47
C ARG D 29 36.55 -37.86 10.38
N ALA D 30 35.44 -37.68 9.70
CA ALA D 30 35.03 -38.61 8.64
C ALA D 30 34.63 -37.89 7.36
N VAL D 31 35.16 -38.36 6.24
CA VAL D 31 34.78 -37.84 4.93
C VAL D 31 34.43 -39.02 4.03
N PHE D 32 33.19 -39.04 3.51
CA PHE D 32 32.77 -40.20 2.72
C PHE D 32 31.76 -39.82 1.63
N PRO D 33 31.71 -40.58 0.52
CA PRO D 33 30.78 -40.17 -0.55
C PRO D 33 29.32 -40.27 -0.11
N SER D 34 28.51 -39.31 -0.54
CA SER D 34 27.11 -39.24 -0.15
C SER D 34 26.18 -40.02 -1.09
N ILE D 35 26.23 -41.34 -1.01
CA ILE D 35 25.39 -42.19 -1.86
C ILE D 35 24.59 -43.18 -1.01
N VAL D 36 23.41 -43.53 -1.48
CA VAL D 36 22.58 -44.54 -0.81
C VAL D 36 22.26 -45.73 -1.72
N GLY D 37 22.53 -46.93 -1.22
CA GLY D 37 22.35 -48.14 -2.00
C GLY D 37 21.19 -49.00 -1.55
N ARG D 38 20.36 -49.42 -2.49
CA ARG D 38 19.22 -50.28 -2.17
C ARG D 38 19.19 -51.54 -3.04
N SER D 53 19.92 -51.56 3.09
CA SER D 53 20.39 -50.26 2.63
C SER D 53 21.87 -50.07 2.96
N TYR D 54 22.63 -49.54 2.00
CA TYR D 54 24.05 -49.33 2.16
C TYR D 54 24.44 -47.88 1.87
N VAL D 55 25.36 -47.34 2.66
CA VAL D 55 25.77 -45.93 2.51
C VAL D 55 27.27 -45.74 2.27
N GLY D 56 27.59 -44.83 1.35
CA GLY D 56 28.96 -44.41 1.07
C GLY D 56 29.89 -45.44 0.44
N ASP D 57 31.07 -45.61 1.03
CA ASP D 57 32.09 -46.49 0.48
C ASP D 57 31.57 -47.92 0.39
N GLU D 58 30.91 -48.35 1.46
CA GLU D 58 30.34 -49.69 1.56
C GLU D 58 29.27 -49.89 0.48
N ALA D 59 28.50 -48.84 0.21
CA ALA D 59 27.49 -48.85 -0.84
C ALA D 59 28.14 -48.97 -2.21
N GLN D 60 29.28 -48.29 -2.38
CA GLN D 60 30.05 -48.33 -3.62
C GLN D 60 30.62 -49.72 -3.87
N SER D 61 31.06 -50.38 -2.80
CA SER D 61 31.55 -51.75 -2.94
C SER D 61 30.44 -52.70 -3.39
N LYS D 62 29.24 -52.52 -2.84
CA LYS D 62 28.12 -53.38 -3.21
C LYS D 62 27.34 -52.80 -4.40
N ARG D 63 27.90 -51.76 -5.00
CA ARG D 63 27.26 -51.02 -6.09
C ARG D 63 26.79 -51.91 -7.25
N GLY D 64 27.54 -52.97 -7.53
CA GLY D 64 27.18 -53.90 -8.59
C GLY D 64 25.89 -54.65 -8.35
N ILE D 65 25.71 -55.16 -7.13
CA ILE D 65 24.53 -55.94 -6.79
C ILE D 65 23.25 -55.13 -6.72
N LEU D 66 23.36 -53.89 -6.24
CA LEU D 66 22.20 -53.04 -6.02
C LEU D 66 22.35 -51.65 -6.64
N THR D 67 21.24 -51.04 -7.03
CA THR D 67 21.26 -49.69 -7.60
C THR D 67 21.48 -48.58 -6.57
N LEU D 68 22.23 -47.55 -6.98
CA LEU D 68 22.65 -46.48 -6.09
C LEU D 68 22.00 -45.14 -6.45
N LYS D 69 21.53 -44.44 -5.43
CA LYS D 69 20.90 -43.14 -5.62
C LYS D 69 21.62 -42.04 -4.83
N TYR D 70 21.82 -40.92 -5.53
CA TYR D 70 22.41 -39.67 -5.03
C TYR D 70 21.34 -38.79 -4.39
N PRO D 71 21.28 -38.77 -3.04
CA PRO D 71 20.24 -37.99 -2.37
C PRO D 71 20.45 -36.49 -2.54
N ILE D 72 21.69 -36.02 -2.61
CA ILE D 72 21.92 -34.60 -2.77
C ILE D 72 22.47 -34.33 -4.16
N GLU D 73 21.72 -33.55 -4.94
CA GLU D 73 22.12 -33.17 -6.28
C GLU D 73 22.16 -31.65 -6.37
N HIS D 74 23.29 -31.13 -6.86
CA HIS D 74 23.50 -29.69 -6.98
C HIS D 74 23.31 -28.97 -5.64
N GLY D 75 23.69 -29.64 -4.56
CA GLY D 75 23.69 -29.04 -3.25
C GLY D 75 22.37 -29.04 -2.47
N ILE D 76 21.30 -29.51 -3.10
CA ILE D 76 20.00 -29.50 -2.44
C ILE D 76 19.47 -30.91 -2.19
N ILE D 77 19.02 -31.15 -0.96
CA ILE D 77 18.49 -32.45 -0.57
C ILE D 77 17.18 -32.74 -1.32
N THR D 78 17.13 -33.90 -1.98
CA THR D 78 15.95 -34.26 -2.77
C THR D 78 15.30 -35.56 -2.30
N ASN D 79 16.09 -36.43 -1.69
CA ASN D 79 15.55 -37.67 -1.16
C ASN D 79 15.74 -37.76 0.34
N TRP D 80 14.66 -37.52 1.08
CA TRP D 80 14.74 -37.37 2.53
C TRP D 80 14.97 -38.69 3.27
N ASP D 81 14.40 -39.78 2.75
CA ASP D 81 14.61 -41.10 3.34
C ASP D 81 16.09 -41.47 3.25
N ASP D 82 16.65 -41.25 2.06
CA ASP D 82 18.05 -41.54 1.80
C ASP D 82 18.94 -40.64 2.65
N MET D 83 18.49 -39.39 2.83
CA MET D 83 19.22 -38.43 3.65
C MET D 83 19.23 -38.88 5.10
N GLU D 84 18.11 -39.43 5.56
CA GLU D 84 18.02 -39.98 6.91
C GLU D 84 18.97 -41.15 7.06
N LYS D 85 19.09 -41.96 6.01
CA LYS D 85 20.04 -43.06 6.02
C LYS D 85 21.47 -42.55 6.15
N ILE D 86 21.78 -41.52 5.37
CA ILE D 86 23.11 -40.89 5.40
C ILE D 86 23.45 -40.31 6.76
N TRP D 87 22.48 -39.63 7.37
CA TRP D 87 22.69 -39.01 8.68
C TRP D 87 22.85 -40.07 9.76
N HIS D 88 22.07 -41.14 9.64
CA HIS D 88 22.19 -42.26 10.57
C HIS D 88 23.60 -42.85 10.49
N HIS D 89 24.08 -43.07 9.28
CA HIS D 89 25.42 -43.60 9.07
C HIS D 89 26.47 -42.65 9.64
N THR D 90 26.26 -41.35 9.44
CA THR D 90 27.15 -40.32 9.98
C THR D 90 27.25 -40.36 11.51
N PHE D 91 26.11 -40.35 12.18
CA PHE D 91 26.09 -40.35 13.64
C PHE D 91 26.65 -41.65 14.21
N TYR D 92 26.08 -42.78 13.78
CA TYR D 92 26.37 -44.06 14.40
C TYR D 92 27.65 -44.77 13.91
N ASN D 93 27.81 -44.87 12.60
CA ASN D 93 28.93 -45.60 11.99
C ASN D 93 30.25 -44.84 11.86
N GLU D 94 30.19 -43.59 11.43
CA GLU D 94 31.40 -42.82 11.14
C GLU D 94 31.99 -42.15 12.38
N LEU D 95 31.15 -41.46 13.13
CA LEU D 95 31.60 -40.70 14.30
C LEU D 95 31.49 -41.48 15.61
N ARG D 96 30.68 -42.55 15.61
CA ARG D 96 30.46 -43.37 16.81
C ARG D 96 29.94 -42.55 17.99
N VAL D 97 28.85 -41.84 17.78
CA VAL D 97 28.25 -41.04 18.83
C VAL D 97 26.75 -41.26 18.94
N ALA D 98 26.18 -40.82 20.06
CA ALA D 98 24.74 -40.81 20.25
C ALA D 98 24.24 -39.41 19.94
N PRO D 99 23.38 -39.29 18.92
CA PRO D 99 22.92 -37.99 18.41
C PRO D 99 22.21 -37.14 19.46
N GLU D 100 21.57 -37.78 20.44
CA GLU D 100 20.91 -37.05 21.52
C GLU D 100 21.90 -36.38 22.48
N GLU D 101 23.18 -36.69 22.33
CA GLU D 101 24.21 -36.16 23.22
C GLU D 101 25.01 -34.98 22.66
N HIS D 102 24.67 -34.53 21.45
CA HIS D 102 25.48 -33.50 20.81
C HIS D 102 24.67 -32.48 20.00
N PRO D 103 24.91 -31.19 20.26
CA PRO D 103 24.45 -30.13 19.35
C PRO D 103 25.04 -30.37 17.97
N THR D 104 24.26 -30.08 16.93
CA THR D 104 24.69 -30.40 15.56
C THR D 104 24.57 -29.21 14.62
N LEU D 105 25.70 -28.82 14.03
CA LEU D 105 25.67 -27.76 13.02
C LEU D 105 25.66 -28.44 11.65
N LEU D 106 24.60 -28.18 10.89
CA LEU D 106 24.47 -28.69 9.54
C LEU D 106 24.74 -27.58 8.55
N THR D 107 25.21 -27.92 7.37
CA THR D 107 25.35 -26.94 6.30
C THR D 107 24.22 -27.06 5.29
N GLU D 108 23.99 -25.98 4.54
CA GLU D 108 23.00 -25.98 3.48
C GLU D 108 23.56 -25.22 2.29
N ALA D 109 22.98 -25.45 1.12
CA ALA D 109 23.40 -24.77 -0.09
C ALA D 109 22.88 -23.34 -0.10
N PRO D 110 23.57 -22.44 -0.84
CA PRO D 110 23.03 -21.11 -1.07
C PRO D 110 21.66 -21.19 -1.75
N LEU D 111 20.74 -20.33 -1.35
CA LEU D 111 19.40 -20.27 -1.92
C LEU D 111 18.57 -21.53 -1.63
N ASN D 112 18.97 -22.28 -0.61
CA ASN D 112 18.19 -23.42 -0.13
C ASN D 112 16.78 -23.01 0.26
N PRO D 113 15.76 -23.69 -0.30
CA PRO D 113 14.35 -23.40 -0.04
C PRO D 113 13.99 -23.50 1.44
N LYS D 114 13.03 -22.68 1.87
CA LYS D 114 12.59 -22.63 3.26
C LYS D 114 12.09 -23.97 3.77
N ALA D 115 11.28 -24.64 2.95
CA ALA D 115 10.72 -25.93 3.29
C ALA D 115 11.83 -26.95 3.51
N ASN D 116 12.91 -26.82 2.74
CA ASN D 116 14.02 -27.76 2.82
C ASN D 116 14.74 -27.69 4.17
N ARG D 117 15.09 -26.48 4.60
CA ARG D 117 15.76 -26.31 5.89
C ARG D 117 14.80 -26.62 7.05
N GLU D 118 13.52 -26.33 6.84
CA GLU D 118 12.51 -26.67 7.83
C GLU D 118 12.49 -28.18 8.02
N LYS D 119 12.55 -28.92 6.91
CA LYS D 119 12.58 -30.38 6.94
C LYS D 119 13.86 -30.89 7.59
N MET D 120 14.99 -30.24 7.33
CA MET D 120 16.24 -30.59 7.99
C MET D 120 16.06 -30.50 9.50
N THR D 121 15.50 -29.39 9.96
CA THR D 121 15.28 -29.15 11.38
C THR D 121 14.36 -30.22 11.95
N GLN D 122 13.25 -30.47 11.25
CA GLN D 122 12.26 -31.45 11.67
C GLN D 122 12.88 -32.82 11.85
N ILE D 123 13.68 -33.24 10.88
CA ILE D 123 14.32 -34.54 10.94
C ILE D 123 15.35 -34.62 12.06
N MET D 124 16.15 -33.56 12.22
CA MET D 124 17.14 -33.54 13.29
C MET D 124 16.52 -33.68 14.67
N PHE D 125 15.44 -32.94 14.92
CA PHE D 125 14.79 -32.99 16.23
C PHE D 125 13.93 -34.25 16.45
N GLU D 126 13.12 -34.61 15.46
CA GLU D 126 12.19 -35.72 15.59
C GLU D 126 12.83 -37.10 15.42
N THR D 127 13.66 -37.26 14.40
CA THR D 127 14.26 -38.56 14.12
C THR D 127 15.46 -38.88 15.01
N PHE D 128 16.34 -37.91 15.20
CA PHE D 128 17.59 -38.14 15.91
C PHE D 128 17.61 -37.59 17.33
N ASN D 129 16.58 -36.84 17.70
CA ASN D 129 16.39 -36.35 19.06
C ASN D 129 17.60 -35.56 19.59
N VAL D 130 18.20 -34.76 18.73
CA VAL D 130 19.32 -33.91 19.13
C VAL D 130 18.91 -32.85 20.14
N PRO D 131 19.81 -32.52 21.07
CA PRO D 131 19.53 -31.50 22.09
C PRO D 131 19.56 -30.08 21.51
N ALA D 132 20.25 -29.91 20.39
CA ALA D 132 20.38 -28.60 19.75
C ALA D 132 20.88 -28.75 18.33
N MET D 133 20.56 -27.77 17.48
CA MET D 133 21.11 -27.75 16.13
C MET D 133 21.11 -26.35 15.49
N TYR D 134 21.84 -26.22 14.39
CA TYR D 134 21.96 -24.95 13.68
C TYR D 134 22.16 -25.25 12.20
N VAL D 135 21.69 -24.36 11.33
CA VAL D 135 21.91 -24.53 9.89
C VAL D 135 22.65 -23.32 9.31
N ALA D 136 23.83 -23.57 8.76
CA ALA D 136 24.65 -22.50 8.20
C ALA D 136 24.86 -22.66 6.69
N ILE D 137 24.91 -21.52 6.00
CA ILE D 137 25.23 -21.52 4.57
C ILE D 137 26.69 -21.89 4.36
N GLN D 138 26.94 -22.81 3.43
CA GLN D 138 28.29 -23.31 3.17
C GLN D 138 29.30 -22.21 2.86
N ALA D 139 28.94 -21.33 1.94
CA ALA D 139 29.83 -20.25 1.51
C ALA D 139 30.18 -19.30 2.65
N VAL D 140 29.20 -19.06 3.53
CA VAL D 140 29.42 -18.20 4.67
C VAL D 140 30.43 -18.83 5.64
N LEU D 141 30.28 -20.13 5.91
CA LEU D 141 31.24 -20.85 6.73
C LEU D 141 32.63 -20.80 6.10
N SER D 142 32.67 -20.92 4.78
CA SER D 142 33.93 -20.82 4.04
C SER D 142 34.56 -19.47 4.28
N LEU D 143 33.75 -18.42 4.28
CA LEU D 143 34.23 -17.07 4.53
C LEU D 143 34.74 -16.90 5.95
N TYR D 144 33.99 -17.42 6.92
CA TYR D 144 34.37 -17.34 8.33
C TYR D 144 35.69 -18.05 8.58
N ALA D 145 35.91 -19.13 7.83
CA ALA D 145 37.12 -19.95 8.00
C ALA D 145 38.37 -19.15 7.71
N SER D 146 38.22 -18.12 6.87
CA SER D 146 39.33 -17.25 6.51
C SER D 146 39.40 -16.03 7.42
N GLY D 147 38.55 -16.02 8.44
CA GLY D 147 38.52 -14.94 9.42
C GLY D 147 37.81 -13.69 8.93
N ARG D 148 36.93 -13.86 7.95
CA ARG D 148 36.20 -12.73 7.39
C ARG D 148 34.70 -12.84 7.66
N THR D 149 34.01 -11.69 7.66
CA THR D 149 32.56 -11.69 7.70
C THR D 149 32.03 -10.94 6.48
N THR D 150 32.95 -10.35 5.72
CA THR D 150 32.58 -9.66 4.49
C THR D 150 33.51 -10.07 3.36
N GLY D 151 32.93 -10.45 2.22
CA GLY D 151 33.71 -10.80 1.04
C GLY D 151 32.85 -11.59 0.07
N ILE D 152 33.43 -12.01 -1.05
CA ILE D 152 32.70 -12.84 -1.99
C ILE D 152 33.33 -14.23 -2.15
N VAL D 153 32.51 -15.26 -1.97
CA VAL D 153 32.99 -16.64 -2.00
C VAL D 153 32.66 -17.34 -3.31
N LEU D 154 33.65 -18.03 -3.87
CA LEU D 154 33.40 -18.95 -4.97
C LEU D 154 33.51 -20.37 -4.41
N ASP D 155 32.36 -21.02 -4.24
CA ASP D 155 32.33 -22.36 -3.65
C ASP D 155 32.02 -23.37 -4.75
N SER D 156 33.03 -24.14 -5.14
CA SER D 156 32.86 -25.12 -6.21
C SER D 156 33.14 -26.52 -5.71
N GLY D 157 32.11 -27.35 -5.67
CA GLY D 157 32.23 -28.69 -5.12
C GLY D 157 32.13 -29.78 -6.17
N ASP D 158 31.38 -30.82 -5.85
CA ASP D 158 31.22 -31.96 -6.75
C ASP D 158 30.04 -31.78 -7.71
N GLY D 159 28.96 -31.19 -7.23
CA GLY D 159 27.74 -31.12 -8.00
C GLY D 159 27.32 -29.72 -8.44
N VAL D 160 27.79 -28.70 -7.74
CA VAL D 160 27.36 -27.33 -8.02
C VAL D 160 28.42 -26.31 -7.65
N THR D 161 28.41 -25.18 -8.36
CA THR D 161 29.32 -24.08 -8.08
C THR D 161 28.49 -22.84 -7.78
N HIS D 162 28.87 -22.08 -6.76
CA HIS D 162 28.15 -20.86 -6.41
C HIS D 162 29.09 -19.66 -6.25
N ASN D 163 28.59 -18.50 -6.64
CA ASN D 163 29.15 -17.24 -6.18
C ASN D 163 28.23 -16.64 -5.13
N VAL D 164 28.77 -16.42 -3.95
CA VAL D 164 27.97 -15.90 -2.84
C VAL D 164 28.67 -14.70 -2.23
N PRO D 165 28.14 -13.51 -2.50
CA PRO D 165 28.61 -12.29 -1.85
C PRO D 165 27.99 -12.16 -0.47
N ILE D 166 28.83 -11.79 0.50
CA ILE D 166 28.43 -11.80 1.90
C ILE D 166 28.89 -10.50 2.55
N TYR D 167 27.99 -9.84 3.26
CA TYR D 167 28.33 -8.63 3.98
C TYR D 167 27.98 -8.79 5.45
N GLU D 168 29.00 -8.64 6.30
CA GLU D 168 28.84 -8.76 7.75
C GLU D 168 28.15 -10.06 8.15
N GLY D 169 28.54 -11.16 7.51
CA GLY D 169 28.01 -12.46 7.82
C GLY D 169 26.69 -12.77 7.13
N TYR D 170 26.11 -11.77 6.48
CA TYR D 170 24.84 -11.94 5.79
C TYR D 170 25.08 -12.22 4.32
N ALA D 171 24.60 -13.38 3.85
CA ALA D 171 24.61 -13.68 2.42
C ALA D 171 23.58 -12.81 1.73
N LEU D 172 23.92 -12.32 0.54
CA LEU D 172 23.04 -11.44 -0.23
C LEU D 172 22.33 -12.24 -1.31
N PRO D 173 21.11 -12.72 -1.02
CA PRO D 173 20.42 -13.72 -1.83
C PRO D 173 20.24 -13.28 -3.29
N HIS D 174 19.98 -11.99 -3.49
CA HIS D 174 19.71 -11.45 -4.82
C HIS D 174 20.92 -11.49 -5.76
N ALA D 175 22.12 -11.62 -5.19
CA ALA D 175 23.34 -11.54 -5.98
C ALA D 175 24.06 -12.88 -6.11
N ILE D 176 23.46 -13.94 -5.56
CA ILE D 176 24.06 -15.28 -5.63
C ILE D 176 23.95 -15.82 -7.05
N MET D 177 25.04 -16.40 -7.54
CA MET D 177 25.05 -17.03 -8.86
C MET D 177 25.20 -18.54 -8.72
N ARG D 178 24.36 -19.29 -9.44
CA ARG D 178 24.46 -20.74 -9.43
C ARG D 178 24.85 -21.29 -10.79
N LEU D 179 25.82 -22.20 -10.78
CA LEU D 179 26.31 -22.85 -11.99
C LEU D 179 26.34 -24.36 -11.77
N ASP D 180 25.59 -25.11 -12.58
CA ASP D 180 25.57 -26.56 -12.45
C ASP D 180 26.72 -27.18 -13.22
N LEU D 181 27.92 -26.65 -12.98
CA LEU D 181 29.16 -27.21 -13.52
C LEU D 181 30.18 -27.34 -12.40
N ALA D 182 30.64 -28.55 -12.14
CA ALA D 182 31.56 -28.78 -11.02
C ALA D 182 32.54 -29.91 -11.29
N GLY D 183 33.11 -30.46 -10.22
CA GLY D 183 34.16 -31.46 -10.34
C GLY D 183 33.82 -32.73 -11.09
N ARG D 184 32.62 -33.26 -10.88
CA ARG D 184 32.20 -34.50 -11.52
C ARG D 184 32.11 -34.30 -13.03
N ASP D 185 31.55 -33.17 -13.44
CA ASP D 185 31.43 -32.82 -14.84
C ASP D 185 32.81 -32.70 -15.48
N LEU D 186 33.75 -32.16 -14.72
CA LEU D 186 35.13 -32.03 -15.17
C LEU D 186 35.77 -33.40 -15.34
N THR D 187 35.45 -34.32 -14.43
CA THR D 187 35.93 -35.70 -14.52
C THR D 187 35.40 -36.36 -15.79
N ASP D 188 34.12 -36.18 -16.04
CA ASP D 188 33.47 -36.72 -17.24
C ASP D 188 34.13 -36.15 -18.50
N TYR D 189 34.39 -34.85 -18.49
CA TYR D 189 35.03 -34.19 -19.62
C TYR D 189 36.43 -34.75 -19.85
N LEU D 190 37.14 -35.01 -18.76
CA LEU D 190 38.48 -35.59 -18.84
C LEU D 190 38.43 -36.98 -19.47
N MET D 191 37.40 -37.74 -19.10
CA MET D 191 37.12 -39.05 -19.71
C MET D 191 36.90 -38.90 -21.22
N LYS D 192 36.13 -37.87 -21.61
CA LYS D 192 35.83 -37.59 -23.01
C LYS D 192 37.11 -37.31 -23.81
N ILE D 193 37.97 -36.47 -23.22
CA ILE D 193 39.20 -36.07 -23.87
C ILE D 193 40.20 -37.24 -23.90
N LEU D 194 40.10 -38.10 -22.90
CA LEU D 194 40.88 -39.33 -22.86
C LEU D 194 40.42 -40.25 -24.00
N THR D 195 39.13 -40.23 -24.29
CA THR D 195 38.61 -40.97 -25.44
C THR D 195 39.23 -40.39 -26.69
N GLU D 196 39.33 -39.06 -26.73
CA GLU D 196 40.01 -38.42 -27.84
C GLU D 196 41.49 -38.84 -27.95
N ARG D 197 42.13 -39.12 -26.81
CA ARG D 197 43.51 -39.62 -26.83
C ARG D 197 43.71 -41.05 -27.34
N GLY D 198 42.65 -41.85 -27.34
CA GLY D 198 42.73 -43.22 -27.80
C GLY D 198 42.66 -44.23 -26.65
N TYR D 199 42.56 -43.72 -25.43
CA TYR D 199 42.35 -44.51 -24.22
C TYR D 199 40.89 -44.69 -23.80
N SER D 200 40.50 -45.93 -23.53
CA SER D 200 39.11 -46.23 -23.18
C SER D 200 38.90 -46.21 -21.66
N PHE D 201 38.01 -45.31 -21.23
CA PHE D 201 37.60 -45.12 -19.83
C PHE D 201 36.10 -45.17 -19.53
N VAL D 202 35.45 -46.31 -19.72
CA VAL D 202 34.00 -46.40 -19.48
C VAL D 202 33.51 -46.79 -18.08
N THR D 203 34.25 -47.64 -17.36
CA THR D 203 33.80 -48.16 -16.06
C THR D 203 33.89 -47.23 -14.84
N THR D 204 33.07 -47.52 -13.84
CA THR D 204 33.05 -46.76 -12.59
C THR D 204 34.40 -46.74 -11.88
N ALA D 205 35.06 -47.89 -11.86
CA ALA D 205 36.40 -48.01 -11.30
C ALA D 205 37.37 -47.16 -12.10
N GLU D 206 37.19 -47.24 -13.42
CA GLU D 206 37.95 -46.43 -14.36
C GLU D 206 37.68 -44.96 -14.14
N ARG D 207 36.43 -44.63 -13.80
CA ARG D 207 36.02 -43.27 -13.49
C ARG D 207 36.76 -42.78 -12.25
N GLU D 208 36.91 -43.66 -11.27
CA GLU D 208 37.64 -43.35 -10.04
C GLU D 208 39.10 -43.08 -10.36
N ILE D 209 39.67 -43.89 -11.25
CA ILE D 209 41.05 -43.71 -11.67
C ILE D 209 41.24 -42.35 -12.36
N VAL D 210 40.31 -42.00 -13.23
CA VAL D 210 40.35 -40.72 -13.92
C VAL D 210 40.22 -39.55 -12.94
N ARG D 211 39.37 -39.72 -11.93
CA ARG D 211 39.21 -38.67 -10.92
C ARG D 211 40.53 -38.45 -10.21
N ASP D 212 41.20 -39.55 -9.85
CA ASP D 212 42.51 -39.44 -9.19
C ASP D 212 43.54 -38.79 -10.09
N ILE D 213 43.52 -39.14 -11.37
CA ILE D 213 44.42 -38.52 -12.35
C ILE D 213 44.19 -37.02 -12.43
N LYS D 214 42.93 -36.62 -12.43
CA LYS D 214 42.53 -35.21 -12.49
C LYS D 214 43.03 -34.44 -11.27
N GLU D 215 42.81 -35.03 -10.10
CA GLU D 215 43.21 -34.39 -8.85
C GLU D 215 44.72 -34.26 -8.73
N LYS D 216 45.45 -35.27 -9.21
CA LYS D 216 46.91 -35.28 -9.09
C LYS D 216 47.67 -34.49 -10.17
N LEU D 217 47.16 -34.48 -11.40
CA LEU D 217 47.94 -33.97 -12.52
C LEU D 217 47.43 -32.70 -13.22
N CYS D 218 46.16 -32.34 -12.97
CA CYS D 218 45.55 -31.19 -13.62
C CYS D 218 45.93 -29.85 -12.98
N TYR D 219 45.87 -28.79 -13.76
CA TYR D 219 46.15 -27.44 -13.28
C TYR D 219 45.45 -26.41 -14.16
N VAL D 220 45.30 -25.19 -13.65
CA VAL D 220 44.65 -24.13 -14.42
C VAL D 220 45.67 -23.22 -15.08
N ALA D 221 45.62 -23.14 -16.41
CA ALA D 221 46.57 -22.33 -17.18
C ALA D 221 46.31 -20.85 -16.95
N LEU D 222 47.39 -20.07 -16.83
CA LEU D 222 47.27 -18.64 -16.66
C LEU D 222 46.83 -17.98 -17.96
N ASP D 223 47.38 -18.45 -19.07
CA ASP D 223 47.00 -18.00 -20.41
C ASP D 223 46.71 -19.22 -21.26
N PHE D 224 45.44 -19.47 -21.55
CA PHE D 224 45.03 -20.71 -22.21
C PHE D 224 45.63 -20.88 -23.61
N GLU D 225 45.64 -19.81 -24.40
CA GLU D 225 46.19 -19.88 -25.75
C GLU D 225 47.69 -20.16 -25.73
N ASN D 226 48.40 -19.47 -24.85
CA ASN D 226 49.85 -19.66 -24.70
C ASN D 226 50.17 -21.08 -24.23
N GLU D 227 49.34 -21.60 -23.34
CA GLU D 227 49.52 -22.94 -22.81
C GLU D 227 49.23 -24.00 -23.88
N MET D 228 48.23 -23.73 -24.72
CA MET D 228 47.95 -24.59 -25.87
C MET D 228 49.14 -24.61 -26.82
N ALA D 229 49.74 -23.44 -27.02
CA ALA D 229 50.90 -23.31 -27.90
C ALA D 229 52.11 -24.06 -27.34
N THR D 230 52.31 -23.94 -26.03
CA THR D 230 53.38 -24.67 -25.35
C THR D 230 53.16 -26.18 -25.47
N ALA D 231 51.90 -26.60 -25.32
CA ALA D 231 51.54 -28.00 -25.43
C ALA D 231 51.76 -28.54 -26.84
N ALA D 232 51.58 -27.65 -27.83
CA ALA D 232 51.78 -28.01 -29.23
C ALA D 232 53.25 -27.99 -29.67
N SER D 233 54.07 -27.22 -28.96
CA SER D 233 55.47 -27.06 -29.34
C SER D 233 56.37 -28.20 -28.86
N SER D 234 56.02 -28.79 -27.73
CA SER D 234 56.88 -29.79 -27.12
C SER D 234 56.13 -30.74 -26.20
N SER D 235 56.84 -31.77 -25.74
CA SER D 235 56.27 -32.75 -24.83
C SER D 235 56.50 -32.30 -23.38
N SER D 236 56.88 -31.04 -23.22
CA SER D 236 57.25 -30.49 -21.92
C SER D 236 56.10 -30.50 -20.91
N LEU D 237 54.88 -30.29 -21.39
CA LEU D 237 53.74 -30.29 -20.48
C LEU D 237 53.23 -31.70 -20.22
N GLU D 238 53.56 -32.63 -21.12
CA GLU D 238 53.13 -34.02 -20.97
C GLU D 238 53.62 -34.57 -19.63
N LYS D 239 52.78 -35.38 -18.99
CA LYS D 239 53.12 -36.01 -17.73
C LYS D 239 52.72 -37.47 -17.82
N SER D 240 53.25 -38.30 -16.93
CA SER D 240 52.94 -39.72 -16.98
C SER D 240 52.27 -40.22 -15.69
N TYR D 241 51.22 -41.00 -15.88
CA TYR D 241 50.48 -41.60 -14.78
C TYR D 241 50.50 -43.12 -14.88
N GLU D 242 50.84 -43.78 -13.78
CA GLU D 242 50.88 -45.23 -13.76
C GLU D 242 49.58 -45.78 -13.19
N LEU D 243 48.84 -46.50 -14.02
CA LEU D 243 47.57 -47.08 -13.62
C LEU D 243 47.77 -48.22 -12.63
N PRO D 244 46.69 -48.59 -11.90
CA PRO D 244 46.77 -49.71 -10.97
C PRO D 244 47.20 -51.01 -11.66
N ASP D 245 46.76 -51.19 -12.91
CA ASP D 245 47.15 -52.34 -13.71
C ASP D 245 48.62 -52.30 -14.16
N GLY D 246 49.32 -51.24 -13.76
CA GLY D 246 50.72 -51.03 -14.11
C GLY D 246 50.97 -50.45 -15.50
N GLN D 247 49.90 -50.28 -16.27
CA GLN D 247 49.98 -49.58 -17.55
C GLN D 247 50.38 -48.13 -17.30
N VAL D 248 51.16 -47.55 -18.20
CA VAL D 248 51.58 -46.16 -18.03
C VAL D 248 51.00 -45.31 -19.15
N ILE D 249 50.38 -44.21 -18.79
CA ILE D 249 49.76 -43.32 -19.77
C ILE D 249 50.34 -41.91 -19.75
N THR D 250 50.24 -41.23 -20.88
CA THR D 250 50.75 -39.87 -21.00
C THR D 250 49.63 -38.87 -21.23
N ILE D 251 49.61 -37.81 -20.43
CA ILE D 251 48.59 -36.76 -20.54
C ILE D 251 49.25 -35.44 -20.90
N GLY D 252 48.71 -34.75 -21.91
CA GLY D 252 49.31 -33.52 -22.39
C GLY D 252 48.51 -32.28 -22.06
N ASN D 253 47.78 -31.76 -23.05
CA ASN D 253 47.01 -30.55 -22.84
C ASN D 253 45.75 -30.81 -22.02
N GLU D 254 45.38 -32.08 -21.90
CA GLU D 254 44.24 -32.49 -21.11
C GLU D 254 44.34 -32.01 -19.67
N ARG D 255 45.59 -31.83 -19.22
CA ARG D 255 45.87 -31.33 -17.88
C ARG D 255 45.20 -29.98 -17.62
N PHE D 256 45.23 -29.09 -18.61
CA PHE D 256 44.62 -27.77 -18.43
C PHE D 256 43.36 -27.51 -19.22
N ARG D 257 43.07 -28.35 -20.21
CA ARG D 257 41.81 -28.23 -20.94
C ARG D 257 40.65 -28.62 -20.04
N CYS D 258 40.89 -29.59 -19.17
CA CYS D 258 39.86 -30.05 -18.23
C CYS D 258 39.32 -28.93 -17.32
N PRO D 259 40.19 -28.26 -16.54
CA PRO D 259 39.59 -27.23 -15.68
C PRO D 259 39.28 -25.93 -16.44
N GLU D 260 39.77 -25.81 -17.67
CA GLU D 260 39.43 -24.66 -18.51
C GLU D 260 37.93 -24.53 -18.74
N THR D 261 37.23 -25.66 -18.64
CA THR D 261 35.78 -25.68 -18.79
C THR D 261 35.11 -24.70 -17.81
N LEU D 262 35.72 -24.52 -16.65
CA LEU D 262 35.20 -23.59 -15.65
C LEU D 262 35.19 -22.16 -16.19
N PHE D 263 36.18 -21.83 -17.01
CA PHE D 263 36.27 -20.49 -17.58
C PHE D 263 35.60 -20.43 -18.95
N GLN D 264 35.52 -21.57 -19.62
CA GLN D 264 34.84 -21.66 -20.90
C GLN D 264 33.88 -22.84 -20.89
N PRO D 265 32.70 -22.65 -20.26
CA PRO D 265 31.70 -23.73 -20.13
C PRO D 265 31.21 -24.22 -21.49
N SER D 266 31.42 -23.41 -22.52
CA SER D 266 31.05 -23.75 -23.89
C SER D 266 31.75 -25.03 -24.35
N PHE D 267 32.82 -25.40 -23.65
CA PHE D 267 33.54 -26.64 -23.92
C PHE D 267 32.67 -27.89 -23.76
N ILE D 268 31.67 -27.82 -22.89
CA ILE D 268 30.77 -28.96 -22.72
C ILE D 268 29.34 -28.68 -23.18
N GLY D 269 29.19 -27.65 -24.01
CA GLY D 269 27.91 -27.34 -24.61
C GLY D 269 27.01 -26.49 -23.73
N MET D 270 27.58 -25.93 -22.67
CA MET D 270 26.81 -25.03 -21.82
C MET D 270 26.90 -23.61 -22.34
N GLU D 271 25.80 -22.86 -22.25
CA GLU D 271 25.80 -21.48 -22.70
C GLU D 271 26.17 -20.54 -21.57
N SER D 272 26.26 -21.07 -20.36
CA SER D 272 26.57 -20.26 -19.18
C SER D 272 27.94 -19.57 -19.27
N ALA D 273 28.06 -18.43 -18.62
CA ALA D 273 29.34 -17.75 -18.46
C ALA D 273 30.27 -18.52 -17.54
N GLY D 274 31.56 -18.24 -17.64
CA GLY D 274 32.55 -18.88 -16.79
C GLY D 274 32.54 -18.31 -15.39
N ILE D 275 33.28 -18.94 -14.49
CA ILE D 275 33.28 -18.59 -13.08
C ILE D 275 33.80 -17.18 -12.75
N HIS D 276 34.70 -16.67 -13.58
CA HIS D 276 35.23 -15.32 -13.40
C HIS D 276 34.14 -14.32 -13.76
N GLU D 277 33.40 -14.66 -14.81
CA GLU D 277 32.32 -13.84 -15.31
C GLU D 277 31.13 -13.83 -14.35
N THR D 278 30.88 -14.99 -13.73
CA THR D 278 29.81 -15.08 -12.73
C THR D 278 30.21 -14.37 -11.44
N THR D 279 31.51 -14.38 -11.13
CA THR D 279 32.02 -13.60 -10.00
C THR D 279 31.78 -12.11 -10.25
N TYR D 280 32.16 -11.64 -11.43
CA TYR D 280 31.96 -10.25 -11.82
C TYR D 280 30.48 -9.85 -11.76
N ASN D 281 29.63 -10.70 -12.33
CA ASN D 281 28.19 -10.45 -12.32
C ASN D 281 27.62 -10.40 -10.91
N SER D 282 28.09 -11.30 -10.05
CA SER D 282 27.67 -11.33 -8.66
C SER D 282 28.05 -10.02 -7.97
N ILE D 283 29.29 -9.58 -8.20
CA ILE D 283 29.75 -8.30 -7.65
C ILE D 283 28.91 -7.12 -8.14
N MET D 284 28.55 -7.13 -9.42
CA MET D 284 27.79 -6.03 -10.01
C MET D 284 26.34 -5.90 -9.53
N LYS D 285 25.74 -7.01 -9.12
CA LYS D 285 24.36 -6.99 -8.62
C LYS D 285 24.25 -6.39 -7.22
N CYS D 286 25.40 -6.21 -6.58
CA CYS D 286 25.48 -5.63 -5.25
C CYS D 286 25.59 -4.11 -5.29
N ASP D 287 25.28 -3.48 -4.16
CA ASP D 287 25.36 -2.03 -4.01
C ASP D 287 26.78 -1.57 -4.33
N ILE D 288 26.90 -0.42 -4.98
CA ILE D 288 28.17 0.08 -5.51
C ILE D 288 29.19 0.27 -4.40
N ASP D 289 28.68 0.67 -3.23
CA ASP D 289 29.49 0.97 -2.07
C ASP D 289 30.27 -0.23 -1.50
N ILE D 290 29.71 -1.43 -1.67
CA ILE D 290 30.33 -2.63 -1.12
C ILE D 290 31.28 -3.34 -2.11
N ARG D 291 31.25 -2.90 -3.36
CA ARG D 291 32.00 -3.59 -4.40
C ARG D 291 33.48 -3.65 -4.08
N LYS D 292 34.02 -2.55 -3.57
CA LYS D 292 35.42 -2.51 -3.15
C LYS D 292 35.70 -3.59 -2.11
N ASP D 293 34.80 -3.73 -1.13
CA ASP D 293 34.95 -4.77 -0.11
C ASP D 293 34.88 -6.17 -0.70
N LEU D 294 34.08 -6.34 -1.75
CA LEU D 294 33.97 -7.63 -2.42
C LEU D 294 35.19 -7.99 -3.25
N TYR D 295 35.72 -7.02 -3.99
CA TYR D 295 36.86 -7.23 -4.87
C TYR D 295 38.11 -7.60 -4.09
N ALA D 296 38.27 -6.99 -2.93
CA ALA D 296 39.46 -7.18 -2.10
C ALA D 296 39.36 -8.45 -1.28
N ASN D 297 38.23 -9.13 -1.37
CA ASN D 297 38.03 -10.35 -0.57
C ASN D 297 37.35 -11.49 -1.33
N ASN D 298 38.07 -12.08 -2.28
CA ASN D 298 37.60 -13.29 -2.96
C ASN D 298 38.10 -14.53 -2.27
N VAL D 299 37.20 -15.27 -1.63
CA VAL D 299 37.61 -16.51 -0.97
C VAL D 299 37.15 -17.68 -1.82
N MET D 300 38.07 -18.57 -2.16
CA MET D 300 37.72 -19.75 -2.95
C MET D 300 37.66 -20.97 -2.04
N SER D 301 36.60 -21.76 -2.18
CA SER D 301 36.42 -22.93 -1.36
C SER D 301 35.81 -24.08 -2.16
N GLY D 302 36.07 -25.29 -1.72
CA GLY D 302 35.54 -26.47 -2.39
C GLY D 302 36.63 -27.22 -3.14
N GLY D 303 36.39 -28.49 -3.41
CA GLY D 303 37.39 -29.32 -4.06
C GLY D 303 37.76 -28.89 -5.47
N THR D 304 36.80 -28.33 -6.19
CA THR D 304 37.01 -28.01 -7.60
C THR D 304 37.83 -26.72 -7.72
N THR D 305 38.12 -26.09 -6.58
CA THR D 305 39.01 -24.93 -6.56
C THR D 305 40.44 -25.31 -6.18
N MET D 306 40.70 -26.61 -6.07
CA MET D 306 42.01 -27.10 -5.62
C MET D 306 43.07 -27.13 -6.72
N TYR D 307 42.66 -26.93 -7.96
CA TYR D 307 43.59 -26.94 -9.09
C TYR D 307 44.67 -25.87 -8.94
N PRO D 308 45.95 -26.28 -9.04
CA PRO D 308 47.07 -25.33 -9.04
C PRO D 308 46.91 -24.31 -10.16
N GLY D 309 47.17 -23.04 -9.88
CA GLY D 309 47.11 -22.02 -10.91
C GLY D 309 45.76 -21.33 -11.05
N ILE D 310 44.74 -21.83 -10.36
CA ILE D 310 43.39 -21.30 -10.49
C ILE D 310 43.27 -19.90 -9.90
N ALA D 311 44.02 -19.65 -8.83
CA ALA D 311 43.99 -18.36 -8.16
C ALA D 311 44.58 -17.26 -9.02
N ASP D 312 45.69 -17.57 -9.69
CA ASP D 312 46.36 -16.60 -10.55
C ASP D 312 45.50 -16.24 -11.75
N ARG D 313 44.87 -17.25 -12.34
CA ARG D 313 43.99 -17.04 -13.48
C ARG D 313 42.79 -16.20 -13.09
N MET D 314 42.19 -16.52 -11.93
CA MET D 314 41.04 -15.75 -11.46
C MET D 314 41.43 -14.30 -11.18
N GLN D 315 42.60 -14.11 -10.58
CA GLN D 315 43.14 -12.79 -10.33
C GLN D 315 43.26 -11.99 -11.63
N LYS D 316 43.81 -12.64 -12.66
CA LYS D 316 44.03 -11.99 -13.94
C LYS D 316 42.68 -11.60 -14.56
N GLU D 317 41.71 -12.51 -14.53
CA GLU D 317 40.43 -12.25 -15.17
C GLU D 317 39.61 -11.16 -14.46
N ILE D 318 39.54 -11.24 -13.13
CA ILE D 318 38.83 -10.23 -12.36
C ILE D 318 39.49 -8.85 -12.51
N THR D 319 40.81 -8.84 -12.51
CA THR D 319 41.55 -7.60 -12.78
C THR D 319 41.19 -7.06 -14.18
N ALA D 320 41.04 -7.98 -15.13
CA ALA D 320 40.69 -7.61 -16.50
C ALA D 320 39.27 -7.05 -16.64
N LEU D 321 38.36 -7.48 -15.79
CA LEU D 321 36.97 -7.02 -15.85
C LEU D 321 36.68 -5.77 -15.00
N ALA D 322 37.37 -5.64 -13.88
CA ALA D 322 37.10 -4.57 -12.91
C ALA D 322 37.70 -3.24 -13.34
N PRO D 323 37.31 -2.13 -12.68
CA PRO D 323 37.95 -0.84 -12.95
C PRO D 323 39.46 -0.93 -12.75
N SER D 324 40.21 -0.16 -13.54
CA SER D 324 41.66 -0.24 -13.56
C SER D 324 42.37 -0.06 -12.21
N THR D 325 41.80 0.76 -11.33
CA THR D 325 42.46 1.05 -10.06
C THR D 325 41.94 0.22 -8.88
N MET D 326 40.98 -0.67 -9.15
CA MET D 326 40.37 -1.46 -8.08
C MET D 326 41.37 -2.49 -7.53
N LYS D 327 41.44 -2.60 -6.22
CA LYS D 327 42.29 -3.59 -5.55
C LYS D 327 41.66 -4.98 -5.55
N ILE D 328 42.37 -5.94 -6.12
CA ILE D 328 41.87 -7.32 -6.21
C ILE D 328 42.76 -8.25 -5.40
N LYS D 329 42.13 -9.08 -4.57
CA LYS D 329 42.85 -10.07 -3.77
C LYS D 329 42.10 -11.39 -3.82
N ILE D 330 42.77 -12.46 -4.25
CA ILE D 330 42.14 -13.77 -4.26
C ILE D 330 42.68 -14.58 -3.09
N ILE D 331 41.78 -15.05 -2.24
CA ILE D 331 42.16 -15.84 -1.07
C ILE D 331 41.81 -17.30 -1.26
N ALA D 332 42.84 -18.15 -1.27
CA ALA D 332 42.65 -19.58 -1.54
C ALA D 332 43.62 -20.42 -0.72
N PRO D 333 43.29 -20.65 0.57
CA PRO D 333 44.19 -21.41 1.44
C PRO D 333 44.23 -22.88 1.05
N PRO D 334 45.31 -23.58 1.42
CA PRO D 334 45.52 -24.99 1.08
C PRO D 334 44.43 -25.91 1.64
N GLU D 335 43.83 -25.50 2.76
CA GLU D 335 42.83 -26.33 3.42
C GLU D 335 41.46 -26.22 2.79
N ARG D 336 41.35 -25.43 1.73
CA ARG D 336 40.04 -25.04 1.19
C ARG D 336 39.13 -26.21 0.82
N LYS D 337 39.72 -27.38 0.54
CA LYS D 337 38.94 -28.53 0.12
C LYS D 337 37.94 -28.90 1.22
N TYR D 338 38.29 -28.56 2.45
CA TYR D 338 37.43 -28.84 3.59
C TYR D 338 37.06 -27.57 4.34
N SER D 339 37.33 -26.41 3.74
CA SER D 339 37.23 -25.16 4.50
C SER D 339 35.83 -24.88 5.02
N VAL D 340 34.83 -25.29 4.23
CA VAL D 340 33.44 -25.17 4.63
C VAL D 340 33.30 -25.79 6.00
N TRP D 341 33.67 -27.07 6.09
CA TRP D 341 33.55 -27.79 7.34
C TRP D 341 34.33 -27.07 8.43
N ILE D 342 35.52 -26.62 8.07
CA ILE D 342 36.40 -25.99 9.04
C ILE D 342 35.70 -24.79 9.63
N GLY D 343 35.04 -24.02 8.77
CA GLY D 343 34.34 -22.83 9.22
C GLY D 343 33.34 -23.22 10.28
N GLY D 344 32.55 -24.25 9.98
CA GLY D 344 31.53 -24.72 10.91
C GLY D 344 32.20 -25.10 12.22
N SER D 345 33.30 -25.83 12.11
CA SER D 345 34.04 -26.30 13.26
C SER D 345 34.44 -25.12 14.14
N ILE D 346 34.84 -24.03 13.50
CA ILE D 346 35.19 -22.84 14.24
C ILE D 346 33.94 -22.24 14.88
N LEU D 347 32.91 -22.08 14.06
CA LEU D 347 31.70 -21.36 14.46
C LEU D 347 31.03 -22.01 15.66
N ALA D 348 30.91 -23.32 15.63
CA ALA D 348 30.24 -24.05 16.70
C ALA D 348 31.06 -24.08 17.98
N SER D 349 32.33 -23.67 17.90
CA SER D 349 33.19 -23.69 19.08
C SER D 349 33.36 -22.32 19.74
N LEU D 350 32.77 -21.28 19.16
CA LEU D 350 32.81 -19.95 19.76
C LEU D 350 31.84 -19.87 20.94
N SER D 351 32.26 -19.19 22.00
CA SER D 351 31.41 -19.02 23.19
C SER D 351 30.18 -18.21 22.83
N THR D 352 30.36 -17.17 22.00
CA THR D 352 29.25 -16.29 21.64
C THR D 352 28.23 -16.98 20.74
N PHE D 353 28.63 -18.11 20.14
CA PHE D 353 27.72 -18.88 19.30
C PHE D 353 26.73 -19.71 20.11
N GLN D 354 27.05 -19.93 21.38
CA GLN D 354 26.31 -20.86 22.22
C GLN D 354 24.84 -20.45 22.39
N GLN D 355 24.58 -19.15 22.41
CA GLN D 355 23.20 -18.65 22.46
C GLN D 355 22.48 -18.92 21.13
N MET D 356 23.24 -19.02 20.06
CA MET D 356 22.67 -19.08 18.71
C MET D 356 21.99 -20.43 18.39
N TRP D 357 22.41 -21.49 19.08
CA TRP D 357 21.85 -22.82 18.85
C TRP D 357 20.35 -22.82 19.02
N ILE D 358 19.65 -23.59 18.20
CA ILE D 358 18.24 -23.86 18.45
C ILE D 358 18.14 -25.04 19.40
N THR D 359 17.64 -24.81 20.61
CA THR D 359 17.54 -25.86 21.61
C THR D 359 16.31 -26.72 21.34
N LYS D 360 16.31 -27.95 21.84
CA LYS D 360 15.19 -28.85 21.63
C LYS D 360 13.91 -28.29 22.26
N GLN D 361 14.05 -27.59 23.38
CA GLN D 361 12.91 -26.95 24.02
C GLN D 361 12.34 -25.86 23.12
N GLU D 362 13.21 -25.04 22.56
CA GLU D 362 12.78 -23.96 21.69
C GLU D 362 12.08 -24.49 20.44
N TYR D 363 12.65 -25.55 19.87
CA TYR D 363 12.05 -26.17 18.70
C TYR D 363 10.69 -26.74 19.08
N ASP D 364 10.58 -27.28 20.28
CA ASP D 364 9.32 -27.82 20.74
C ASP D 364 8.28 -26.71 20.84
N GLU D 365 8.72 -25.54 21.32
CA GLU D 365 7.83 -24.39 21.48
C GLU D 365 7.37 -23.70 20.19
N ALA D 366 8.28 -23.51 19.23
CA ALA D 366 7.98 -22.72 18.04
C ALA D 366 7.86 -23.54 16.76
N GLY D 367 8.38 -24.75 16.81
CA GLY D 367 8.44 -25.67 15.69
C GLY D 367 9.53 -25.29 14.69
N PRO D 368 9.41 -25.78 13.45
CA PRO D 368 10.31 -25.52 12.33
C PRO D 368 10.50 -24.04 12.02
N SER D 369 9.55 -23.19 12.40
CA SER D 369 9.63 -21.77 12.07
C SER D 369 10.90 -21.14 12.64
N ILE D 370 11.35 -21.64 13.78
CA ILE D 370 12.44 -21.01 14.53
C ILE D 370 13.76 -20.96 13.74
N VAL D 371 13.99 -21.93 12.86
CA VAL D 371 15.28 -22.00 12.16
C VAL D 371 15.53 -20.76 11.30
N HIS D 372 14.48 -20.22 10.70
CA HIS D 372 14.59 -19.04 9.85
C HIS D 372 15.03 -17.82 10.64
N ARG D 373 14.39 -17.65 11.79
CA ARG D 373 14.64 -16.56 12.72
C ARG D 373 15.97 -16.67 13.45
N LYS D 374 16.24 -17.85 13.99
CA LYS D 374 17.41 -18.10 14.83
C LYS D 374 18.72 -18.18 14.03
N CYS D 375 18.62 -18.68 12.80
CA CYS D 375 19.79 -18.89 11.95
C CYS D 375 19.79 -17.97 10.74
N PHE D 376 20.86 -17.20 10.59
CA PHE D 376 20.97 -16.24 9.49
C PHE D 376 22.41 -15.78 9.23
N THR E 6 16.95 6.38 -28.92
CA THR E 6 17.84 7.35 -28.29
C THR E 6 17.69 7.32 -26.77
N THR E 7 18.83 7.17 -26.08
CA THR E 7 18.85 7.12 -24.61
C THR E 7 19.50 8.35 -24.03
N ALA E 8 18.81 9.00 -23.09
CA ALA E 8 19.34 10.21 -22.46
C ALA E 8 20.36 9.84 -21.40
N LEU E 9 21.27 10.76 -21.09
CA LEU E 9 22.26 10.57 -20.03
C LEU E 9 21.92 11.41 -18.82
N VAL E 10 22.34 10.96 -17.65
CA VAL E 10 22.14 11.73 -16.43
C VAL E 10 23.45 11.89 -15.66
N CYS E 11 23.80 13.15 -15.42
CA CYS E 11 25.04 13.47 -14.74
C CYS E 11 24.81 14.41 -13.55
N ASP E 12 25.05 13.88 -12.36
CA ASP E 12 24.95 14.62 -11.12
C ASP E 12 26.36 15.01 -10.68
N ASN E 13 26.66 16.30 -10.78
CA ASN E 13 28.00 16.84 -10.55
C ASN E 13 28.25 17.22 -9.09
N GLY E 14 28.62 16.25 -8.27
CA GLY E 14 28.86 16.51 -6.86
C GLY E 14 30.20 17.15 -6.59
N SER E 15 30.30 17.83 -5.45
CA SER E 15 31.57 18.42 -5.02
C SER E 15 32.59 17.32 -4.71
N GLY E 16 32.08 16.18 -4.27
CA GLY E 16 32.95 15.07 -3.93
C GLY E 16 32.81 13.93 -4.91
N LEU E 17 31.57 13.58 -5.26
CA LEU E 17 31.34 12.45 -6.14
C LEU E 17 30.45 12.81 -7.31
N VAL E 18 30.89 12.44 -8.50
CA VAL E 18 30.09 12.49 -9.71
C VAL E 18 29.31 11.20 -9.83
N LYS E 19 27.99 11.32 -10.00
CA LYS E 19 27.15 10.16 -10.26
C LYS E 19 26.65 10.24 -11.70
N ALA E 20 26.96 9.24 -12.50
CA ALA E 20 26.61 9.30 -13.92
C ALA E 20 25.99 8.00 -14.41
N GLY E 21 25.06 8.13 -15.35
CA GLY E 21 24.43 6.94 -15.92
C GLY E 21 23.46 7.23 -17.05
N PHE E 22 22.60 6.26 -17.32
CA PHE E 22 21.65 6.36 -18.41
C PHE E 22 20.22 6.56 -17.89
N ALA E 23 19.46 7.41 -18.58
CA ALA E 23 18.07 7.63 -18.21
C ALA E 23 17.34 6.31 -18.28
N GLY E 24 16.47 6.07 -17.29
CA GLY E 24 15.71 4.84 -17.24
C GLY E 24 16.35 3.78 -16.36
N ASP E 25 17.63 3.95 -16.02
CA ASP E 25 18.31 2.98 -15.17
C ASP E 25 17.95 3.28 -13.71
N ASP E 26 17.91 2.23 -12.88
CA ASP E 26 17.53 2.38 -11.48
C ASP E 26 18.64 3.00 -10.64
N ALA E 27 19.88 2.83 -11.09
CA ALA E 27 21.03 3.34 -10.34
C ALA E 27 22.10 3.87 -11.29
N PRO E 28 22.93 4.80 -10.82
CA PRO E 28 23.99 5.33 -11.69
C PRO E 28 25.00 4.25 -12.07
N ARG E 29 25.37 4.25 -13.34
CA ARG E 29 26.32 3.28 -13.87
C ARG E 29 27.71 3.46 -13.31
N ALA E 30 28.11 4.71 -13.18
CA ALA E 30 29.43 5.06 -12.68
C ALA E 30 29.36 6.11 -11.60
N VAL E 31 30.06 5.88 -10.49
CA VAL E 31 30.17 6.86 -9.43
C VAL E 31 31.64 7.02 -9.11
N PHE E 32 32.15 8.25 -9.23
CA PHE E 32 33.59 8.46 -9.03
C PHE E 32 33.93 9.82 -8.45
N PRO E 33 35.04 9.92 -7.72
CA PRO E 33 35.40 11.19 -7.08
C PRO E 33 35.71 12.29 -8.08
N SER E 34 35.30 13.52 -7.76
CA SER E 34 35.48 14.63 -8.68
C SER E 34 36.82 15.32 -8.46
N ILE E 35 37.90 14.66 -8.89
CA ILE E 35 39.22 15.23 -8.74
C ILE E 35 39.90 15.24 -10.10
N VAL E 36 40.77 16.21 -10.32
CA VAL E 36 41.54 16.24 -11.56
C VAL E 36 43.01 16.24 -11.23
N GLY E 37 43.77 15.32 -11.81
CA GLY E 37 45.18 15.24 -11.46
C GLY E 37 46.15 15.69 -12.53
N ARG E 38 47.09 16.54 -12.14
CA ARG E 38 48.12 17.01 -13.05
C ARG E 38 49.50 16.84 -12.43
N PRO E 39 50.47 16.36 -13.22
CA PRO E 39 51.84 16.11 -12.75
C PRO E 39 52.42 17.27 -11.96
N ARG E 40 53.21 17.00 -10.92
CA ARG E 40 53.76 18.06 -10.09
C ARG E 40 54.88 18.77 -10.83
N SER E 53 47.11 13.60 -17.80
CA SER E 53 46.06 14.00 -16.87
C SER E 53 45.20 12.82 -16.45
N TYR E 54 44.89 12.75 -15.16
CA TYR E 54 44.10 11.67 -14.59
C TYR E 54 42.90 12.22 -13.83
N VAL E 55 41.76 11.55 -13.97
CA VAL E 55 40.51 12.00 -13.34
C VAL E 55 39.92 10.92 -12.43
N GLY E 56 39.42 11.35 -11.27
CA GLY E 56 38.72 10.46 -10.36
C GLY E 56 39.58 9.39 -9.71
N ASP E 57 39.15 8.13 -9.80
CA ASP E 57 39.84 7.04 -9.12
C ASP E 57 41.28 6.92 -9.61
N GLU E 58 41.48 7.02 -10.91
CA GLU E 58 42.82 6.92 -11.49
C GLU E 58 43.69 8.06 -10.97
N ALA E 59 43.10 9.24 -10.82
CA ALA E 59 43.78 10.39 -10.25
C ALA E 59 44.13 10.17 -8.79
N GLN E 60 43.22 9.52 -8.06
CA GLN E 60 43.43 9.22 -6.66
C GLN E 60 44.56 8.21 -6.45
N SER E 61 44.65 7.22 -7.34
CA SER E 61 45.74 6.24 -7.29
C SER E 61 47.08 6.91 -7.55
N LYS E 62 47.11 7.84 -8.48
CA LYS E 62 48.34 8.56 -8.82
C LYS E 62 48.52 9.83 -7.99
N ARG E 63 47.69 10.00 -6.97
CA ARG E 63 47.68 11.22 -6.16
C ARG E 63 49.06 11.57 -5.59
N GLY E 64 49.86 10.55 -5.28
CA GLY E 64 51.19 10.76 -4.76
C GLY E 64 52.10 11.43 -5.79
N ILE E 65 52.02 10.93 -7.02
CA ILE E 65 52.85 11.40 -8.13
C ILE E 65 52.48 12.81 -8.61
N LEU E 66 51.19 13.11 -8.58
CA LEU E 66 50.67 14.37 -9.14
C LEU E 66 49.74 15.18 -8.22
N THR E 67 49.77 16.51 -8.39
CA THR E 67 48.91 17.42 -7.64
C THR E 67 47.46 17.38 -8.13
N LEU E 68 46.52 17.50 -7.18
CA LEU E 68 45.09 17.33 -7.46
C LEU E 68 44.28 18.62 -7.30
N LYS E 69 43.39 18.89 -8.25
CA LYS E 69 42.53 20.08 -8.18
C LYS E 69 41.05 19.68 -8.18
N TYR E 70 40.30 20.31 -7.28
CA TYR E 70 38.84 20.19 -7.13
C TYR E 70 38.02 21.14 -8.00
N PRO E 71 37.45 20.64 -9.11
CA PRO E 71 36.70 21.55 -9.99
C PRO E 71 35.39 22.05 -9.34
N ILE E 72 34.73 21.23 -8.53
CA ILE E 72 33.48 21.64 -7.90
C ILE E 72 33.64 21.84 -6.39
N GLU E 73 33.38 23.06 -5.91
CA GLU E 73 33.47 23.34 -4.48
C GLU E 73 32.13 23.86 -4.00
N HIS E 74 31.61 23.24 -2.94
CA HIS E 74 30.32 23.58 -2.36
C HIS E 74 29.21 23.51 -3.41
N GLY E 75 29.32 22.56 -4.33
CA GLY E 75 28.27 22.31 -5.29
C GLY E 75 28.29 23.21 -6.52
N ILE E 76 29.18 24.19 -6.54
CA ILE E 76 29.24 25.15 -7.64
C ILE E 76 30.57 25.02 -8.40
N ILE E 77 30.48 24.95 -9.72
CA ILE E 77 31.66 24.83 -10.59
C ILE E 77 32.54 26.08 -10.55
N THR E 78 33.82 25.89 -10.26
CA THR E 78 34.74 27.03 -10.16
C THR E 78 35.90 26.94 -11.15
N ASN E 79 36.27 25.71 -11.55
CA ASN E 79 37.33 25.51 -12.54
C ASN E 79 36.81 24.82 -13.79
N TRP E 80 36.62 25.57 -14.87
CA TRP E 80 35.95 25.05 -16.06
C TRP E 80 36.76 24.04 -16.91
N ASP E 81 38.07 24.23 -17.00
CA ASP E 81 38.91 23.30 -17.75
C ASP E 81 38.87 21.92 -17.11
N ASP E 82 39.01 21.91 -15.79
CA ASP E 82 38.99 20.67 -15.02
C ASP E 82 37.62 20.02 -15.15
N MET E 83 36.57 20.85 -15.19
CA MET E 83 35.21 20.34 -15.35
C MET E 83 35.03 19.69 -16.72
N GLU E 84 35.63 20.29 -17.74
CA GLU E 84 35.60 19.73 -19.07
C GLU E 84 36.33 18.39 -19.08
N LYS E 85 37.41 18.30 -18.34
CA LYS E 85 38.15 17.05 -18.20
C LYS E 85 37.27 15.97 -17.55
N ILE E 86 36.57 16.36 -16.48
CA ILE E 86 35.66 15.45 -15.78
C ILE E 86 34.54 14.97 -16.68
N TRP E 87 33.96 15.87 -17.46
CA TRP E 87 32.87 15.51 -18.37
C TRP E 87 33.35 14.59 -19.48
N HIS E 88 34.55 14.86 -20.00
CA HIS E 88 35.15 14.00 -21.01
C HIS E 88 35.36 12.59 -20.47
N HIS E 89 35.91 12.52 -19.25
CA HIS E 89 36.15 11.25 -18.59
C HIS E 89 34.83 10.52 -18.36
N THR E 90 33.81 11.26 -17.98
CA THR E 90 32.46 10.72 -17.79
C THR E 90 31.90 10.07 -19.05
N PHE E 91 31.91 10.82 -20.15
CA PHE E 91 31.35 10.31 -21.40
C PHE E 91 32.16 9.14 -21.96
N TYR E 92 33.46 9.36 -22.12
CA TYR E 92 34.31 8.41 -22.83
C TYR E 92 34.82 7.24 -21.99
N ASN E 93 35.37 7.52 -20.81
CA ASN E 93 35.96 6.47 -20.00
C ASN E 93 34.96 5.69 -19.16
N GLU E 94 34.04 6.39 -18.52
CA GLU E 94 33.11 5.77 -17.57
C GLU E 94 31.86 5.18 -18.24
N LEU E 95 31.19 5.98 -19.08
CA LEU E 95 29.94 5.54 -19.71
C LEU E 95 30.11 4.92 -21.08
N ARG E 96 31.26 5.16 -21.72
CA ARG E 96 31.55 4.66 -23.05
C ARG E 96 30.52 5.07 -24.10
N VAL E 97 30.25 6.36 -24.21
CA VAL E 97 29.26 6.86 -25.18
C VAL E 97 29.77 8.05 -25.99
N ALA E 98 29.09 8.34 -27.10
CA ALA E 98 29.36 9.53 -27.88
C ALA E 98 28.37 10.62 -27.49
N PRO E 99 28.86 11.73 -26.93
CA PRO E 99 27.98 12.78 -26.40
C PRO E 99 27.03 13.38 -27.43
N GLU E 100 27.44 13.40 -28.70
CA GLU E 100 26.59 13.89 -29.77
C GLU E 100 25.42 12.97 -30.08
N GLU E 101 25.44 11.78 -29.48
CA GLU E 101 24.41 10.79 -29.73
C GLU E 101 23.37 10.68 -28.62
N HIS E 102 23.48 11.53 -27.60
CA HIS E 102 22.61 11.43 -26.44
C HIS E 102 22.22 12.79 -25.86
N PRO E 103 20.91 12.99 -25.64
CA PRO E 103 20.43 14.10 -24.81
C PRO E 103 21.02 13.98 -23.42
N THR E 104 21.37 15.10 -22.80
CA THR E 104 22.06 15.05 -21.50
C THR E 104 21.41 15.92 -20.41
N LEU E 105 21.01 15.29 -19.32
CA LEU E 105 20.49 16.01 -18.16
C LEU E 105 21.60 16.18 -17.13
N LEU E 106 21.92 17.43 -16.83
CA LEU E 106 22.91 17.76 -15.82
C LEU E 106 22.23 18.27 -14.55
N THR E 107 22.88 18.09 -13.41
CA THR E 107 22.36 18.68 -12.18
C THR E 107 23.16 19.93 -11.79
N GLU E 108 22.55 20.80 -10.99
CA GLU E 108 23.22 21.99 -10.48
C GLU E 108 22.84 22.21 -9.02
N ALA E 109 23.65 22.99 -8.32
CA ALA E 109 23.39 23.32 -6.93
C ALA E 109 22.29 24.38 -6.83
N PRO E 110 21.57 24.41 -5.69
CA PRO E 110 20.63 25.50 -5.40
C PRO E 110 21.34 26.86 -5.43
N LEU E 111 20.65 27.87 -5.96
CA LEU E 111 21.19 29.24 -6.02
C LEU E 111 22.40 29.37 -6.94
N ASN E 112 22.55 28.42 -7.86
CA ASN E 112 23.57 28.49 -8.90
C ASN E 112 23.45 29.76 -9.73
N PRO E 113 24.55 30.52 -9.84
CA PRO E 113 24.60 31.78 -10.60
C PRO E 113 24.22 31.60 -12.07
N LYS E 114 23.62 32.62 -12.65
CA LYS E 114 23.16 32.60 -14.04
C LYS E 114 24.28 32.32 -15.05
N ALA E 115 25.40 33.01 -14.85
CA ALA E 115 26.55 32.86 -15.73
C ALA E 115 27.07 31.43 -15.69
N ASN E 116 26.97 30.83 -14.52
CA ASN E 116 27.47 29.47 -14.30
C ASN E 116 26.69 28.44 -15.14
N ARG E 117 25.37 28.50 -15.06
CA ARG E 117 24.53 27.58 -15.83
C ARG E 117 24.59 27.90 -17.33
N GLU E 118 24.76 29.17 -17.66
CA GLU E 118 24.95 29.57 -19.06
C GLU E 118 26.21 28.92 -19.63
N LYS E 119 27.27 28.95 -18.84
CA LYS E 119 28.54 28.34 -19.22
C LYS E 119 28.38 26.83 -19.34
N MET E 120 27.60 26.23 -18.44
CA MET E 120 27.30 24.81 -18.53
C MET E 120 26.68 24.49 -19.89
N THR E 121 25.68 25.28 -20.27
CA THR E 121 24.99 25.06 -21.54
C THR E 121 25.92 25.23 -22.73
N GLN E 122 26.70 26.32 -22.72
CA GLN E 122 27.64 26.61 -23.80
C GLN E 122 28.63 25.46 -23.99
N ILE E 123 29.20 24.97 -22.88
CA ILE E 123 30.17 23.89 -22.96
C ILE E 123 29.52 22.60 -23.47
N MET E 124 28.33 22.30 -22.96
CA MET E 124 27.64 21.10 -23.40
C MET E 124 27.36 21.11 -24.90
N PHE E 125 26.87 22.22 -25.43
CA PHE E 125 26.56 22.25 -26.86
C PHE E 125 27.77 22.39 -27.79
N GLU E 126 28.68 23.32 -27.46
CA GLU E 126 29.82 23.60 -28.32
C GLU E 126 30.98 22.61 -28.21
N THR E 127 31.34 22.25 -26.98
CA THR E 127 32.48 21.36 -26.77
C THR E 127 32.13 19.89 -27.01
N PHE E 128 30.97 19.47 -26.52
CA PHE E 128 30.59 18.06 -26.57
C PHE E 128 29.56 17.76 -27.66
N ASN E 129 29.05 18.81 -28.29
CA ASN E 129 28.15 18.71 -29.44
C ASN E 129 26.92 17.83 -29.18
N VAL E 130 26.35 17.95 -27.99
CA VAL E 130 25.15 17.20 -27.65
C VAL E 130 23.95 17.66 -28.48
N PRO E 131 23.06 16.71 -28.83
CA PRO E 131 21.85 17.04 -29.61
C PRO E 131 20.83 17.77 -28.76
N ALA E 132 20.92 17.60 -27.44
CA ALA E 132 19.99 18.22 -26.50
C ALA E 132 20.57 18.17 -25.09
N MET E 133 20.13 19.10 -24.22
CA MET E 133 20.51 19.05 -22.82
C MET E 133 19.55 19.82 -21.91
N TYR E 134 19.66 19.58 -20.61
CA TYR E 134 18.80 20.21 -19.62
C TYR E 134 19.57 20.39 -18.32
N VAL E 135 19.26 21.42 -17.56
CA VAL E 135 19.89 21.61 -16.25
C VAL E 135 18.84 21.65 -15.14
N ALA E 136 18.94 20.71 -14.21
CA ALA E 136 17.96 20.62 -13.13
C ALA E 136 18.58 20.84 -11.75
N ILE E 137 17.82 21.47 -10.86
CA ILE E 137 18.25 21.64 -9.48
C ILE E 137 18.26 20.29 -8.77
N GLN E 138 19.35 19.99 -8.07
CA GLN E 138 19.52 18.70 -7.40
C GLN E 138 18.36 18.38 -6.46
N ALA E 139 18.01 19.33 -5.61
CA ALA E 139 16.95 19.13 -4.62
C ALA E 139 15.60 18.86 -5.26
N VAL E 140 15.35 19.51 -6.40
CA VAL E 140 14.10 19.29 -7.13
C VAL E 140 14.03 17.86 -7.64
N LEU E 141 15.12 17.39 -8.22
CA LEU E 141 15.23 16.01 -8.68
C LEU E 141 15.06 15.03 -7.52
N SER E 142 15.63 15.37 -6.37
CA SER E 142 15.48 14.57 -5.16
C SER E 142 14.01 14.44 -4.79
N LEU E 143 13.29 15.54 -4.92
CA LEU E 143 11.86 15.55 -4.63
C LEU E 143 11.12 14.66 -5.64
N TYR E 144 11.47 14.82 -6.92
CA TYR E 144 10.87 14.06 -8.01
C TYR E 144 11.06 12.54 -7.93
N ALA E 145 12.21 12.11 -7.42
CA ALA E 145 12.52 10.68 -7.37
C ALA E 145 11.53 9.90 -6.51
N SER E 146 10.94 10.59 -5.54
CA SER E 146 9.95 9.98 -4.66
C SER E 146 8.54 10.17 -5.20
N GLY E 147 8.45 10.73 -6.40
CA GLY E 147 7.16 10.95 -7.03
C GLY E 147 6.41 12.17 -6.52
N ARG E 148 7.14 13.12 -5.93
CA ARG E 148 6.51 14.32 -5.38
C ARG E 148 6.96 15.55 -6.18
N THR E 149 6.15 16.60 -6.15
CA THR E 149 6.54 17.89 -6.70
C THR E 149 6.48 19.03 -5.68
N THR E 150 6.00 18.73 -4.47
CA THR E 150 5.96 19.73 -3.41
C THR E 150 6.51 19.15 -2.11
N GLY E 151 7.43 19.87 -1.48
CA GLY E 151 7.99 19.46 -0.21
C GLY E 151 9.28 20.20 0.07
N ILE E 152 9.92 19.89 1.20
CA ILE E 152 11.21 20.50 1.52
C ILE E 152 12.32 19.46 1.58
N VAL E 153 13.38 19.72 0.81
CA VAL E 153 14.48 18.78 0.68
C VAL E 153 15.66 19.20 1.54
N LEU E 154 16.23 18.24 2.27
CA LEU E 154 17.51 18.44 2.90
C LEU E 154 18.54 17.64 2.10
N ASP E 155 19.36 18.35 1.33
CA ASP E 155 20.34 17.71 0.47
C ASP E 155 21.73 17.94 1.05
N SER E 156 22.30 16.88 1.63
CA SER E 156 23.61 16.99 2.26
C SER E 156 24.59 16.05 1.58
N GLY E 157 25.59 16.63 0.93
CA GLY E 157 26.55 15.84 0.17
C GLY E 157 27.92 15.83 0.80
N ASP E 158 28.95 15.99 -0.02
CA ASP E 158 30.32 15.97 0.45
C ASP E 158 30.80 17.36 0.86
N GLY E 159 30.39 18.38 0.12
CA GLY E 159 30.91 19.72 0.33
C GLY E 159 29.94 20.75 0.86
N VAL E 160 28.65 20.52 0.69
CA VAL E 160 27.66 21.52 1.08
C VAL E 160 26.31 20.89 1.42
N THR E 161 25.57 21.54 2.32
CA THR E 161 24.24 21.08 2.70
C THR E 161 23.21 22.17 2.40
N HIS E 162 22.06 21.79 1.85
CA HIS E 162 21.02 22.76 1.56
C HIS E 162 19.66 22.33 2.09
N ASN E 163 18.86 23.30 2.53
CA ASN E 163 17.42 23.11 2.66
C ASN E 163 16.74 23.86 1.53
N VAL E 164 15.97 23.14 0.72
CA VAL E 164 15.32 23.72 -0.43
C VAL E 164 13.84 23.36 -0.44
N PRO E 165 13.00 24.34 -0.09
CA PRO E 165 11.54 24.18 -0.19
C PRO E 165 11.08 24.38 -1.63
N ILE E 166 10.19 23.51 -2.07
CA ILE E 166 9.76 23.46 -3.46
C ILE E 166 8.26 23.32 -3.51
N TYR E 167 7.59 24.14 -4.30
CA TYR E 167 6.15 24.03 -4.45
C TYR E 167 5.84 23.87 -5.93
N GLU E 168 5.19 22.75 -6.27
CA GLU E 168 4.83 22.45 -7.66
C GLU E 168 6.03 22.54 -8.59
N GLY E 169 7.16 22.01 -8.14
CA GLY E 169 8.36 21.98 -8.95
C GLY E 169 9.20 23.25 -8.93
N TYR E 170 8.68 24.30 -8.31
CA TYR E 170 9.43 25.55 -8.25
C TYR E 170 10.17 25.62 -6.93
N ALA E 171 11.49 25.72 -7.01
CA ALA E 171 12.29 25.98 -5.81
C ALA E 171 12.02 27.42 -5.42
N LEU E 172 11.90 27.66 -4.11
CA LEU E 172 11.61 29.00 -3.61
C LEU E 172 12.88 29.67 -3.10
N PRO E 173 13.53 30.46 -3.96
CA PRO E 173 14.89 30.97 -3.76
C PRO E 173 15.01 31.75 -2.46
N HIS E 174 13.97 32.49 -2.12
CA HIS E 174 13.96 33.35 -0.94
C HIS E 174 14.02 32.55 0.37
N ALA E 175 13.68 31.27 0.30
CA ALA E 175 13.60 30.45 1.50
C ALA E 175 14.69 29.38 1.59
N ILE E 176 15.60 29.37 0.61
CA ILE E 176 16.69 28.40 0.62
C ILE E 176 17.73 28.68 1.70
N MET E 177 18.14 27.64 2.41
CA MET E 177 19.19 27.76 3.42
C MET E 177 20.43 27.00 2.98
N ARG E 178 21.60 27.63 3.08
CA ARG E 178 22.85 26.96 2.75
C ARG E 178 23.75 26.82 3.99
N LEU E 179 24.29 25.63 4.18
CA LEU E 179 25.19 25.34 5.28
C LEU E 179 26.47 24.66 4.78
N ASP E 180 27.62 25.30 5.02
CA ASP E 180 28.90 24.74 4.59
C ASP E 180 29.44 23.74 5.60
N LEU E 181 28.58 22.82 6.00
CA LEU E 181 28.95 21.70 6.86
C LEU E 181 28.39 20.46 6.21
N ALA E 182 29.26 19.52 5.86
CA ALA E 182 28.83 18.32 5.15
C ALA E 182 29.68 17.10 5.50
N GLY E 183 29.66 16.09 4.64
CA GLY E 183 30.33 14.83 4.91
C GLY E 183 31.82 14.92 5.16
N ARG E 184 32.51 15.75 4.37
CA ARG E 184 33.96 15.89 4.47
C ARG E 184 34.31 16.47 5.84
N ASP E 185 33.56 17.49 6.25
CA ASP E 185 33.75 18.13 7.55
C ASP E 185 33.50 17.14 8.68
N LEU E 186 32.53 16.26 8.49
CA LEU E 186 32.23 15.23 9.48
C LEU E 186 33.38 14.23 9.56
N THR E 187 33.98 13.93 8.42
CA THR E 187 35.15 13.05 8.40
C THR E 187 36.29 13.69 9.18
N ASP E 188 36.54 14.98 8.93
CA ASP E 188 37.58 15.70 9.65
C ASP E 188 37.32 15.70 11.15
N TYR E 189 36.08 15.96 11.54
CA TYR E 189 35.72 15.98 12.96
C TYR E 189 35.91 14.61 13.61
N LEU E 190 35.57 13.55 12.87
CA LEU E 190 35.75 12.20 13.37
C LEU E 190 37.23 11.91 13.57
N MET E 191 38.05 12.40 12.64
CA MET E 191 39.50 12.31 12.78
C MET E 191 39.98 13.01 14.04
N LYS E 192 39.47 14.21 14.28
CA LYS E 192 39.84 15.00 15.46
C LYS E 192 39.47 14.32 16.79
N ILE E 193 38.24 13.83 16.88
CA ILE E 193 37.79 13.22 18.12
C ILE E 193 38.38 11.83 18.36
N LEU E 194 38.64 11.09 17.28
CA LEU E 194 39.35 9.83 17.40
C LEU E 194 40.79 10.07 17.85
N THR E 195 41.38 11.15 17.34
CA THR E 195 42.71 11.58 17.75
C THR E 195 42.80 11.97 19.22
N GLU E 196 41.78 12.68 19.71
CA GLU E 196 41.70 13.03 21.12
C GLU E 196 41.68 11.80 22.01
N ARG E 197 41.08 10.73 21.51
CA ARG E 197 41.06 9.43 22.20
C ARG E 197 42.45 8.79 22.24
N GLY E 198 43.36 9.26 21.39
CA GLY E 198 44.70 8.70 21.33
C GLY E 198 45.11 7.87 20.12
N TYR E 199 44.20 7.70 19.16
CA TYR E 199 44.56 7.05 17.90
C TYR E 199 44.97 8.17 16.95
N SER E 200 46.11 8.05 16.28
CA SER E 200 46.55 9.15 15.43
C SER E 200 46.09 8.98 13.99
N PHE E 201 45.30 9.93 13.55
CA PHE E 201 44.83 9.94 12.17
C PHE E 201 45.14 11.27 11.51
N VAL E 202 46.41 11.61 11.39
CA VAL E 202 46.77 12.90 10.78
C VAL E 202 46.94 12.80 9.28
N THR E 203 47.42 11.65 8.83
CA THR E 203 47.75 11.45 7.42
C THR E 203 46.50 11.26 6.54
N THR E 204 46.66 11.56 5.25
CA THR E 204 45.61 11.41 4.24
C THR E 204 45.06 9.97 4.11
N ALA E 205 45.95 8.97 4.12
CA ALA E 205 45.54 7.57 4.07
C ALA E 205 44.71 7.26 5.31
N GLU E 206 45.19 7.79 6.43
CA GLU E 206 44.50 7.70 7.69
C GLU E 206 43.15 8.41 7.58
N ARG E 207 43.11 9.51 6.83
CA ARG E 207 41.84 10.19 6.62
C ARG E 207 40.87 9.26 5.90
N GLU E 208 41.37 8.51 4.91
CA GLU E 208 40.51 7.56 4.21
C GLU E 208 40.00 6.41 5.10
N ILE E 209 40.87 5.85 5.94
CA ILE E 209 40.41 4.80 6.85
C ILE E 209 39.34 5.37 7.79
N VAL E 210 39.55 6.57 8.31
CA VAL E 210 38.55 7.18 9.19
C VAL E 210 37.23 7.44 8.48
N ARG E 211 37.29 7.85 7.22
CA ARG E 211 36.09 8.08 6.42
C ARG E 211 35.33 6.76 6.29
N ASP E 212 36.04 5.67 6.04
CA ASP E 212 35.39 4.36 5.97
C ASP E 212 34.75 3.99 7.31
N ILE E 213 35.46 4.31 8.41
CA ILE E 213 34.94 4.09 9.75
C ILE E 213 33.63 4.85 9.97
N LYS E 214 33.58 6.09 9.49
CA LYS E 214 32.41 6.93 9.62
C LYS E 214 31.25 6.29 8.88
N GLU E 215 31.51 5.84 7.65
CA GLU E 215 30.46 5.24 6.83
C GLU E 215 29.94 3.93 7.42
N LYS E 216 30.81 3.14 8.01
CA LYS E 216 30.42 1.83 8.54
C LYS E 216 29.82 1.84 9.95
N LEU E 217 30.30 2.74 10.82
CA LEU E 217 29.97 2.64 12.25
C LEU E 217 29.15 3.80 12.83
N CYS E 218 29.08 4.93 12.15
CA CYS E 218 28.36 6.07 12.70
C CYS E 218 26.84 6.02 12.55
N TYR E 219 26.16 6.69 13.46
CA TYR E 219 24.70 6.80 13.44
C TYR E 219 24.28 8.05 14.21
N VAL E 220 23.05 8.50 13.99
CA VAL E 220 22.54 9.68 14.67
C VAL E 220 21.68 9.31 15.87
N ALA E 221 22.09 9.78 17.04
CA ALA E 221 21.39 9.49 18.28
C ALA E 221 20.03 10.19 18.30
N LEU E 222 19.02 9.49 18.80
CA LEU E 222 17.68 10.07 18.90
C LEU E 222 17.64 11.12 20.00
N ASP E 223 18.31 10.83 21.11
CA ASP E 223 18.45 11.78 22.20
C ASP E 223 19.95 11.81 22.52
N PHE E 224 20.62 12.89 22.15
CA PHE E 224 22.07 12.97 22.22
C PHE E 224 22.62 12.84 23.65
N GLU E 225 22.00 13.53 24.59
CA GLU E 225 22.44 13.50 25.98
C GLU E 225 22.26 12.11 26.58
N ASN E 226 21.11 11.50 26.29
CA ASN E 226 20.79 10.15 26.77
C ASN E 226 21.76 9.12 26.20
N GLU E 227 22.14 9.29 24.94
CA GLU E 227 23.08 8.39 24.29
C GLU E 227 24.48 8.57 24.87
N MET E 228 24.83 9.80 25.21
CA MET E 228 26.08 10.08 25.91
C MET E 228 26.08 9.37 27.26
N ALA E 229 24.94 9.40 27.93
CA ALA E 229 24.78 8.77 29.23
C ALA E 229 24.90 7.25 29.10
N THR E 230 24.31 6.69 28.06
CA THR E 230 24.43 5.27 27.77
C THR E 230 25.89 4.89 27.50
N ALA E 231 26.59 5.74 26.77
CA ALA E 231 28.00 5.49 26.44
C ALA E 231 28.86 5.55 27.69
N ALA E 232 28.47 6.38 28.65
CA ALA E 232 29.18 6.50 29.91
C ALA E 232 28.82 5.39 30.90
N SER E 233 27.63 4.82 30.74
CA SER E 233 27.12 3.80 31.66
C SER E 233 27.62 2.38 31.41
N SER E 234 27.89 2.04 30.15
CA SER E 234 28.27 0.66 29.82
C SER E 234 29.07 0.59 28.51
N SER E 235 29.59 -0.60 28.22
CA SER E 235 30.35 -0.81 26.99
C SER E 235 29.44 -1.27 25.85
N SER E 236 28.13 -1.13 26.05
CA SER E 236 27.14 -1.63 25.10
C SER E 236 27.20 -0.96 23.72
N LEU E 237 27.54 0.32 23.68
CA LEU E 237 27.63 1.04 22.42
C LEU E 237 28.96 0.84 21.69
N GLU E 238 29.99 0.45 22.44
CA GLU E 238 31.32 0.23 21.87
C GLU E 238 31.32 -0.79 20.73
N LYS E 239 32.11 -0.52 19.69
CA LYS E 239 32.27 -1.43 18.57
C LYS E 239 33.75 -1.52 18.24
N SER E 240 34.16 -2.52 17.48
CA SER E 240 35.59 -2.65 17.17
C SER E 240 35.86 -2.61 15.67
N TYR E 241 36.87 -1.84 15.28
CA TYR E 241 37.25 -1.73 13.88
C TYR E 241 38.71 -2.18 13.70
N GLU E 242 38.94 -3.06 12.73
CA GLU E 242 40.29 -3.55 12.46
C GLU E 242 40.94 -2.78 11.33
N LEU E 243 42.01 -2.07 11.67
CA LEU E 243 42.76 -1.25 10.72
C LEU E 243 43.51 -2.14 9.71
N PRO E 244 43.94 -1.56 8.58
CA PRO E 244 44.72 -2.29 7.58
C PRO E 244 46.00 -2.89 8.13
N ASP E 245 46.64 -2.20 9.09
CA ASP E 245 47.83 -2.74 9.74
C ASP E 245 47.50 -3.92 10.67
N GLY E 246 46.22 -4.28 10.74
CA GLY E 246 45.75 -5.36 11.59
C GLY E 246 45.57 -4.94 13.03
N GLN E 247 45.91 -3.70 13.34
CA GLN E 247 45.62 -3.12 14.65
C GLN E 247 44.11 -3.03 14.85
N VAL E 248 43.66 -3.24 16.08
CA VAL E 248 42.24 -3.19 16.39
C VAL E 248 41.92 -2.05 17.34
N ILE E 249 40.91 -1.26 17.00
CA ILE E 249 40.53 -0.10 17.80
C ILE E 249 39.10 -0.23 18.28
N THR E 250 38.78 0.43 19.39
CA THR E 250 37.44 0.38 19.95
C THR E 250 36.84 1.78 19.87
N ILE E 251 35.63 1.88 19.33
CA ILE E 251 34.96 3.16 19.19
C ILE E 251 33.66 3.21 20.00
N GLY E 252 33.50 4.28 20.77
CA GLY E 252 32.35 4.43 21.65
C GLY E 252 31.37 5.50 21.23
N ASN E 253 31.44 6.65 21.89
CA ASN E 253 30.52 7.74 21.60
C ASN E 253 30.83 8.48 20.30
N GLU E 254 32.05 8.30 19.79
CA GLU E 254 32.45 8.91 18.53
C GLU E 254 31.49 8.49 17.42
N ARG E 255 30.87 7.33 17.60
CA ARG E 255 29.88 6.81 16.66
C ARG E 255 28.73 7.79 16.42
N PHE E 256 28.25 8.42 17.48
CA PHE E 256 27.14 9.37 17.34
C PHE E 256 27.51 10.83 17.55
N ARG E 257 28.67 11.07 18.12
CA ARG E 257 29.17 12.43 18.29
C ARG E 257 29.52 13.01 16.92
N CYS E 258 30.03 12.17 16.04
CA CYS E 258 30.41 12.59 14.69
C CYS E 258 29.27 13.22 13.87
N PRO E 259 28.14 12.49 13.66
CA PRO E 259 27.10 13.12 12.85
C PRO E 259 26.26 14.14 13.63
N GLU E 260 26.42 14.18 14.95
CA GLU E 260 25.73 15.17 15.77
C GLU E 260 26.08 16.61 15.37
N THR E 261 27.25 16.77 14.76
CA THR E 261 27.70 18.08 14.29
C THR E 261 26.67 18.70 13.33
N LEU E 262 25.94 17.87 12.59
CA LEU E 262 24.91 18.38 11.69
C LEU E 262 23.82 19.12 12.46
N PHE E 263 23.52 18.66 13.67
CA PHE E 263 22.50 19.27 14.49
C PHE E 263 23.11 20.30 15.44
N GLN E 264 24.39 20.13 15.74
CA GLN E 264 25.11 21.07 16.58
C GLN E 264 26.44 21.47 15.95
N PRO E 265 26.40 22.40 14.97
CA PRO E 265 27.61 22.83 14.25
C PRO E 265 28.65 23.47 15.16
N SER E 266 28.21 23.89 16.34
CA SER E 266 29.11 24.47 17.34
C SER E 266 30.22 23.49 17.73
N PHE E 267 30.00 22.21 17.42
CA PHE E 267 30.99 21.17 17.66
C PHE E 267 32.29 21.42 16.89
N ILE E 268 32.19 22.10 15.76
CA ILE E 268 33.39 22.43 14.98
C ILE E 268 33.65 23.94 14.93
N GLY E 269 33.06 24.67 15.86
CA GLY E 269 33.30 26.09 15.99
C GLY E 269 32.47 26.96 15.06
N MET E 270 31.44 26.37 14.47
CA MET E 270 30.52 27.12 13.61
C MET E 270 29.38 27.71 14.43
N GLU E 271 28.95 28.91 14.05
CA GLU E 271 27.85 29.58 14.75
C GLU E 271 26.48 29.25 14.16
N SER E 272 26.49 28.56 13.02
CA SER E 272 25.25 28.21 12.34
C SER E 272 24.33 27.33 13.18
N ALA E 273 23.03 27.44 12.93
CA ALA E 273 22.03 26.56 13.50
C ALA E 273 22.16 25.16 12.90
N GLY E 274 21.62 24.16 13.58
CA GLY E 274 21.67 22.80 13.08
C GLY E 274 20.67 22.58 11.95
N ILE E 275 20.73 21.42 11.31
CA ILE E 275 19.93 21.15 10.13
C ILE E 275 18.42 21.14 10.40
N HIS E 276 18.05 20.79 11.63
CA HIS E 276 16.64 20.80 12.01
C HIS E 276 16.15 22.24 12.14
N GLU E 277 17.01 23.09 12.70
CA GLU E 277 16.69 24.50 12.89
C GLU E 277 16.65 25.23 11.55
N THR E 278 17.57 24.87 10.65
CA THR E 278 17.60 25.46 9.32
C THR E 278 16.42 24.97 8.46
N THR E 279 16.02 23.73 8.69
CA THR E 279 14.82 23.20 8.05
C THR E 279 13.62 24.02 8.50
N TYR E 280 13.50 24.21 9.80
CA TYR E 280 12.41 25.01 10.38
C TYR E 280 12.41 26.44 9.83
N ASN E 281 13.59 27.05 9.79
CA ASN E 281 13.73 28.42 9.27
C ASN E 281 13.36 28.53 7.80
N SER E 282 13.76 27.53 7.03
CA SER E 282 13.43 27.46 5.60
C SER E 282 11.92 27.37 5.43
N ILE E 283 11.29 26.53 6.24
CA ILE E 283 9.85 26.40 6.23
C ILE E 283 9.17 27.73 6.59
N MET E 284 9.72 28.43 7.58
CA MET E 284 9.15 29.69 8.02
C MET E 284 9.31 30.81 7.01
N LYS E 285 10.35 30.75 6.18
CA LYS E 285 10.54 31.77 5.16
C LYS E 285 9.55 31.63 4.00
N CYS E 286 8.85 30.50 3.96
CA CYS E 286 7.84 30.26 2.93
C CYS E 286 6.48 30.76 3.37
N ASP E 287 5.59 30.96 2.40
CA ASP E 287 4.23 31.40 2.68
C ASP E 287 3.53 30.40 3.60
N ILE E 288 2.72 30.92 4.53
CA ILE E 288 2.10 30.11 5.57
C ILE E 288 1.17 29.01 5.01
N ASP E 289 0.48 29.31 3.91
CA ASP E 289 -0.48 28.37 3.33
C ASP E 289 0.10 27.05 2.82
N ILE E 290 1.35 27.09 2.36
CA ILE E 290 2.01 25.92 1.79
C ILE E 290 2.81 25.18 2.87
N ARG E 291 2.91 25.83 4.03
CA ARG E 291 3.74 25.36 5.13
C ARG E 291 3.35 23.95 5.58
N LYS E 292 2.05 23.70 5.66
CA LYS E 292 1.54 22.38 6.01
C LYS E 292 2.04 21.34 5.02
N ASP E 293 2.00 21.69 3.75
CA ASP E 293 2.49 20.82 2.67
C ASP E 293 3.99 20.57 2.80
N LEU E 294 4.73 21.57 3.28
CA LEU E 294 6.17 21.39 3.48
C LEU E 294 6.49 20.47 4.65
N TYR E 295 5.77 20.62 5.76
CA TYR E 295 6.03 19.79 6.94
C TYR E 295 5.78 18.31 6.70
N ALA E 296 4.76 17.99 5.91
CA ALA E 296 4.39 16.60 5.68
C ALA E 296 5.26 15.95 4.62
N ASN E 297 6.16 16.71 4.02
CA ASN E 297 7.01 16.18 2.97
C ASN E 297 8.46 16.64 3.08
N ASN E 298 9.15 16.16 4.10
CA ASN E 298 10.57 16.39 4.24
C ASN E 298 11.33 15.24 3.58
N VAL E 299 12.00 15.53 2.47
CA VAL E 299 12.76 14.51 1.77
C VAL E 299 14.25 14.71 2.04
N MET E 300 14.91 13.66 2.50
CA MET E 300 16.34 13.73 2.75
C MET E 300 17.11 13.04 1.64
N SER E 301 18.16 13.72 1.15
CA SER E 301 18.96 13.18 0.06
C SER E 301 20.44 13.52 0.25
N GLY E 302 21.29 12.69 -0.33
CA GLY E 302 22.73 12.89 -0.24
C GLY E 302 23.35 11.87 0.69
N GLY E 303 24.65 11.67 0.53
CA GLY E 303 25.37 10.67 1.30
C GLY E 303 25.41 10.94 2.79
N THR E 304 25.41 12.22 3.15
CA THR E 304 25.59 12.62 4.54
C THR E 304 24.28 12.44 5.33
N THR E 305 23.23 12.03 4.63
CA THR E 305 21.96 11.68 5.24
C THR E 305 21.80 10.18 5.47
N MET E 306 22.85 9.42 5.21
CA MET E 306 22.80 7.96 5.29
C MET E 306 22.91 7.38 6.70
N TYR E 307 23.27 8.22 7.68
CA TYR E 307 23.40 7.77 9.05
C TYR E 307 22.10 7.18 9.57
N PRO E 308 22.14 5.95 10.11
CA PRO E 308 20.98 5.34 10.75
C PRO E 308 20.44 6.22 11.89
N GLY E 309 19.13 6.39 11.96
CA GLY E 309 18.53 7.15 13.04
C GLY E 309 18.32 8.63 12.80
N ILE E 310 18.84 9.15 11.68
CA ILE E 310 18.77 10.58 11.40
C ILE E 310 17.34 11.03 11.09
N ALA E 311 16.56 10.16 10.45
CA ALA E 311 15.18 10.48 10.10
C ALA E 311 14.33 10.60 11.35
N ASP E 312 14.53 9.70 12.29
CA ASP E 312 13.78 9.67 13.55
C ASP E 312 14.13 10.91 14.38
N ARG E 313 15.41 11.25 14.41
CA ARG E 313 15.89 12.43 15.12
C ARG E 313 15.30 13.70 14.54
N MET E 314 15.30 13.78 13.21
CA MET E 314 14.75 14.92 12.51
C MET E 314 13.26 15.04 12.81
N GLN E 315 12.58 13.89 12.81
CA GLN E 315 11.16 13.83 13.16
C GLN E 315 10.92 14.42 14.54
N LYS E 316 11.73 14.01 15.51
CA LYS E 316 11.58 14.47 16.89
C LYS E 316 11.80 15.98 17.00
N GLU E 317 12.87 16.46 16.37
CA GLU E 317 13.22 17.87 16.46
C GLU E 317 12.22 18.79 15.74
N ILE E 318 11.84 18.41 14.53
CA ILE E 318 10.87 19.19 13.77
C ILE E 318 9.52 19.21 14.49
N THR E 319 9.12 18.07 15.06
CA THR E 319 7.92 18.03 15.88
C THR E 319 8.07 19.00 17.06
N ALA E 320 9.28 19.05 17.62
CA ALA E 320 9.54 19.94 18.75
C ALA E 320 9.49 21.44 18.40
N LEU E 321 9.83 21.80 17.18
CA LEU E 321 9.82 23.22 16.79
C LEU E 321 8.47 23.68 16.23
N ALA E 322 7.78 22.78 15.53
CA ALA E 322 6.55 23.10 14.82
C ALA E 322 5.37 23.15 15.79
N PRO E 323 4.21 23.68 15.35
CA PRO E 323 3.02 23.60 16.21
C PRO E 323 2.76 22.14 16.60
N SER E 324 2.23 21.93 17.79
CA SER E 324 2.07 20.59 18.37
C SER E 324 1.27 19.58 17.54
N THR E 325 0.30 20.06 16.77
CA THR E 325 -0.58 19.19 16.00
C THR E 325 -0.19 19.02 14.53
N MET E 326 0.91 19.64 14.13
CA MET E 326 1.31 19.59 12.73
C MET E 326 1.75 18.17 12.41
N LYS E 327 1.30 17.66 11.27
CA LYS E 327 1.70 16.34 10.83
C LYS E 327 3.08 16.43 10.20
N ILE E 328 4.00 15.66 10.75
CA ILE E 328 5.38 15.66 10.28
C ILE E 328 5.71 14.30 9.71
N LYS E 329 6.26 14.29 8.51
CA LYS E 329 6.68 13.06 7.87
C LYS E 329 8.06 13.28 7.28
N ILE E 330 9.00 12.44 7.68
CA ILE E 330 10.35 12.50 7.15
C ILE E 330 10.52 11.36 6.17
N ILE E 331 10.90 11.69 4.94
CA ILE E 331 11.07 10.68 3.92
C ILE E 331 12.55 10.45 3.66
N ALA E 332 13.00 9.25 3.96
CA ALA E 332 14.42 8.92 3.85
C ALA E 332 14.59 7.47 3.43
N PRO E 333 14.43 7.21 2.12
CA PRO E 333 14.55 5.85 1.60
C PRO E 333 16.00 5.39 1.68
N PRO E 334 16.25 4.07 1.70
CA PRO E 334 17.63 3.60 1.81
C PRO E 334 18.49 4.06 0.63
N GLU E 335 17.89 4.29 -0.53
CA GLU E 335 18.64 4.64 -1.74
C GLU E 335 18.98 6.12 -1.77
N ARG E 336 18.60 6.85 -0.72
CA ARG E 336 18.62 8.31 -0.73
C ARG E 336 19.97 8.92 -1.11
N LYS E 337 21.04 8.17 -0.87
CA LYS E 337 22.40 8.65 -1.12
C LYS E 337 22.58 9.00 -2.59
N TYR E 338 21.77 8.37 -3.44
CA TYR E 338 21.85 8.62 -4.88
C TYR E 338 20.53 9.13 -5.45
N SER E 339 19.61 9.52 -4.56
CA SER E 339 18.24 9.79 -4.99
C SER E 339 18.15 10.93 -6.00
N VAL E 340 19.05 11.90 -5.85
CA VAL E 340 19.16 13.02 -6.78
C VAL E 340 19.24 12.45 -8.19
N TRP E 341 20.25 11.61 -8.41
CA TRP E 341 20.47 11.03 -9.73
C TRP E 341 19.22 10.29 -10.17
N ILE E 342 18.62 9.54 -9.26
CA ILE E 342 17.48 8.71 -9.61
C ILE E 342 16.38 9.61 -10.15
N GLY E 343 16.19 10.76 -9.51
CA GLY E 343 15.15 11.67 -9.93
C GLY E 343 15.39 12.07 -11.37
N GLY E 344 16.64 12.43 -11.67
CA GLY E 344 16.98 12.84 -13.02
C GLY E 344 16.67 11.71 -13.96
N SER E 345 17.08 10.50 -13.56
CA SER E 345 16.87 9.32 -14.39
C SER E 345 15.39 9.16 -14.71
N ILE E 346 14.54 9.40 -13.71
CA ILE E 346 13.10 9.31 -13.93
C ILE E 346 12.67 10.46 -14.85
N LEU E 347 13.08 11.68 -14.49
CA LEU E 347 12.60 12.87 -15.18
C LEU E 347 12.94 12.81 -16.66
N ALA E 348 14.18 12.44 -16.94
CA ALA E 348 14.69 12.38 -18.31
C ALA E 348 14.10 11.20 -19.09
N SER E 349 13.44 10.29 -18.39
CA SER E 349 12.85 9.11 -19.03
C SER E 349 11.34 9.27 -19.25
N LEU E 350 10.79 10.38 -18.80
CA LEU E 350 9.37 10.65 -19.03
C LEU E 350 9.16 11.07 -20.48
N SER E 351 8.07 10.59 -21.08
CA SER E 351 7.73 10.93 -22.45
C SER E 351 7.44 12.42 -22.57
N THR E 352 6.75 12.97 -21.58
CA THR E 352 6.34 14.37 -21.61
C THR E 352 7.53 15.32 -21.43
N PHE E 353 8.65 14.79 -20.96
CA PHE E 353 9.87 15.57 -20.79
C PHE E 353 10.60 15.85 -22.10
N GLN E 354 10.30 15.06 -23.13
CA GLN E 354 11.07 15.10 -24.38
C GLN E 354 11.00 16.47 -25.05
N GLN E 355 9.86 17.15 -24.91
CA GLN E 355 9.72 18.51 -25.41
C GLN E 355 10.55 19.50 -24.59
N MET E 356 10.81 19.14 -23.33
CA MET E 356 11.43 20.08 -22.39
C MET E 356 12.92 20.31 -22.67
N TRP E 357 13.57 19.34 -23.31
CA TRP E 357 15.00 19.43 -23.64
C TRP E 357 15.31 20.69 -24.44
N ILE E 358 16.46 21.29 -24.17
CA ILE E 358 16.96 22.35 -25.05
C ILE E 358 17.70 21.70 -26.21
N THR E 359 17.18 21.84 -27.41
CA THR E 359 17.80 21.24 -28.58
C THR E 359 18.97 22.09 -29.08
N LYS E 360 19.89 21.46 -29.80
CA LYS E 360 21.07 22.15 -30.32
C LYS E 360 20.68 23.26 -31.29
N GLN E 361 19.59 23.07 -32.03
CA GLN E 361 19.11 24.10 -32.94
C GLN E 361 18.67 25.33 -32.14
N GLU E 362 17.94 25.09 -31.06
CA GLU E 362 17.45 26.17 -30.21
C GLU E 362 18.64 26.91 -29.63
N TYR E 363 19.65 26.16 -29.20
CA TYR E 363 20.87 26.75 -28.67
C TYR E 363 21.56 27.60 -29.74
N ASP E 364 21.53 27.13 -30.97
CA ASP E 364 22.14 27.87 -32.06
C ASP E 364 21.41 29.21 -32.23
N GLU E 365 20.09 29.16 -32.09
CA GLU E 365 19.26 30.36 -32.21
C GLU E 365 19.37 31.40 -31.09
N ALA E 366 19.40 30.93 -29.84
CA ALA E 366 19.32 31.84 -28.69
C ALA E 366 20.63 31.98 -27.89
N GLY E 367 21.53 31.04 -28.09
CA GLY E 367 22.79 30.98 -27.36
C GLY E 367 22.62 30.48 -25.94
N PRO E 368 23.58 30.77 -25.07
CA PRO E 368 23.56 30.39 -23.65
C PRO E 368 22.31 30.89 -22.92
N SER E 369 21.70 31.95 -23.46
CA SER E 369 20.53 32.59 -22.87
C SER E 369 19.34 31.66 -22.69
N ILE E 370 19.20 30.70 -23.61
CA ILE E 370 18.00 29.86 -23.68
C ILE E 370 17.72 29.02 -22.42
N VAL E 371 18.78 28.64 -21.70
CA VAL E 371 18.64 27.76 -20.54
C VAL E 371 17.74 28.37 -19.45
N HIS E 372 17.82 29.68 -19.26
CA HIS E 372 17.04 30.37 -18.24
C HIS E 372 15.54 30.26 -18.50
N ARG E 373 15.16 30.49 -19.75
CA ARG E 373 13.76 30.41 -20.15
C ARG E 373 13.27 28.98 -20.16
N LYS E 374 14.07 28.10 -20.76
CA LYS E 374 13.68 26.70 -20.95
C LYS E 374 13.69 25.84 -19.70
N CYS E 375 14.61 26.10 -18.77
CA CYS E 375 14.72 25.27 -17.57
C CYS E 375 14.36 25.98 -16.27
N PHE E 376 13.40 25.45 -15.54
CA PHE E 376 12.95 26.06 -14.29
C PHE E 376 12.16 25.08 -13.41
N THR F 7 6.94 45.65 22.45
CA THR F 7 6.32 45.21 21.22
C THR F 7 4.84 44.86 21.43
N ALA F 8 3.98 45.45 20.61
CA ALA F 8 2.54 45.23 20.70
C ALA F 8 2.13 43.90 20.04
N LEU F 9 0.99 43.36 20.46
CA LEU F 9 0.46 42.14 19.87
C LEU F 9 -0.75 42.47 19.00
N VAL F 10 -0.98 41.65 17.98
CA VAL F 10 -2.14 41.82 17.11
C VAL F 10 -2.95 40.53 16.99
N CYS F 11 -4.22 40.60 17.34
CA CYS F 11 -5.11 39.45 17.34
C CYS F 11 -6.40 39.70 16.56
N ASP F 12 -6.55 38.98 15.45
CA ASP F 12 -7.73 39.02 14.62
C ASP F 12 -8.57 37.79 14.91
N ASN F 13 -9.71 38.01 15.55
CA ASN F 13 -10.58 36.93 16.03
C ASN F 13 -11.59 36.54 14.98
N GLY F 14 -11.18 35.67 14.06
CA GLY F 14 -12.05 35.25 12.99
C GLY F 14 -13.07 34.20 13.40
N SER F 15 -14.14 34.11 12.63
CA SER F 15 -15.17 33.09 12.85
C SER F 15 -14.62 31.70 12.62
N GLY F 16 -13.65 31.60 11.72
CA GLY F 16 -13.06 30.32 11.38
C GLY F 16 -11.63 30.26 11.90
N LEU F 17 -10.87 31.31 11.66
CA LEU F 17 -9.46 31.32 12.01
C LEU F 17 -9.05 32.54 12.84
N VAL F 18 -8.34 32.28 13.94
CA VAL F 18 -7.69 33.30 14.71
C VAL F 18 -6.30 33.55 14.13
N LYS F 19 -6.01 34.81 13.83
CA LYS F 19 -4.68 35.21 13.39
C LYS F 19 -4.00 36.06 14.47
N ALA F 20 -2.84 35.61 14.95
CA ALA F 20 -2.19 36.32 16.04
C ALA F 20 -0.71 36.51 15.78
N GLY F 21 -0.16 37.63 16.25
CA GLY F 21 1.25 37.88 16.08
C GLY F 21 1.76 39.14 16.74
N PHE F 22 2.93 39.60 16.29
CA PHE F 22 3.58 40.77 16.83
C PHE F 22 3.52 41.95 15.87
N ALA F 23 3.31 43.15 16.41
CA ALA F 23 3.28 44.37 15.61
C ALA F 23 4.61 44.57 14.88
N GLY F 24 4.53 45.01 13.63
CA GLY F 24 5.72 45.22 12.83
C GLY F 24 6.09 44.05 11.93
N ASP F 25 5.50 42.89 12.19
CA ASP F 25 5.78 41.70 11.39
C ASP F 25 4.95 41.71 10.10
N ASP F 26 5.51 41.11 9.06
CA ASP F 26 4.86 41.09 7.75
C ASP F 26 3.69 40.12 7.67
N ALA F 27 3.73 39.09 8.52
CA ALA F 27 2.70 38.06 8.54
C ALA F 27 2.42 37.61 9.97
N PRO F 28 1.21 37.08 10.22
CA PRO F 28 0.90 36.60 11.57
C PRO F 28 1.78 35.42 11.96
N ARG F 29 2.28 35.42 13.19
CA ARG F 29 3.13 34.35 13.67
C ARG F 29 2.34 33.05 13.79
N ALA F 30 1.10 33.16 14.26
CA ALA F 30 0.26 31.98 14.44
C ALA F 30 -1.14 32.14 13.84
N VAL F 31 -1.58 31.14 13.08
CA VAL F 31 -2.94 31.11 12.54
C VAL F 31 -3.56 29.77 12.85
N PHE F 32 -4.69 29.77 13.56
CA PHE F 32 -5.29 28.50 13.99
C PHE F 32 -6.81 28.60 14.08
N PRO F 33 -7.52 27.47 13.89
CA PRO F 33 -8.99 27.52 13.91
C PRO F 33 -9.53 27.94 15.27
N SER F 34 -10.61 28.72 15.27
CA SER F 34 -11.19 29.24 16.50
C SER F 34 -12.24 28.31 17.10
N ILE F 35 -11.77 27.20 17.67
CA ILE F 35 -12.66 26.21 18.28
C ILE F 35 -12.24 25.95 19.72
N VAL F 36 -13.22 25.64 20.57
CA VAL F 36 -12.97 25.27 21.97
C VAL F 36 -13.50 23.89 22.34
N GLY F 37 -12.64 23.07 22.93
CA GLY F 37 -12.98 21.69 23.26
C GLY F 37 -13.15 21.37 24.74
N ARG F 38 -14.25 20.69 25.05
CA ARG F 38 -14.55 20.26 26.41
C ARG F 38 -14.86 18.76 26.40
N PRO F 39 -14.33 18.02 27.40
CA PRO F 39 -14.45 16.57 27.57
C PRO F 39 -15.88 16.02 27.43
N SER F 53 -9.36 21.63 28.83
CA SER F 53 -9.77 22.50 27.73
C SER F 53 -8.76 22.47 26.59
N TYR F 54 -9.28 22.41 25.36
CA TYR F 54 -8.44 22.35 24.16
C TYR F 54 -8.82 23.44 23.17
N VAL F 55 -7.83 24.06 22.54
CA VAL F 55 -8.10 25.14 21.61
C VAL F 55 -7.54 24.84 20.22
N GLY F 56 -8.34 25.16 19.19
CA GLY F 56 -7.92 25.06 17.80
C GLY F 56 -7.64 23.68 17.25
N ASP F 57 -6.48 23.55 16.64
CA ASP F 57 -6.05 22.32 15.95
C ASP F 57 -5.98 21.13 16.90
N GLU F 58 -5.42 21.36 18.09
CA GLU F 58 -5.26 20.32 19.08
C GLU F 58 -6.62 19.80 19.53
N ALA F 59 -7.59 20.70 19.63
CA ALA F 59 -8.96 20.31 19.94
C ALA F 59 -9.54 19.46 18.80
N GLN F 60 -9.21 19.86 17.57
CA GLN F 60 -9.66 19.15 16.37
C GLN F 60 -9.09 17.74 16.21
N SER F 61 -7.83 17.55 16.58
CA SER F 61 -7.23 16.22 16.54
C SER F 61 -7.93 15.31 17.55
N LYS F 62 -8.24 15.88 18.71
CA LYS F 62 -8.92 15.15 19.78
C LYS F 62 -10.44 15.27 19.67
N ARG F 63 -10.90 15.84 18.56
CA ARG F 63 -12.32 16.12 18.33
C ARG F 63 -13.23 14.91 18.53
N GLY F 64 -12.72 13.73 18.21
CA GLY F 64 -13.48 12.50 18.41
C GLY F 64 -13.80 12.25 19.86
N ILE F 65 -12.81 12.43 20.74
CA ILE F 65 -13.00 12.17 22.16
C ILE F 65 -13.93 13.18 22.85
N LEU F 66 -13.87 14.45 22.44
CA LEU F 66 -14.62 15.51 23.12
C LEU F 66 -15.42 16.38 22.16
N THR F 67 -16.54 16.92 22.64
CA THR F 67 -17.36 17.81 21.82
C THR F 67 -16.73 19.20 21.65
N LEU F 68 -16.88 19.76 20.45
CA LEU F 68 -16.24 21.02 20.07
C LEU F 68 -17.25 22.15 19.86
N LYS F 69 -16.96 23.33 20.39
CA LYS F 69 -17.83 24.49 20.24
C LYS F 69 -17.14 25.68 19.56
N TYR F 70 -17.88 26.28 18.62
CA TYR F 70 -17.52 27.50 17.87
C TYR F 70 -17.88 28.79 18.60
N PRO F 71 -16.90 29.45 19.25
CA PRO F 71 -17.24 30.67 20.00
C PRO F 71 -17.65 31.84 19.11
N ILE F 72 -17.07 31.98 17.91
CA ILE F 72 -17.45 33.09 17.05
C ILE F 72 -18.22 32.58 15.84
N GLU F 73 -19.47 33.02 15.72
CA GLU F 73 -20.31 32.65 14.60
C GLU F 73 -20.74 33.93 13.92
N HIS F 74 -20.53 33.99 12.61
CA HIS F 74 -20.85 35.17 11.80
C HIS F 74 -20.16 36.42 12.33
N GLY F 75 -18.95 36.26 12.84
CA GLY F 75 -18.11 37.38 13.25
C GLY F 75 -18.32 38.00 14.62
N ILE F 76 -19.33 37.55 15.36
CA ILE F 76 -19.60 38.13 16.67
C ILE F 76 -19.41 37.14 17.82
N ILE F 77 -18.68 37.56 18.86
CA ILE F 77 -18.41 36.71 20.01
C ILE F 77 -19.69 36.42 20.80
N THR F 78 -19.98 35.14 21.01
CA THR F 78 -21.19 34.74 21.72
C THR F 78 -20.96 33.92 22.99
N ASN F 79 -19.84 33.22 23.07
CA ASN F 79 -19.48 32.45 24.25
C ASN F 79 -18.17 32.95 24.86
N TRP F 80 -18.28 33.68 25.97
CA TRP F 80 -17.13 34.38 26.54
C TRP F 80 -16.10 33.48 27.24
N ASP F 81 -16.56 32.41 27.86
CA ASP F 81 -15.64 31.47 28.51
C ASP F 81 -14.74 30.84 27.44
N ASP F 82 -15.37 30.43 26.35
CA ASP F 82 -14.68 29.82 25.23
C ASP F 82 -13.71 30.81 24.60
N MET F 83 -14.12 32.07 24.54
CA MET F 83 -13.29 33.13 24.00
C MET F 83 -12.05 33.34 24.86
N GLU F 84 -12.25 33.26 26.18
CA GLU F 84 -11.16 33.35 27.13
C GLU F 84 -10.17 32.21 26.96
N LYS F 85 -10.71 31.02 26.68
CA LYS F 85 -9.84 29.87 26.41
C LYS F 85 -8.98 30.13 25.16
N ILE F 86 -9.62 30.65 24.12
CA ILE F 86 -8.92 30.96 22.88
C ILE F 86 -7.82 32.00 23.09
N TRP F 87 -8.13 33.05 23.85
CA TRP F 87 -7.16 34.11 24.11
C TRP F 87 -5.99 33.64 24.97
N HIS F 88 -6.28 32.81 25.97
CA HIS F 88 -5.23 32.25 26.81
C HIS F 88 -4.27 31.41 25.96
N HIS F 89 -4.84 30.55 25.12
CA HIS F 89 -4.04 29.71 24.24
C HIS F 89 -3.20 30.57 23.30
N THR F 90 -3.81 31.64 22.81
CA THR F 90 -3.11 32.60 21.95
C THR F 90 -1.88 33.21 22.63
N PHE F 91 -2.06 33.75 23.83
CA PHE F 91 -0.96 34.40 24.55
C PHE F 91 0.13 33.42 24.97
N TYR F 92 -0.25 32.36 25.67
CA TYR F 92 0.74 31.49 26.30
C TYR F 92 1.34 30.42 25.38
N ASN F 93 0.48 29.70 24.67
CA ASN F 93 0.90 28.59 23.83
C ASN F 93 1.42 28.98 22.44
N GLU F 94 0.73 29.89 21.76
CA GLU F 94 1.06 30.24 20.39
C GLU F 94 2.17 31.27 20.27
N LEU F 95 2.06 32.37 21.00
CA LEU F 95 3.04 33.44 20.91
C LEU F 95 4.14 33.31 21.96
N ARG F 96 3.86 32.54 23.01
CA ARG F 96 4.79 32.35 24.11
C ARG F 96 5.19 33.68 24.73
N VAL F 97 4.18 34.46 25.12
CA VAL F 97 4.42 35.77 25.72
C VAL F 97 3.62 35.96 26.99
N ALA F 98 4.00 36.96 27.78
CA ALA F 98 3.23 37.36 28.94
C ALA F 98 2.35 38.55 28.58
N PRO F 99 1.03 38.37 28.67
CA PRO F 99 0.06 39.39 28.22
C PRO F 99 0.24 40.71 28.97
N GLU F 100 0.72 40.66 30.20
CA GLU F 100 0.99 41.85 30.97
C GLU F 100 2.18 42.65 30.47
N GLU F 101 2.93 42.08 29.52
CA GLU F 101 4.11 42.73 28.99
C GLU F 101 3.90 43.37 27.62
N HIS F 102 2.67 43.31 27.12
CA HIS F 102 2.39 43.76 25.76
C HIS F 102 1.03 44.46 25.60
N PRO F 103 1.03 45.65 25.00
CA PRO F 103 -0.20 46.27 24.48
C PRO F 103 -0.85 45.33 23.48
N THR F 104 -2.18 45.27 23.45
CA THR F 104 -2.86 44.30 22.60
C THR F 104 -3.93 44.91 21.70
N LEU F 105 -3.76 44.74 20.40
CA LEU F 105 -4.78 45.19 19.46
C LEU F 105 -5.66 44.02 19.05
N LEU F 106 -6.95 44.14 19.33
CA LEU F 106 -7.92 43.13 18.95
C LEU F 106 -8.72 43.65 17.77
N THR F 107 -9.22 42.74 16.95
CA THR F 107 -10.12 43.16 15.88
C THR F 107 -11.56 42.84 16.28
N GLU F 108 -12.51 43.53 15.65
CA GLU F 108 -13.92 43.27 15.88
C GLU F 108 -14.68 43.34 14.55
N ALA F 109 -15.86 42.74 14.52
CA ALA F 109 -16.68 42.77 13.33
C ALA F 109 -17.36 44.13 13.18
N PRO F 110 -17.72 44.49 11.93
CA PRO F 110 -18.58 45.65 11.69
C PRO F 110 -19.90 45.47 12.42
N LEU F 111 -20.44 46.55 12.98
CA LEU F 111 -21.72 46.50 13.68
C LEU F 111 -21.69 45.66 14.95
N ASN F 112 -20.49 45.45 15.50
CA ASN F 112 -20.33 44.80 16.79
C ASN F 112 -21.09 45.55 17.88
N PRO F 113 -21.96 44.85 18.62
CA PRO F 113 -22.75 45.49 19.68
C PRO F 113 -21.87 46.16 20.74
N LYS F 114 -22.36 47.25 21.31
CA LYS F 114 -21.63 48.02 22.31
C LYS F 114 -21.23 47.20 23.54
N ALA F 115 -22.19 46.42 24.05
CA ALA F 115 -21.97 45.60 25.22
C ALA F 115 -20.88 44.56 24.96
N ASN F 116 -20.85 44.07 23.72
CA ASN F 116 -19.89 43.04 23.33
C ASN F 116 -18.45 43.56 23.38
N ARG F 117 -18.21 44.72 22.78
CA ARG F 117 -16.87 45.30 22.81
C ARG F 117 -16.53 45.73 24.23
N GLU F 118 -17.52 46.14 24.99
CA GLU F 118 -17.29 46.48 26.40
C GLU F 118 -16.79 45.24 27.14
N LYS F 119 -17.42 44.10 26.89
CA LYS F 119 -17.01 42.83 27.51
C LYS F 119 -15.62 42.40 27.06
N MET F 120 -15.32 42.61 25.78
CA MET F 120 -13.98 42.32 25.25
C MET F 120 -12.94 43.11 26.03
N THR F 121 -13.21 44.40 26.20
CA THR F 121 -12.31 45.31 26.90
C THR F 121 -12.15 44.89 28.36
N GLN F 122 -13.28 44.61 29.00
CA GLN F 122 -13.31 44.19 30.40
C GLN F 122 -12.46 42.96 30.64
N ILE F 123 -12.64 41.96 29.78
CA ILE F 123 -11.90 40.72 29.91
C ILE F 123 -10.42 40.93 29.66
N MET F 124 -10.09 41.71 28.64
CA MET F 124 -8.69 41.98 28.32
C MET F 124 -7.95 42.67 29.49
N PHE F 125 -8.58 43.69 30.08
CA PHE F 125 -7.94 44.41 31.19
C PHE F 125 -7.94 43.69 32.54
N GLU F 126 -9.09 43.14 32.91
CA GLU F 126 -9.25 42.50 34.22
C GLU F 126 -8.67 41.09 34.32
N THR F 127 -8.95 40.27 33.31
CA THR F 127 -8.52 38.88 33.32
C THR F 127 -7.05 38.70 32.96
N PHE F 128 -6.61 39.43 31.93
CA PHE F 128 -5.25 39.24 31.42
C PHE F 128 -4.30 40.33 31.86
N ASN F 129 -4.85 41.36 32.51
CA ASN F 129 -4.06 42.44 33.11
C ASN F 129 -3.09 43.11 32.15
N VAL F 130 -3.54 43.32 30.91
CA VAL F 130 -2.75 44.01 29.91
C VAL F 130 -2.53 45.48 30.27
N PRO F 131 -1.35 46.02 29.92
CA PRO F 131 -1.06 47.42 30.21
C PRO F 131 -1.82 48.36 29.28
N ALA F 132 -2.23 47.85 28.12
CA ALA F 132 -2.95 48.63 27.14
C ALA F 132 -3.61 47.73 26.11
N MET F 133 -4.68 48.22 25.49
CA MET F 133 -5.32 47.51 24.38
C MET F 133 -6.15 48.43 23.50
N TYR F 134 -6.53 47.95 22.34
CA TYR F 134 -7.30 48.74 21.38
C TYR F 134 -8.19 47.79 20.60
N VAL F 135 -9.36 48.25 20.17
CA VAL F 135 -10.23 47.42 19.35
C VAL F 135 -10.50 48.09 18.01
N ALA F 136 -10.10 47.44 16.92
CA ALA F 136 -10.29 48.02 15.60
C ALA F 136 -11.22 47.19 14.72
N ILE F 137 -12.00 47.87 13.88
CA ILE F 137 -12.85 47.19 12.91
C ILE F 137 -11.99 46.53 11.85
N GLN F 138 -12.28 45.27 11.55
CA GLN F 138 -11.49 44.48 10.60
C GLN F 138 -11.35 45.13 9.22
N ALA F 139 -12.46 45.56 8.65
CA ALA F 139 -12.45 46.15 7.32
C ALA F 139 -11.60 47.42 7.29
N VAL F 140 -11.64 48.17 8.39
CA VAL F 140 -10.85 49.39 8.53
C VAL F 140 -9.36 49.06 8.52
N LEU F 141 -8.98 48.05 9.28
CA LEU F 141 -7.59 47.59 9.29
C LEU F 141 -7.16 47.14 7.90
N SER F 142 -8.07 46.47 7.19
CA SER F 142 -7.81 46.05 5.82
C SER F 142 -7.52 47.24 4.93
N LEU F 143 -8.29 48.31 5.12
CA LEU F 143 -8.11 49.53 4.36
C LEU F 143 -6.76 50.18 4.70
N TYR F 144 -6.45 50.24 5.99
CA TYR F 144 -5.20 50.82 6.48
C TYR F 144 -3.98 50.09 5.95
N ALA F 145 -4.10 48.77 5.78
CA ALA F 145 -2.99 47.92 5.35
C ALA F 145 -2.49 48.29 3.96
N SER F 146 -3.38 48.86 3.16
CA SER F 146 -3.02 49.29 1.81
C SER F 146 -2.61 50.76 1.79
N GLY F 147 -2.50 51.34 2.98
CA GLY F 147 -2.08 52.72 3.12
C GLY F 147 -3.19 53.73 2.84
N ARG F 148 -4.44 53.29 2.96
CA ARG F 148 -5.58 54.15 2.70
C ARG F 148 -6.37 54.37 3.98
N THR F 149 -7.11 55.48 4.05
CA THR F 149 -8.07 55.69 5.14
C THR F 149 -9.48 55.91 4.61
N THR F 150 -9.63 55.98 3.29
CA THR F 150 -10.95 56.12 2.68
C THR F 150 -11.12 55.13 1.52
N GLY F 151 -12.24 54.41 1.53
CA GLY F 151 -12.56 53.48 0.47
C GLY F 151 -13.61 52.50 0.93
N ILE F 152 -14.00 51.56 0.07
CA ILE F 152 -14.96 50.54 0.48
C ILE F 152 -14.34 49.14 0.46
N VAL F 153 -14.48 48.47 1.59
CA VAL F 153 -13.86 47.16 1.78
C VAL F 153 -14.88 46.04 1.65
N LEU F 154 -14.52 45.01 0.91
CA LEU F 154 -15.28 43.77 0.91
C LEU F 154 -14.48 42.75 1.71
N ASP F 155 -14.93 42.47 2.92
CA ASP F 155 -14.21 41.55 3.79
C ASP F 155 -15.03 40.28 3.90
N SER F 156 -14.55 39.22 3.24
CA SER F 156 -15.26 37.94 3.22
C SER F 156 -14.40 36.85 3.83
N GLY F 157 -14.83 36.31 4.96
CA GLY F 157 -14.04 35.33 5.68
C GLY F 157 -14.64 33.94 5.65
N ASP F 158 -14.64 33.28 6.80
CA ASP F 158 -15.13 31.92 6.91
C ASP F 158 -16.63 31.87 7.20
N GLY F 159 -17.11 32.79 8.02
CA GLY F 159 -18.48 32.74 8.50
C GLY F 159 -19.38 33.86 8.00
N VAL F 160 -18.79 34.98 7.60
CA VAL F 160 -19.59 36.14 7.22
C VAL F 160 -18.85 37.03 6.20
N THR F 161 -19.63 37.72 5.37
CA THR F 161 -19.10 38.66 4.39
C THR F 161 -19.67 40.04 4.66
N HIS F 162 -18.82 41.07 4.59
CA HIS F 162 -19.28 42.44 4.79
C HIS F 162 -18.84 43.39 3.69
N ASN F 163 -19.70 44.35 3.38
CA ASN F 163 -19.29 45.57 2.68
C ASN F 163 -19.24 46.72 3.66
N VAL F 164 -18.08 47.33 3.79
CA VAL F 164 -17.89 48.42 4.74
C VAL F 164 -17.29 49.62 4.05
N PRO F 165 -18.12 50.65 3.81
CA PRO F 165 -17.62 51.93 3.29
C PRO F 165 -17.02 52.75 4.43
N ILE F 166 -15.87 53.35 4.16
CA ILE F 166 -15.11 54.05 5.18
C ILE F 166 -14.61 55.38 4.66
N TYR F 167 -14.83 56.44 5.42
CA TYR F 167 -14.36 57.75 5.06
C TYR F 167 -13.49 58.31 6.19
N GLU F 168 -12.24 58.62 5.86
CA GLU F 168 -11.28 59.15 6.81
C GLU F 168 -11.16 58.28 8.07
N GLY F 169 -11.13 56.97 7.88
CA GLY F 169 -10.96 56.05 8.99
C GLY F 169 -12.25 55.72 9.71
N TYR F 170 -13.33 56.41 9.34
CA TYR F 170 -14.62 56.17 9.97
C TYR F 170 -15.45 55.22 9.11
N ALA F 171 -15.83 54.09 9.70
CA ALA F 171 -16.77 53.19 9.05
C ALA F 171 -18.12 53.89 9.07
N LEU F 172 -18.87 53.79 7.99
CA LEU F 172 -20.17 54.45 7.89
C LEU F 172 -21.28 53.44 8.17
N PRO F 173 -21.74 53.39 9.43
CA PRO F 173 -22.60 52.31 9.93
C PRO F 173 -23.90 52.14 9.16
N HIS F 174 -24.50 53.25 8.71
CA HIS F 174 -25.78 53.18 8.02
C HIS F 174 -25.69 52.47 6.67
N ALA F 175 -24.47 52.38 6.13
CA ALA F 175 -24.28 51.83 4.79
C ALA F 175 -23.60 50.47 4.76
N ILE F 176 -23.33 49.91 5.93
CA ILE F 176 -22.69 48.60 6.02
C ILE F 176 -23.67 47.49 5.61
N MET F 177 -23.18 46.54 4.81
CA MET F 177 -23.97 45.38 4.39
C MET F 177 -23.42 44.10 4.99
N ARG F 178 -24.31 43.28 5.52
CA ARG F 178 -23.91 41.98 6.05
C ARG F 178 -24.54 40.86 5.25
N LEU F 179 -23.73 39.89 4.87
CA LEU F 179 -24.17 38.73 4.10
C LEU F 179 -23.66 37.46 4.78
N ASP F 180 -24.58 36.60 5.20
CA ASP F 180 -24.21 35.35 5.85
C ASP F 180 -23.89 34.26 4.82
N LEU F 181 -23.05 34.62 3.85
CA LEU F 181 -22.53 33.69 2.87
C LEU F 181 -21.02 33.88 2.79
N ALA F 182 -20.27 32.82 3.09
CA ALA F 182 -18.82 32.90 3.14
C ALA F 182 -18.12 31.60 2.73
N GLY F 183 -16.86 31.47 3.15
CA GLY F 183 -16.01 30.35 2.77
C GLY F 183 -16.57 29.01 3.17
N ARG F 184 -17.15 28.93 4.36
CA ARG F 184 -17.67 27.68 4.88
C ARG F 184 -18.84 27.19 4.04
N ASP F 185 -19.71 28.13 3.68
CA ASP F 185 -20.87 27.84 2.84
C ASP F 185 -20.42 27.36 1.46
N LEU F 186 -19.36 27.97 0.96
CA LEU F 186 -18.80 27.58 -0.33
C LEU F 186 -18.19 26.17 -0.28
N THR F 187 -17.55 25.85 0.84
CA THR F 187 -17.00 24.51 1.03
C THR F 187 -18.11 23.47 1.04
N ASP F 188 -19.18 23.76 1.80
CA ASP F 188 -20.33 22.87 1.86
C ASP F 188 -20.94 22.67 0.48
N TYR F 189 -21.08 23.77 -0.26
CA TYR F 189 -21.64 23.70 -1.60
C TYR F 189 -20.77 22.88 -2.54
N LEU F 190 -19.46 23.03 -2.40
CA LEU F 190 -18.52 22.26 -3.22
C LEU F 190 -18.64 20.78 -2.90
N MET F 191 -18.83 20.46 -1.63
CA MET F 191 -19.09 19.07 -1.23
C MET F 191 -20.35 18.54 -1.89
N LYS F 192 -21.41 19.35 -1.88
CA LYS F 192 -22.67 18.95 -2.50
C LYS F 192 -22.54 18.70 -4.00
N ILE F 193 -21.92 19.62 -4.73
CA ILE F 193 -21.81 19.47 -6.18
C ILE F 193 -20.79 18.42 -6.64
N LEU F 194 -19.71 18.26 -5.88
CA LEU F 194 -18.75 17.18 -6.17
C LEU F 194 -19.42 15.84 -5.92
N THR F 195 -20.26 15.78 -4.89
CA THR F 195 -21.03 14.57 -4.61
C THR F 195 -22.00 14.30 -5.76
N GLU F 196 -22.62 15.36 -6.26
CA GLU F 196 -23.49 15.25 -7.42
C GLU F 196 -22.72 14.71 -8.63
N ARG F 197 -21.45 15.07 -8.74
CA ARG F 197 -20.61 14.53 -9.81
C ARG F 197 -20.32 13.03 -9.60
N GLY F 198 -20.51 12.55 -8.37
CA GLY F 198 -20.26 11.15 -8.04
C GLY F 198 -19.07 10.83 -7.16
N TYR F 199 -18.31 11.83 -6.74
CA TYR F 199 -17.25 11.62 -5.77
C TYR F 199 -17.91 11.92 -4.43
N SER F 200 -17.78 11.03 -3.46
CA SER F 200 -18.49 11.22 -2.18
C SER F 200 -17.69 11.95 -1.11
N PHE F 201 -18.23 13.10 -0.69
CA PHE F 201 -17.64 13.91 0.37
C PHE F 201 -18.56 14.27 1.56
N VAL F 202 -19.03 13.31 2.34
CA VAL F 202 -19.92 13.66 3.46
C VAL F 202 -19.25 13.94 4.84
N THR F 203 -18.15 13.24 5.13
CA THR F 203 -17.45 13.32 6.42
C THR F 203 -16.59 14.56 6.65
N THR F 204 -16.33 14.86 7.93
CA THR F 204 -15.49 16.00 8.31
C THR F 204 -14.10 15.98 7.67
N ALA F 205 -13.45 14.81 7.66
CA ALA F 205 -12.14 14.70 7.01
C ALA F 205 -12.27 14.98 5.52
N GLU F 206 -13.32 14.43 4.91
CA GLU F 206 -13.62 14.69 3.51
C GLU F 206 -13.93 16.16 3.31
N ARG F 207 -14.59 16.77 4.29
CA ARG F 207 -14.88 18.20 4.23
C ARG F 207 -13.60 19.03 4.20
N GLU F 208 -12.61 18.62 5.00
CA GLU F 208 -11.32 19.29 5.01
C GLU F 208 -10.65 19.15 3.65
N ILE F 209 -10.77 17.95 3.07
CA ILE F 209 -10.21 17.70 1.75
C ILE F 209 -10.85 18.60 0.69
N VAL F 210 -12.17 18.74 0.77
CA VAL F 210 -12.92 19.59 -0.14
C VAL F 210 -12.52 21.05 0.03
N ARG F 211 -12.26 21.46 1.27
CA ARG F 211 -11.82 22.82 1.51
C ARG F 211 -10.50 23.06 0.79
N ASP F 212 -9.59 22.10 0.89
CA ASP F 212 -8.31 22.21 0.18
C ASP F 212 -8.50 22.24 -1.33
N ILE F 213 -9.41 21.42 -1.85
CA ILE F 213 -9.74 21.40 -3.28
C ILE F 213 -10.23 22.77 -3.73
N LYS F 214 -11.08 23.37 -2.90
CA LYS F 214 -11.64 24.68 -3.16
C LYS F 214 -10.54 25.73 -3.21
N GLU F 215 -9.65 25.69 -2.23
CA GLU F 215 -8.56 26.67 -2.18
C GLU F 215 -7.56 26.54 -3.33
N LYS F 216 -7.26 25.31 -3.74
CA LYS F 216 -6.27 25.07 -4.79
C LYS F 216 -6.76 25.12 -6.25
N LEU F 217 -7.99 24.69 -6.51
CA LEU F 217 -8.44 24.47 -7.88
C LEU F 217 -9.58 25.37 -8.35
N CYS F 218 -10.26 26.03 -7.41
CA CYS F 218 -11.39 26.88 -7.78
C CYS F 218 -10.94 28.25 -8.29
N TYR F 219 -11.79 28.85 -9.11
CA TYR F 219 -11.53 30.19 -9.65
C TYR F 219 -12.86 30.84 -10.03
N VAL F 220 -12.87 32.16 -10.19
CA VAL F 220 -14.09 32.87 -10.56
C VAL F 220 -14.13 33.17 -12.04
N ALA F 221 -15.16 32.67 -12.72
CA ALA F 221 -15.30 32.87 -14.16
C ALA F 221 -15.64 34.32 -14.45
N LEU F 222 -15.05 34.87 -15.51
CA LEU F 222 -15.32 36.24 -15.92
C LEU F 222 -16.73 36.33 -16.53
N ASP F 223 -17.08 35.32 -17.31
CA ASP F 223 -18.42 35.22 -17.88
C ASP F 223 -18.92 33.82 -17.56
N PHE F 224 -19.85 33.73 -16.61
CA PHE F 224 -20.28 32.43 -16.09
C PHE F 224 -20.93 31.54 -17.14
N GLU F 225 -21.81 32.11 -17.95
CA GLU F 225 -22.50 31.33 -18.99
C GLU F 225 -21.54 30.82 -20.05
N ASN F 226 -20.62 31.67 -20.49
CA ASN F 226 -19.63 31.29 -21.49
C ASN F 226 -18.71 30.19 -20.98
N GLU F 227 -18.35 30.29 -19.70
CA GLU F 227 -17.49 29.31 -19.06
C GLU F 227 -18.23 27.99 -18.89
N MET F 228 -19.53 28.08 -18.60
CA MET F 228 -20.40 26.90 -18.55
C MET F 228 -20.44 26.23 -19.91
N ALA F 229 -20.52 27.04 -20.97
CA ALA F 229 -20.57 26.53 -22.34
C ALA F 229 -19.26 25.84 -22.73
N THR F 230 -18.14 26.45 -22.35
CA THR F 230 -16.83 25.85 -22.57
C THR F 230 -16.71 24.53 -21.81
N ALA F 231 -17.22 24.52 -20.59
CA ALA F 231 -17.19 23.35 -19.73
C ALA F 231 -18.06 22.22 -20.30
N ALA F 232 -19.13 22.60 -20.99
CA ALA F 232 -20.02 21.62 -21.60
C ALA F 232 -19.46 21.14 -22.94
N SER F 233 -18.63 21.97 -23.57
CA SER F 233 -18.10 21.64 -24.88
C SER F 233 -16.89 20.73 -24.84
N SER F 234 -16.09 20.82 -23.79
CA SER F 234 -14.84 20.05 -23.75
C SER F 234 -14.30 19.79 -22.34
N SER F 235 -13.27 18.93 -22.28
CA SER F 235 -12.60 18.59 -21.04
C SER F 235 -11.41 19.49 -20.73
N SER F 236 -11.31 20.61 -21.44
CA SER F 236 -10.17 21.52 -21.33
C SER F 236 -10.03 22.13 -19.93
N LEU F 237 -11.18 22.36 -19.29
CA LEU F 237 -11.24 22.96 -17.96
C LEU F 237 -11.04 21.95 -16.81
N GLU F 238 -11.27 20.68 -17.08
CA GLU F 238 -11.14 19.63 -16.05
C GLU F 238 -9.75 19.61 -15.41
N LYS F 239 -9.73 19.36 -14.10
CA LYS F 239 -8.50 19.28 -13.33
C LYS F 239 -8.55 18.04 -12.45
N SER F 240 -7.38 17.63 -11.96
CA SER F 240 -7.27 16.43 -11.13
C SER F 240 -6.71 16.73 -9.73
N TYR F 241 -7.36 16.14 -8.74
CA TYR F 241 -6.97 16.28 -7.34
C TYR F 241 -6.62 14.90 -6.78
N GLU F 242 -5.46 14.83 -6.13
CA GLU F 242 -5.00 13.58 -5.54
C GLU F 242 -5.36 13.51 -4.06
N LEU F 243 -6.19 12.53 -3.73
CA LEU F 243 -6.65 12.30 -2.38
C LEU F 243 -5.49 11.81 -1.53
N PRO F 244 -5.62 11.87 -0.19
CA PRO F 244 -4.53 11.38 0.66
C PRO F 244 -4.17 9.89 0.44
N ASP F 245 -5.15 9.05 0.13
CA ASP F 245 -4.88 7.64 -0.19
C ASP F 245 -4.22 7.45 -1.56
N GLY F 246 -3.94 8.56 -2.25
CA GLY F 246 -3.36 8.55 -3.57
C GLY F 246 -4.34 8.30 -4.71
N GLN F 247 -5.60 8.04 -4.38
CA GLN F 247 -6.67 7.96 -5.38
C GLN F 247 -6.82 9.33 -6.03
N VAL F 248 -7.16 9.36 -7.31
CA VAL F 248 -7.31 10.61 -8.06
C VAL F 248 -8.74 10.90 -8.53
N ILE F 249 -9.20 12.12 -8.27
CA ILE F 249 -10.55 12.58 -8.61
C ILE F 249 -10.51 13.77 -9.58
N THR F 250 -11.60 13.96 -10.33
CA THR F 250 -11.70 15.04 -11.31
C THR F 250 -12.74 16.10 -11.03
N ILE F 251 -12.32 17.37 -11.12
CA ILE F 251 -13.23 18.47 -10.89
C ILE F 251 -13.35 19.30 -12.18
N GLY F 252 -14.58 19.58 -12.58
CA GLY F 252 -14.83 20.29 -13.83
C GLY F 252 -15.37 21.69 -13.66
N ASN F 253 -16.67 21.85 -13.87
CA ASN F 253 -17.27 23.18 -13.75
C ASN F 253 -17.42 23.62 -12.31
N GLU F 254 -17.34 22.65 -11.40
CA GLU F 254 -17.40 22.90 -9.97
C GLU F 254 -16.30 23.88 -9.56
N ARG F 255 -15.22 23.90 -10.35
CA ARG F 255 -14.11 24.82 -10.12
C ARG F 255 -14.60 26.26 -10.08
N PHE F 256 -15.51 26.62 -10.99
CA PHE F 256 -16.00 27.98 -11.03
C PHE F 256 -17.45 28.15 -10.59
N ARG F 257 -18.19 27.06 -10.52
CA ARG F 257 -19.55 27.10 -10.00
C ARG F 257 -19.56 27.40 -8.50
N CYS F 258 -18.57 26.87 -7.80
CA CYS F 258 -18.44 27.08 -6.36
C CYS F 258 -18.36 28.56 -5.93
N PRO F 259 -17.38 29.32 -6.44
CA PRO F 259 -17.34 30.71 -5.98
C PRO F 259 -18.36 31.60 -6.68
N GLU F 260 -19.00 31.10 -7.74
CA GLU F 260 -20.07 31.81 -8.42
C GLU F 260 -21.22 32.14 -7.47
N THR F 261 -21.34 31.34 -6.43
CA THR F 261 -22.36 31.53 -5.40
C THR F 261 -22.31 32.93 -4.78
N LEU F 262 -21.11 33.50 -4.72
CA LEU F 262 -20.95 34.86 -4.19
C LEU F 262 -21.70 35.89 -5.01
N PHE F 263 -21.79 35.67 -6.31
CA PHE F 263 -22.48 36.58 -7.22
C PHE F 263 -23.92 36.14 -7.44
N GLN F 264 -24.17 34.85 -7.25
CA GLN F 264 -25.51 34.28 -7.38
C GLN F 264 -25.83 33.42 -6.17
N PRO F 265 -26.18 34.05 -5.04
CA PRO F 265 -26.46 33.34 -3.78
C PRO F 265 -27.60 32.34 -3.91
N SER F 266 -28.43 32.51 -4.95
CA SER F 266 -29.53 31.59 -5.23
C SER F 266 -29.05 30.16 -5.43
N PHE F 267 -27.76 30.00 -5.70
CA PHE F 267 -27.15 28.68 -5.84
C PHE F 267 -27.27 27.85 -4.57
N ILE F 268 -27.32 28.50 -3.42
CA ILE F 268 -27.50 27.75 -2.17
C ILE F 268 -28.83 28.06 -1.50
N GLY F 269 -29.76 28.58 -2.28
CA GLY F 269 -31.11 28.82 -1.81
C GLY F 269 -31.29 30.13 -1.07
N MET F 270 -30.30 31.01 -1.16
CA MET F 270 -30.42 32.32 -0.54
C MET F 270 -31.07 33.33 -1.49
N GLU F 271 -31.88 34.21 -0.93
CA GLU F 271 -32.57 35.24 -1.70
C GLU F 271 -31.75 36.52 -1.81
N SER F 272 -30.65 36.56 -1.07
CA SER F 272 -29.78 37.73 -1.03
C SER F 272 -29.18 38.12 -2.37
N ALA F 273 -28.90 39.41 -2.51
CA ALA F 273 -28.17 39.94 -3.64
C ALA F 273 -26.72 39.47 -3.60
N GLY F 274 -26.04 39.50 -4.73
CA GLY F 274 -24.65 39.11 -4.77
C GLY F 274 -23.72 40.16 -4.21
N ILE F 275 -22.45 39.81 -4.06
CA ILE F 275 -21.47 40.69 -3.41
C ILE F 275 -21.23 41.97 -4.21
N HIS F 276 -21.40 41.90 -5.53
CA HIS F 276 -21.27 43.06 -6.38
C HIS F 276 -22.45 44.00 -6.17
N GLU F 277 -23.64 43.41 -6.03
CA GLU F 277 -24.85 44.18 -5.81
C GLU F 277 -24.85 44.81 -4.43
N THR F 278 -24.34 44.08 -3.43
CA THR F 278 -24.23 44.63 -2.08
C THR F 278 -23.16 45.70 -2.00
N THR F 279 -22.10 45.56 -2.78
CA THR F 279 -21.09 46.62 -2.88
C THR F 279 -21.74 47.88 -3.44
N TYR F 280 -22.47 47.71 -4.54
CA TYR F 280 -23.18 48.82 -5.18
C TYR F 280 -24.20 49.48 -4.24
N ASN F 281 -25.00 48.67 -3.55
CA ASN F 281 -25.99 49.17 -2.62
C ASN F 281 -25.36 49.93 -1.46
N SER F 282 -24.25 49.39 -0.94
CA SER F 282 -23.51 50.03 0.13
C SER F 282 -22.99 51.39 -0.31
N ILE F 283 -22.41 51.43 -1.51
CA ILE F 283 -21.93 52.69 -2.09
C ILE F 283 -23.07 53.70 -2.25
N MET F 284 -24.23 53.21 -2.70
CA MET F 284 -25.39 54.06 -2.94
C MET F 284 -25.98 54.61 -1.64
N LYS F 285 -25.79 53.87 -0.54
CA LYS F 285 -26.29 54.29 0.76
C LYS F 285 -25.48 55.44 1.35
N CYS F 286 -24.31 55.71 0.77
CA CYS F 286 -23.45 56.80 1.23
C CYS F 286 -23.77 58.13 0.55
N ASP F 287 -23.33 59.22 1.17
CA ASP F 287 -23.51 60.55 0.61
C ASP F 287 -22.87 60.62 -0.78
N ILE F 288 -23.51 61.32 -1.69
CA ILE F 288 -23.10 61.34 -3.09
C ILE F 288 -21.68 61.88 -3.32
N ASP F 289 -21.26 62.86 -2.52
CA ASP F 289 -19.95 63.49 -2.70
C ASP F 289 -18.74 62.56 -2.48
N ILE F 290 -18.89 61.58 -1.60
CA ILE F 290 -17.80 60.66 -1.27
C ILE F 290 -17.86 59.41 -2.16
N ARG F 291 -18.95 59.29 -2.89
CA ARG F 291 -19.26 58.10 -3.68
C ARG F 291 -18.16 57.80 -4.70
N LYS F 292 -17.66 58.86 -5.34
CA LYS F 292 -16.55 58.75 -6.29
C LYS F 292 -15.34 58.14 -5.61
N ASP F 293 -15.06 58.61 -4.39
CA ASP F 293 -13.96 58.09 -3.59
C ASP F 293 -14.15 56.62 -3.24
N LEU F 294 -15.40 56.21 -3.04
CA LEU F 294 -15.67 54.81 -2.76
C LEU F 294 -15.46 53.91 -3.97
N TYR F 295 -15.91 54.35 -5.14
CA TYR F 295 -15.79 53.53 -6.35
C TYR F 295 -14.33 53.30 -6.76
N ALA F 296 -13.49 54.31 -6.57
CA ALA F 296 -12.09 54.23 -6.99
C ALA F 296 -11.22 53.47 -6.00
N ASN F 297 -11.80 53.04 -4.88
CA ASN F 297 -11.03 52.35 -3.85
C ASN F 297 -11.76 51.15 -3.24
N ASN F 298 -11.91 50.09 -4.03
CA ASN F 298 -12.44 48.83 -3.51
C ASN F 298 -11.32 47.93 -3.04
N VAL F 299 -11.24 47.72 -1.72
CA VAL F 299 -10.22 46.84 -1.18
C VAL F 299 -10.87 45.53 -0.78
N MET F 300 -10.33 44.43 -1.27
CA MET F 300 -10.85 43.12 -0.93
C MET F 300 -9.95 42.43 0.09
N SER F 301 -10.56 41.88 1.13
CA SER F 301 -9.82 41.21 2.19
C SER F 301 -10.59 39.99 2.67
N GLY F 302 -9.85 39.02 3.21
CA GLY F 302 -10.48 37.80 3.71
C GLY F 302 -10.18 36.64 2.79
N GLY F 303 -10.30 35.43 3.30
CA GLY F 303 -9.96 34.25 2.55
C GLY F 303 -10.83 34.00 1.32
N THR F 304 -12.08 34.41 1.38
CA THR F 304 -13.05 34.09 0.31
C THR F 304 -12.85 35.01 -0.90
N THR F 305 -11.94 35.97 -0.78
CA THR F 305 -11.58 36.79 -1.93
C THR F 305 -10.33 36.29 -2.66
N MET F 306 -9.83 35.13 -2.25
CA MET F 306 -8.59 34.59 -2.80
C MET F 306 -8.75 33.88 -4.14
N TYR F 307 -10.00 33.63 -4.55
CA TYR F 307 -10.26 32.95 -5.81
C TYR F 307 -9.68 33.74 -6.98
N PRO F 308 -8.88 33.07 -7.83
CA PRO F 308 -8.37 33.71 -9.05
C PRO F 308 -9.52 34.21 -9.92
N GLY F 309 -9.39 35.42 -10.45
CA GLY F 309 -10.40 35.95 -11.34
C GLY F 309 -11.49 36.77 -10.68
N ILE F 310 -11.50 36.79 -9.35
CA ILE F 310 -12.56 37.47 -8.61
C ILE F 310 -12.48 39.00 -8.76
N ALA F 311 -11.26 39.53 -8.84
CA ALA F 311 -11.06 40.97 -8.97
C ALA F 311 -11.58 41.46 -10.32
N ASP F 312 -11.28 40.69 -11.36
CA ASP F 312 -11.70 41.05 -12.71
C ASP F 312 -13.21 40.97 -12.86
N ARG F 313 -13.81 39.94 -12.27
CA ARG F 313 -15.25 39.76 -12.31
C ARG F 313 -15.94 40.89 -11.55
N MET F 314 -15.39 41.24 -10.40
CA MET F 314 -15.93 42.32 -9.60
C MET F 314 -15.84 43.63 -10.37
N GLN F 315 -14.71 43.82 -11.05
CA GLN F 315 -14.52 44.98 -11.91
C GLN F 315 -15.63 45.04 -12.95
N LYS F 316 -15.90 43.90 -13.59
CA LYS F 316 -16.93 43.84 -14.63
C LYS F 316 -18.33 44.15 -14.12
N GLU F 317 -18.69 43.55 -12.99
CA GLU F 317 -20.03 43.71 -12.43
C GLU F 317 -20.27 45.10 -11.88
N ILE F 318 -19.28 45.62 -11.14
CA ILE F 318 -19.37 46.97 -10.59
C ILE F 318 -19.41 48.00 -11.71
N THR F 319 -18.62 47.78 -12.76
CA THR F 319 -18.67 48.63 -13.95
C THR F 319 -20.08 48.58 -14.55
N ALA F 320 -20.69 47.39 -14.54
CA ALA F 320 -22.03 47.24 -15.08
C ALA F 320 -23.09 47.95 -14.25
N LEU F 321 -22.86 48.06 -12.94
CA LEU F 321 -23.83 48.71 -12.06
C LEU F 321 -23.61 50.22 -11.88
N ALA F 322 -22.35 50.65 -11.92
CA ALA F 322 -22.01 52.04 -11.62
C ALA F 322 -22.29 52.96 -12.81
N PRO F 323 -22.29 54.29 -12.58
CA PRO F 323 -22.38 55.23 -13.70
C PRO F 323 -21.30 55.00 -14.76
N SER F 324 -21.65 55.25 -16.02
CA SER F 324 -20.78 54.96 -17.16
C SER F 324 -19.40 55.63 -17.11
N THR F 325 -19.32 56.82 -16.52
CA THR F 325 -18.06 57.57 -16.52
C THR F 325 -17.30 57.41 -15.21
N MET F 326 -17.86 56.63 -14.31
CA MET F 326 -17.26 56.43 -12.99
C MET F 326 -15.98 55.63 -13.07
N LYS F 327 -14.95 56.07 -12.38
CA LYS F 327 -13.69 55.34 -12.32
C LYS F 327 -13.79 54.21 -11.30
N ILE F 328 -13.56 52.99 -11.76
CA ILE F 328 -13.66 51.82 -10.89
C ILE F 328 -12.28 51.20 -10.75
N LYS F 329 -11.88 50.96 -9.50
CA LYS F 329 -10.61 50.32 -9.22
C LYS F 329 -10.79 49.26 -8.15
N ILE F 330 -10.41 48.03 -8.47
CA ILE F 330 -10.48 46.95 -7.50
C ILE F 330 -9.08 46.65 -6.99
N ILE F 331 -8.90 46.72 -5.68
CA ILE F 331 -7.60 46.46 -5.08
C ILE F 331 -7.63 45.11 -4.38
N ALA F 332 -6.82 44.18 -4.87
CA ALA F 332 -6.81 42.81 -4.37
C ALA F 332 -5.39 42.27 -4.40
N PRO F 333 -4.59 42.63 -3.40
CA PRO F 333 -3.18 42.22 -3.29
C PRO F 333 -3.08 40.73 -3.00
N PRO F 334 -1.95 40.09 -3.33
CA PRO F 334 -1.82 38.66 -3.07
C PRO F 334 -1.95 38.29 -1.60
N GLU F 335 -1.57 39.20 -0.72
CA GLU F 335 -1.55 38.97 0.73
C GLU F 335 -2.93 39.15 1.39
N ARG F 336 -3.94 39.47 0.58
CA ARG F 336 -5.21 39.94 1.11
C ARG F 336 -5.89 39.05 2.15
N LYS F 337 -5.61 37.75 2.10
CA LYS F 337 -6.25 36.80 3.00
C LYS F 337 -5.95 37.18 4.45
N TYR F 338 -4.83 37.86 4.65
CA TYR F 338 -4.44 38.23 6.01
C TYR F 338 -4.31 39.74 6.16
N SER F 339 -4.80 40.50 5.18
CA SER F 339 -4.51 41.92 5.14
C SER F 339 -5.08 42.61 6.38
N VAL F 340 -6.21 42.09 6.86
CA VAL F 340 -6.84 42.59 8.08
C VAL F 340 -5.79 42.62 9.18
N TRP F 341 -5.23 41.44 9.45
CA TRP F 341 -4.24 41.32 10.51
C TRP F 341 -3.09 42.27 10.22
N ILE F 342 -2.70 42.31 8.95
CA ILE F 342 -1.55 43.09 8.53
C ILE F 342 -1.80 44.55 8.89
N GLY F 343 -3.04 44.99 8.65
CA GLY F 343 -3.40 46.37 8.93
C GLY F 343 -3.14 46.66 10.40
N GLY F 344 -3.61 45.76 11.25
CA GLY F 344 -3.43 45.93 12.68
C GLY F 344 -1.94 46.02 12.98
N SER F 345 -1.17 45.13 12.39
CA SER F 345 0.27 45.09 12.60
C SER F 345 0.88 46.43 12.27
N ILE F 346 0.41 47.05 11.19
CA ILE F 346 0.90 48.36 10.81
C ILE F 346 0.44 49.40 11.83
N LEU F 347 -0.86 49.39 12.13
CA LEU F 347 -1.47 50.43 12.93
C LEU F 347 -0.83 50.52 14.31
N ALA F 348 -0.62 49.37 14.94
CA ALA F 348 -0.06 49.30 16.29
C ALA F 348 1.43 49.66 16.33
N SER F 349 2.07 49.73 15.15
CA SER F 349 3.49 50.05 15.12
C SER F 349 3.78 51.51 14.77
N LEU F 350 2.73 52.27 14.50
CA LEU F 350 2.87 53.70 14.24
C LEU F 350 3.14 54.45 15.54
N SER F 351 4.04 55.42 15.47
CA SER F 351 4.36 56.24 16.64
C SER F 351 3.15 57.05 17.10
N THR F 352 2.38 57.56 16.15
CA THR F 352 1.23 58.39 16.46
C THR F 352 0.09 57.57 17.09
N PHE F 353 0.18 56.26 16.95
CA PHE F 353 -0.81 55.36 17.55
C PHE F 353 -0.65 55.18 19.05
N GLN F 354 0.54 55.49 19.57
CA GLN F 354 0.86 55.19 20.96
C GLN F 354 -0.08 55.89 21.94
N GLN F 355 -0.52 57.09 21.57
CA GLN F 355 -1.51 57.82 22.35
C GLN F 355 -2.90 57.18 22.28
N MET F 356 -3.15 56.44 21.20
CA MET F 356 -4.50 55.93 20.93
C MET F 356 -4.89 54.78 21.87
N TRP F 357 -3.88 54.09 22.40
CA TRP F 357 -4.09 52.97 23.32
C TRP F 357 -4.93 53.33 24.55
N ILE F 358 -5.77 52.41 24.99
CA ILE F 358 -6.43 52.50 26.29
C ILE F 358 -5.52 51.94 27.37
N THR F 359 -5.07 52.79 28.30
CA THR F 359 -4.16 52.36 29.36
C THR F 359 -4.93 51.65 30.50
N LYS F 360 -4.24 50.81 31.27
CA LYS F 360 -4.88 50.08 32.37
C LYS F 360 -5.44 51.01 33.46
N GLN F 361 -4.73 52.12 33.68
CA GLN F 361 -5.13 53.14 34.62
C GLN F 361 -6.41 53.76 34.10
N GLU F 362 -6.39 54.01 32.79
CA GLU F 362 -7.53 54.60 32.10
C GLU F 362 -8.71 53.67 32.24
N TYR F 363 -8.46 52.37 32.11
CA TYR F 363 -9.53 51.42 32.28
C TYR F 363 -10.11 51.46 33.68
N ASP F 364 -9.28 51.61 34.71
CA ASP F 364 -9.86 51.68 36.06
C ASP F 364 -10.73 52.91 36.21
N GLU F 365 -10.27 54.01 35.62
CA GLU F 365 -11.01 55.26 35.72
C GLU F 365 -12.35 55.26 34.99
N ALA F 366 -12.41 54.73 33.78
CA ALA F 366 -13.65 54.88 33.02
C ALA F 366 -14.46 53.59 32.90
N GLY F 367 -13.81 52.46 33.17
CA GLY F 367 -14.42 51.14 33.04
C GLY F 367 -14.57 50.66 31.62
N PRO F 368 -15.46 49.68 31.39
CA PRO F 368 -15.73 49.16 30.05
C PRO F 368 -16.15 50.27 29.08
N SER F 369 -16.68 51.35 29.63
CA SER F 369 -17.20 52.47 28.85
C SER F 369 -16.14 53.12 27.95
N ILE F 370 -14.89 53.09 28.40
CA ILE F 370 -13.81 53.82 27.74
C ILE F 370 -13.54 53.39 26.29
N VAL F 371 -13.82 52.13 25.98
CA VAL F 371 -13.51 51.57 24.67
C VAL F 371 -14.23 52.33 23.55
N HIS F 372 -15.46 52.76 23.83
CA HIS F 372 -16.27 53.46 22.86
C HIS F 372 -15.66 54.81 22.45
N ARG F 373 -15.19 55.56 23.44
CA ARG F 373 -14.58 56.85 23.19
C ARG F 373 -13.19 56.75 22.54
N LYS F 374 -12.36 55.87 23.09
CA LYS F 374 -10.97 55.76 22.64
C LYS F 374 -10.78 55.07 21.29
N CYS F 375 -11.64 54.10 20.97
CA CYS F 375 -11.47 53.36 19.73
C CYS F 375 -12.62 53.64 18.74
N PHE F 376 -12.25 54.09 17.54
CA PHE F 376 -13.24 54.43 16.52
C PHE F 376 -12.63 54.51 15.12
N CYS G 6 -5.02 -26.02 39.40
CA CYS G 6 -6.13 -25.38 40.09
C CYS G 6 -6.90 -24.47 39.15
N ARG G 7 -7.60 -23.48 39.71
CA ARG G 7 -8.32 -22.50 38.91
C ARG G 7 -7.30 -21.63 38.16
N LYS G 8 -6.17 -21.39 38.82
CA LYS G 8 -5.08 -20.65 38.22
C LYS G 8 -4.45 -21.45 37.08
N ASP G 9 -4.82 -22.73 36.98
CA ASP G 9 -4.36 -23.58 35.88
C ASP G 9 -5.30 -23.48 34.68
N SER G 10 -6.59 -23.32 34.94
CA SER G 10 -7.54 -23.04 33.87
C SER G 10 -7.19 -21.66 33.31
N LEU G 11 -6.83 -20.76 34.22
CA LEU G 11 -6.43 -19.41 33.80
C LEU G 11 -5.08 -19.42 33.07
N ALA G 12 -4.13 -20.22 33.54
CA ALA G 12 -2.83 -20.29 32.91
C ALA G 12 -2.94 -20.91 31.53
N ILE G 13 -3.80 -21.91 31.41
CA ILE G 13 -4.02 -22.58 30.13
C ILE G 13 -4.79 -21.65 29.18
N LYS G 14 -5.59 -20.74 29.73
CA LYS G 14 -6.34 -19.79 28.91
C LYS G 14 -5.48 -18.61 28.45
N LEU G 15 -4.55 -18.20 29.30
CA LEU G 15 -3.65 -17.09 29.02
C LEU G 15 -2.65 -17.48 27.95
N SER G 16 -2.18 -18.71 28.03
CA SER G 16 -1.21 -19.24 27.08
C SER G 16 -1.78 -19.31 25.67
N ASN G 17 -3.11 -19.36 25.57
CA ASN G 17 -3.78 -19.56 24.29
C ASN G 17 -4.16 -18.29 23.55
N ARG G 18 -4.17 -17.16 24.25
CA ARG G 18 -4.67 -15.91 23.68
C ARG G 18 -3.97 -15.49 22.39
N PRO G 19 -4.75 -15.18 21.35
CA PRO G 19 -4.26 -14.80 20.02
C PRO G 19 -3.59 -13.43 20.03
N SER G 20 -2.99 -13.07 18.89
CA SER G 20 -2.42 -11.74 18.73
C SER G 20 -3.54 -10.74 18.51
N LYS G 21 -3.20 -9.45 18.57
CA LYS G 21 -4.15 -8.40 18.26
C LYS G 21 -4.53 -8.48 16.79
N ARG G 22 -3.53 -8.78 15.95
CA ARG G 22 -3.73 -8.96 14.52
C ARG G 22 -4.75 -10.05 14.24
N GLU G 23 -4.67 -11.14 15.00
CA GLU G 23 -5.57 -12.27 14.82
C GLU G 23 -7.02 -11.89 15.12
N LEU G 24 -7.22 -11.13 16.18
CA LEU G 24 -8.55 -10.61 16.49
C LEU G 24 -9.02 -9.65 15.40
N GLU G 25 -8.09 -8.84 14.90
CA GLU G 25 -8.39 -7.88 13.84
C GLU G 25 -8.91 -8.57 12.59
N GLU G 26 -8.26 -9.66 12.18
CA GLU G 26 -8.69 -10.39 11.00
C GLU G 26 -10.04 -11.06 11.24
N LYS G 27 -10.31 -11.40 12.49
CA LYS G 27 -11.55 -12.06 12.88
C LYS G 27 -12.68 -11.02 13.06
N ASN G 28 -12.34 -9.76 12.80
CA ASN G 28 -13.29 -8.64 12.90
C ASN G 28 -13.81 -8.42 14.33
N ILE G 29 -12.95 -8.68 15.32
CA ILE G 29 -13.29 -8.43 16.71
C ILE G 29 -12.77 -7.06 17.12
N LEU G 30 -11.59 -6.72 16.60
CA LEU G 30 -11.01 -5.40 16.77
C LEU G 30 -10.94 -4.72 15.41
N PRO G 31 -11.82 -3.73 15.18
CA PRO G 31 -11.91 -3.02 13.90
C PRO G 31 -10.61 -2.33 13.52
N ARG G 32 -10.39 -2.14 12.22
CA ARG G 32 -9.17 -1.50 11.74
C ARG G 32 -9.41 -0.08 11.29
N GLN G 33 -10.62 0.43 11.50
CA GLN G 33 -10.95 1.78 11.07
C GLN G 33 -12.06 2.46 11.87
N THR G 34 -12.10 3.78 11.79
CA THR G 34 -13.10 4.58 12.47
C THR G 34 -14.48 4.35 11.86
N ASP G 35 -15.52 4.58 12.64
CA ASP G 35 -16.89 4.53 12.14
C ASP G 35 -17.04 5.56 11.02
N GLU G 36 -16.32 6.67 11.17
CA GLU G 36 -16.27 7.69 10.13
C GLU G 36 -15.65 7.13 8.86
N GLU G 37 -14.48 6.51 8.99
CA GLU G 37 -13.77 5.92 7.86
C GLU G 37 -14.62 4.84 7.20
N ARG G 38 -15.31 4.06 8.03
CA ARG G 38 -16.24 3.05 7.55
C ARG G 38 -17.33 3.71 6.71
N LEU G 39 -17.81 4.86 7.17
CA LEU G 39 -18.82 5.60 6.43
C LEU G 39 -18.29 6.10 5.09
N GLU G 40 -17.09 6.68 5.10
CA GLU G 40 -16.42 7.11 3.87
C GLU G 40 -16.42 5.97 2.87
N LEU G 41 -15.87 4.85 3.30
CA LEU G 41 -15.73 3.68 2.45
C LEU G 41 -17.06 3.22 1.88
N ARG G 42 -18.08 3.10 2.74
CA ARG G 42 -19.38 2.66 2.28
C ARG G 42 -19.99 3.62 1.26
N GLN G 43 -19.75 4.92 1.46
CA GLN G 43 -20.22 5.93 0.51
C GLN G 43 -19.55 5.77 -0.85
N GLN G 44 -18.22 5.67 -0.85
CA GLN G 44 -17.44 5.50 -2.08
C GLN G 44 -17.91 4.27 -2.85
N ILE G 45 -18.07 3.18 -2.11
CA ILE G 45 -18.59 1.94 -2.68
C ILE G 45 -19.94 2.17 -3.32
N GLY G 46 -20.83 2.84 -2.59
CA GLY G 46 -22.17 3.14 -3.10
C GLY G 46 -22.17 3.92 -4.40
N THR G 47 -21.33 4.95 -4.49
CA THR G 47 -21.30 5.79 -5.68
C THR G 47 -20.67 5.08 -6.88
N LYS G 48 -19.57 4.37 -6.64
CA LYS G 48 -18.95 3.54 -7.68
C LYS G 48 -19.99 2.56 -8.22
N LEU G 49 -20.72 1.94 -7.30
CA LEU G 49 -21.74 0.96 -7.64
C LEU G 49 -22.84 1.58 -8.49
N THR G 50 -23.40 2.70 -8.07
CA THR G 50 -24.43 3.38 -8.86
C THR G 50 -23.93 3.72 -10.26
N ARG G 51 -22.69 4.15 -10.36
CA ARG G 51 -22.09 4.44 -11.67
C ARG G 51 -22.05 3.19 -12.57
N ARG G 52 -21.41 2.14 -12.08
CA ARG G 52 -21.25 0.90 -12.86
C ARG G 52 -22.60 0.27 -13.22
N LEU G 53 -23.56 0.37 -12.32
CA LEU G 53 -24.91 -0.14 -12.56
C LEU G 53 -25.61 0.66 -13.63
N SER G 54 -25.43 1.98 -13.59
CA SER G 54 -26.01 2.85 -14.61
C SER G 54 -25.41 2.54 -15.97
N GLN G 55 -24.15 2.13 -15.99
CA GLN G 55 -23.47 1.81 -17.24
C GLN G 55 -23.67 0.36 -17.68
N ARG G 56 -24.13 -0.48 -16.74
CA ARG G 56 -24.30 -1.92 -16.95
C ARG G 56 -24.98 -2.27 -18.28
N PRO G 57 -24.31 -3.12 -19.09
CA PRO G 57 -24.81 -3.52 -20.40
C PRO G 57 -25.94 -4.56 -20.27
N THR G 58 -26.62 -4.83 -21.38
CA THR G 58 -27.71 -5.79 -21.37
C THR G 58 -27.19 -7.19 -21.67
N ALA G 59 -28.05 -8.20 -21.46
CA ALA G 59 -27.65 -9.59 -21.64
C ALA G 59 -27.28 -9.92 -23.08
N GLU G 60 -28.06 -9.41 -24.03
CA GLU G 60 -27.79 -9.68 -25.44
C GLU G 60 -26.52 -8.98 -25.90
N GLU G 61 -26.25 -7.80 -25.36
CA GLU G 61 -25.01 -7.10 -25.64
C GLU G 61 -23.81 -7.92 -25.14
N LEU G 62 -24.05 -8.71 -24.10
CA LEU G 62 -23.01 -9.54 -23.51
C LEU G 62 -22.88 -10.87 -24.24
N GLU G 63 -23.95 -11.28 -24.92
CA GLU G 63 -23.93 -12.51 -25.69
C GLU G 63 -23.20 -12.33 -27.02
N GLN G 64 -23.37 -11.15 -27.62
CA GLN G 64 -22.71 -10.81 -28.87
C GLN G 64 -21.23 -10.52 -28.66
N ARG G 65 -20.82 -10.46 -27.40
CA ARG G 65 -19.43 -10.26 -27.03
C ARG G 65 -18.74 -11.58 -26.70
N ASN G 66 -19.46 -12.69 -26.87
CA ASN G 66 -18.96 -14.02 -26.54
C ASN G 66 -18.55 -14.15 -25.08
N ILE G 67 -19.40 -13.66 -24.19
CA ILE G 67 -19.18 -13.76 -22.76
C ILE G 67 -20.31 -14.54 -22.11
N LEU G 68 -21.53 -14.31 -22.61
CA LEU G 68 -22.71 -15.03 -22.16
C LEU G 68 -23.07 -16.06 -23.22
N LYS G 69 -22.81 -17.34 -22.92
CA LYS G 69 -22.99 -18.41 -23.90
C LYS G 69 -24.45 -18.84 -24.04
N PRO G 70 -25.04 -18.62 -25.23
CA PRO G 70 -26.45 -18.92 -25.48
C PRO G 70 -26.74 -20.42 -25.51
N ARG G 71 -26.00 -21.16 -26.31
CA ARG G 71 -26.24 -22.59 -26.51
C ARG G 71 -25.81 -23.43 -25.31
N ASN G 72 -26.59 -24.45 -25.00
CA ASN G 72 -26.26 -25.39 -23.93
C ASN G 72 -24.99 -26.17 -24.28
N GLU G 73 -24.47 -26.93 -23.33
CA GLU G 73 -23.27 -27.73 -23.57
C GLU G 73 -23.48 -28.72 -24.72
N GLN G 74 -24.58 -29.46 -24.66
CA GLN G 74 -24.89 -30.46 -25.67
C GLN G 74 -25.16 -29.84 -27.04
N GLU G 75 -25.87 -28.72 -27.05
CA GLU G 75 -26.21 -28.02 -28.29
C GLU G 75 -24.95 -27.48 -28.96
N GLU G 76 -24.05 -26.95 -28.14
CA GLU G 76 -22.77 -26.44 -28.63
C GLU G 76 -21.92 -27.58 -29.18
N GLN G 77 -21.88 -28.70 -28.47
CA GLN G 77 -21.17 -29.88 -28.93
C GLN G 77 -21.72 -30.32 -30.28
N GLU G 78 -23.04 -30.23 -30.42
CA GLU G 78 -23.72 -30.56 -31.66
C GLU G 78 -23.26 -29.65 -32.81
N GLU G 79 -23.25 -28.35 -32.58
CA GLU G 79 -22.82 -27.42 -33.62
C GLU G 79 -21.35 -27.62 -34.01
N LYS G 80 -20.52 -27.91 -33.01
CA LYS G 80 -19.10 -28.18 -33.26
C LYS G 80 -18.92 -29.41 -34.14
N ARG G 81 -19.61 -30.49 -33.77
CA ARG G 81 -19.57 -31.72 -34.55
C ARG G 81 -20.04 -31.48 -35.99
N GLU G 82 -21.14 -30.75 -36.12
CA GLU G 82 -21.72 -30.48 -37.44
C GLU G 82 -20.76 -29.64 -38.30
N ILE G 83 -20.07 -28.71 -37.66
CA ILE G 83 -19.07 -27.90 -38.34
C ILE G 83 -17.92 -28.77 -38.85
N LYS G 84 -17.40 -29.64 -37.98
CA LYS G 84 -16.35 -30.58 -38.39
C LYS G 84 -16.79 -31.40 -39.60
N ARG G 85 -17.98 -32.00 -39.48
CA ARG G 85 -18.58 -32.81 -40.53
C ARG G 85 -18.61 -32.07 -41.87
N ARG G 86 -19.26 -30.92 -41.87
CA ARG G 86 -19.45 -30.15 -43.08
C ARG G 86 -18.12 -29.69 -43.68
N LEU G 87 -17.16 -29.33 -42.82
CA LEU G 87 -15.85 -28.94 -43.30
C LEU G 87 -15.13 -30.08 -44.00
N THR G 88 -15.20 -31.27 -43.41
CA THR G 88 -14.57 -32.44 -44.03
C THR G 88 -15.20 -32.73 -45.39
N ARG G 89 -16.53 -32.84 -45.39
CA ARG G 89 -17.27 -33.14 -46.62
C ARG G 89 -17.03 -32.10 -47.71
N LYS G 90 -16.80 -30.84 -47.30
CA LYS G 90 -16.53 -29.77 -48.25
C LYS G 90 -15.09 -29.80 -48.76
N LEU G 91 -14.16 -30.21 -47.89
CA LEU G 91 -12.75 -30.23 -48.24
C LEU G 91 -12.38 -31.39 -49.14
N SER G 92 -13.07 -32.53 -48.99
CA SER G 92 -12.80 -33.66 -49.85
C SER G 92 -13.18 -33.35 -51.29
N GLN G 93 -14.35 -32.73 -51.47
CA GLN G 93 -14.84 -32.38 -52.80
C GLN G 93 -14.22 -31.08 -53.31
N ARG G 94 -12.89 -31.05 -53.37
CA ARG G 94 -12.17 -29.84 -53.74
C ARG G 94 -11.43 -30.01 -55.07
N PRO G 95 -11.75 -29.15 -56.06
CA PRO G 95 -11.27 -29.23 -57.43
C PRO G 95 -9.76 -29.02 -57.56
N THR G 96 -9.26 -29.07 -58.80
CA THR G 96 -7.85 -28.84 -59.07
C THR G 96 -7.63 -27.42 -59.54
N VAL G 97 -6.37 -26.97 -59.49
CA VAL G 97 -6.01 -25.64 -59.96
C VAL G 97 -6.30 -25.50 -61.46
N GLU G 98 -6.03 -26.57 -62.20
CA GLU G 98 -6.31 -26.59 -63.63
C GLU G 98 -7.81 -26.49 -63.89
N GLU G 99 -8.60 -27.19 -63.07
CA GLU G 99 -10.05 -27.16 -63.19
C GLU G 99 -10.59 -25.75 -63.00
N LEU G 100 -9.94 -24.96 -62.16
CA LEU G 100 -10.35 -23.58 -61.93
C LEU G 100 -9.86 -22.64 -63.03
N ARG G 101 -8.60 -22.83 -63.46
CA ARG G 101 -8.05 -22.05 -64.56
C ARG G 101 -8.92 -22.20 -65.80
N GLU G 102 -9.41 -23.41 -66.03
CA GLU G 102 -10.31 -23.69 -67.14
C GLU G 102 -11.62 -22.92 -67.00
N ARG G 103 -12.07 -22.74 -65.76
CA ARG G 103 -13.38 -22.13 -65.52
C ARG G 103 -13.32 -20.61 -65.37
N LYS G 104 -12.24 -20.00 -65.88
CA LYS G 104 -12.07 -18.55 -65.85
C LYS G 104 -12.17 -17.98 -64.43
N ILE G 105 -11.75 -18.77 -63.45
CA ILE G 105 -11.83 -18.39 -62.04
C ILE G 105 -10.47 -17.89 -61.55
N LEU G 106 -9.41 -18.55 -61.99
CA LEU G 106 -8.06 -18.08 -61.74
C LEU G 106 -7.57 -17.33 -62.99
N ILE G 107 -7.88 -16.04 -63.03
CA ILE G 107 -7.62 -15.20 -64.20
C ILE G 107 -6.16 -15.21 -64.64
N ARG G 108 -5.25 -15.31 -63.68
CA ARG G 108 -3.82 -15.25 -63.97
C ARG G 108 -3.21 -16.64 -64.09
N PHE G 109 -2.38 -16.82 -65.11
CA PHE G 109 -1.53 -17.99 -65.18
C PHE G 109 -0.40 -17.77 -64.20
N SER G 110 0.39 -18.81 -63.94
CA SER G 110 1.49 -18.75 -62.97
C SER G 110 1.02 -18.49 -61.54
N ASP G 111 -0.29 -18.59 -61.32
CA ASP G 111 -0.85 -18.48 -59.98
C ASP G 111 -1.35 -19.86 -59.54
N TYR G 112 -0.74 -20.40 -58.50
CA TYR G 112 -0.97 -21.77 -58.00
C TYR G 112 -0.40 -22.84 -58.94
N VAL G 113 0.58 -22.49 -59.76
CA VAL G 113 1.19 -23.46 -60.66
C VAL G 113 2.16 -24.38 -59.94
N GLU G 114 2.51 -24.03 -58.71
CA GLU G 114 3.40 -24.85 -57.92
C GLU G 114 2.73 -26.16 -57.51
N VAL G 115 1.41 -26.17 -57.54
CA VAL G 115 0.63 -27.34 -57.15
C VAL G 115 0.70 -28.44 -58.20
N ASP H 9 40.26 -15.32 16.72
CA ASP H 9 40.25 -14.24 17.70
C ASP H 9 39.72 -12.95 17.08
N SER H 10 39.94 -12.81 15.77
CA SER H 10 39.43 -11.65 15.04
C SER H 10 37.99 -11.90 14.61
N LEU H 11 37.68 -13.17 14.35
CA LEU H 11 36.35 -13.59 13.92
C LEU H 11 35.29 -13.14 14.91
N ALA H 12 35.45 -13.54 16.17
CA ALA H 12 34.49 -13.22 17.21
C ALA H 12 34.28 -11.71 17.37
N ILE H 13 35.37 -10.95 17.23
CA ILE H 13 35.30 -9.50 17.26
C ILE H 13 34.44 -8.99 16.12
N LYS H 14 34.61 -9.58 14.94
CA LYS H 14 33.81 -9.21 13.78
C LYS H 14 32.36 -9.69 13.91
N LEU H 15 32.13 -10.65 14.78
CA LEU H 15 30.80 -11.23 14.99
C LEU H 15 30.02 -10.41 16.00
N SER H 16 30.75 -9.72 16.88
CA SER H 16 30.12 -8.85 17.86
C SER H 16 29.62 -7.56 17.20
N ASN H 17 30.24 -7.19 16.08
CA ASN H 17 29.89 -5.95 15.39
C ASN H 17 28.94 -6.13 14.22
N ARG H 18 28.22 -7.25 14.19
CA ARG H 18 27.30 -7.52 13.09
C ARG H 18 26.02 -6.71 13.19
N PRO H 19 25.67 -6.00 12.10
CA PRO H 19 24.43 -5.23 11.96
C PRO H 19 23.21 -6.14 11.96
N SER H 20 22.04 -5.58 12.21
CA SER H 20 20.79 -6.31 12.08
C SER H 20 20.40 -6.34 10.62
N LYS H 21 19.56 -7.30 10.24
CA LYS H 21 19.10 -7.43 8.86
C LYS H 21 18.38 -6.16 8.41
N ARG H 22 17.59 -5.60 9.32
CA ARG H 22 16.94 -4.32 9.08
C ARG H 22 18.01 -3.29 8.79
N GLU H 23 18.97 -3.17 9.72
CA GLU H 23 20.06 -2.20 9.60
C GLU H 23 20.81 -2.31 8.27
N LEU H 24 20.83 -3.51 7.69
CA LEU H 24 21.42 -3.72 6.38
C LEU H 24 20.48 -3.25 5.27
N GLU H 25 19.18 -3.48 5.44
CA GLU H 25 18.19 -2.99 4.49
C GLU H 25 18.17 -1.46 4.47
N GLU H 26 18.55 -0.86 5.61
CA GLU H 26 18.58 0.58 5.77
C GLU H 26 19.70 1.18 4.95
N LYS H 27 20.79 0.44 4.80
CA LYS H 27 21.96 0.91 4.07
C LYS H 27 21.83 0.64 2.57
N ASN H 28 20.66 0.14 2.15
CA ASN H 28 20.42 -0.27 0.77
C ASN H 28 21.39 -1.37 0.34
N ILE H 29 21.59 -2.34 1.23
CA ILE H 29 22.48 -3.47 0.98
C ILE H 29 21.63 -4.70 0.70
N LEU H 30 20.57 -4.86 1.48
CA LEU H 30 19.58 -5.90 1.24
C LEU H 30 18.33 -5.26 0.66
N PRO H 31 17.94 -5.65 -0.57
CA PRO H 31 16.71 -5.18 -1.18
C PRO H 31 15.50 -5.54 -0.32
N ARG H 32 14.50 -4.67 -0.29
CA ARG H 32 13.30 -4.91 0.50
C ARG H 32 12.16 -5.30 -0.41
N GLN H 33 12.47 -5.45 -1.70
CA GLN H 33 11.44 -5.74 -2.69
C GLN H 33 12.01 -6.43 -3.93
N THR H 34 11.19 -7.26 -4.56
CA THR H 34 11.60 -7.96 -5.78
C THR H 34 11.85 -6.96 -6.91
N ASP H 35 12.55 -7.41 -7.94
CA ASP H 35 12.82 -6.57 -9.11
C ASP H 35 11.52 -6.08 -9.75
N GLU H 36 10.56 -6.99 -9.89
CA GLU H 36 9.26 -6.66 -10.46
C GLU H 36 8.56 -5.60 -9.63
N GLU H 37 8.69 -5.70 -8.31
CA GLU H 37 8.10 -4.72 -7.40
C GLU H 37 8.70 -3.34 -7.62
N ARG H 38 10.03 -3.27 -7.69
CA ARG H 38 10.72 -2.02 -7.94
C ARG H 38 10.32 -1.42 -9.29
N LEU H 39 10.06 -2.30 -10.27
CA LEU H 39 9.66 -1.86 -11.59
C LEU H 39 8.26 -1.25 -11.59
N GLU H 40 7.31 -1.96 -10.98
CA GLU H 40 5.94 -1.45 -10.87
C GLU H 40 5.94 -0.12 -10.13
N LEU H 41 6.72 -0.06 -9.05
CA LEU H 41 6.89 1.15 -8.28
C LEU H 41 7.40 2.31 -9.13
N ARG H 42 8.43 2.04 -9.92
CA ARG H 42 9.00 3.05 -10.82
C ARG H 42 7.98 3.55 -11.82
N GLN H 43 7.21 2.64 -12.40
CA GLN H 43 6.18 3.01 -13.37
C GLN H 43 5.13 3.92 -12.71
N GLN H 44 4.70 3.54 -11.51
CA GLN H 44 3.73 4.33 -10.75
C GLN H 44 4.24 5.75 -10.49
N ILE H 45 5.44 5.83 -9.91
CA ILE H 45 6.09 7.12 -9.64
C ILE H 45 6.14 7.96 -10.91
N GLY H 46 6.51 7.32 -12.01
CA GLY H 46 6.57 7.99 -13.30
C GLY H 46 5.25 8.58 -13.76
N THR H 47 4.17 7.82 -13.64
CA THR H 47 2.86 8.31 -14.05
C THR H 47 2.38 9.43 -13.14
N LYS H 48 2.68 9.32 -11.85
CA LYS H 48 2.42 10.38 -10.89
C LYS H 48 3.09 11.67 -11.34
N LEU H 49 4.42 11.58 -11.52
CA LEU H 49 5.26 12.67 -11.95
C LEU H 49 4.72 13.33 -13.21
N THR H 50 4.33 12.50 -14.17
CA THR H 50 3.73 12.97 -15.41
C THR H 50 2.48 13.81 -15.13
N ARG H 51 1.57 13.25 -14.34
CA ARG H 51 0.32 13.90 -14.02
C ARG H 51 0.52 15.24 -13.31
N ARG H 52 1.42 15.26 -12.33
CA ARG H 52 1.67 16.46 -11.55
C ARG H 52 2.35 17.55 -12.37
N LEU H 53 3.36 17.15 -13.15
CA LEU H 53 4.05 18.10 -14.02
C LEU H 53 3.12 18.63 -15.11
N SER H 54 2.07 17.87 -15.43
CA SER H 54 1.10 18.32 -16.42
C SER H 54 0.28 19.52 -15.94
N GLN H 55 -0.20 19.46 -14.71
CA GLN H 55 -1.01 20.54 -14.15
C GLN H 55 -0.18 21.55 -13.35
N ARG H 56 1.12 21.59 -13.64
CA ARG H 56 2.02 22.49 -12.94
C ARG H 56 1.67 23.95 -13.21
N PRO H 57 1.34 24.70 -12.15
CA PRO H 57 0.98 26.12 -12.25
C PRO H 57 2.14 26.98 -12.74
N THR H 58 1.83 28.20 -13.18
CA THR H 58 2.84 29.08 -13.74
C THR H 58 3.45 30.00 -12.67
N ALA H 59 4.51 30.70 -13.05
CA ALA H 59 5.21 31.61 -12.14
C ALA H 59 4.28 32.72 -11.64
N GLU H 60 3.53 33.32 -12.56
CA GLU H 60 2.57 34.36 -12.19
C GLU H 60 1.48 33.78 -11.31
N GLU H 61 0.96 32.61 -11.69
CA GLU H 61 -0.08 31.94 -10.92
C GLU H 61 0.37 31.61 -9.50
N LEU H 62 1.67 31.47 -9.31
CA LEU H 62 2.22 31.17 -8.00
C LEU H 62 2.66 32.44 -7.27
N GLU H 63 2.74 33.54 -8.01
CA GLU H 63 3.01 34.84 -7.41
C GLU H 63 1.72 35.40 -6.79
N GLN H 64 0.62 35.28 -7.53
CA GLN H 64 -0.67 35.78 -7.09
C GLN H 64 -1.21 35.04 -5.87
N ARG H 65 -0.68 33.85 -5.63
CA ARG H 65 -1.06 33.06 -4.46
C ARG H 65 -0.14 33.39 -3.28
N ASN H 66 0.73 34.36 -3.49
CA ASN H 66 1.70 34.80 -2.48
C ASN H 66 2.67 33.69 -2.05
N ILE H 67 2.91 32.73 -2.96
CA ILE H 67 3.86 31.64 -2.71
C ILE H 67 5.29 32.15 -2.85
N LEU H 68 5.55 32.93 -3.89
CA LEU H 68 6.86 33.54 -4.07
C LEU H 68 6.71 34.96 -4.60
N LYS H 69 7.29 35.92 -3.87
CA LYS H 69 7.19 37.33 -4.24
C LYS H 69 8.20 37.69 -5.32
N PRO H 70 7.82 38.62 -6.21
CA PRO H 70 8.73 39.08 -7.26
C PRO H 70 9.63 40.24 -6.82
N ARG H 71 9.10 41.13 -5.98
CA ARG H 71 9.83 42.32 -5.56
C ARG H 71 10.92 42.00 -4.55
N ASN H 72 12.10 42.60 -4.74
CA ASN H 72 13.22 42.42 -3.82
C ASN H 72 12.88 42.91 -2.42
N GLU H 73 13.62 42.43 -1.43
CA GLU H 73 13.36 42.75 -0.03
C GLU H 73 13.40 44.26 0.23
N GLN H 74 14.35 44.94 -0.40
CA GLN H 74 14.49 46.39 -0.25
C GLN H 74 13.27 47.12 -0.80
N GLU H 75 12.77 46.62 -1.93
CA GLU H 75 11.58 47.16 -2.57
C GLU H 75 10.38 47.03 -1.63
N GLU H 76 10.28 45.86 -0.99
CA GLU H 76 9.23 45.61 -0.01
C GLU H 76 9.34 46.55 1.18
N GLN H 77 10.57 46.78 1.64
CA GLN H 77 10.83 47.71 2.73
C GLN H 77 10.36 49.12 2.36
N GLU H 78 10.65 49.52 1.13
CA GLU H 78 10.24 50.82 0.63
C GLU H 78 8.71 50.93 0.64
N GLU H 79 8.05 49.85 0.24
CA GLU H 79 6.59 49.80 0.28
C GLU H 79 6.05 49.98 1.71
N LYS H 80 6.58 49.18 2.64
CA LYS H 80 6.12 49.21 4.02
C LYS H 80 6.48 50.52 4.72
N ARG H 81 7.41 51.27 4.15
CA ARG H 81 7.79 52.57 4.71
C ARG H 81 6.84 53.66 4.18
N GLU H 82 6.68 53.70 2.86
CA GLU H 82 5.79 54.66 2.23
C GLU H 82 4.36 54.54 2.77
N ILE H 83 3.92 53.29 2.97
CA ILE H 83 2.60 53.05 3.53
C ILE H 83 2.45 53.61 4.95
N LYS H 84 3.41 53.33 5.82
CA LYS H 84 3.38 53.86 7.19
C LYS H 84 3.37 55.39 7.20
N ARG H 85 4.17 55.99 6.32
CA ARG H 85 4.22 57.44 6.21
C ARG H 85 2.86 58.03 5.83
N ARG H 86 2.32 57.57 4.70
CA ARG H 86 1.03 58.02 4.23
C ARG H 86 -0.07 57.77 5.27
N LEU H 87 0.10 56.72 6.06
CA LEU H 87 -0.90 56.36 7.05
C LEU H 87 -0.88 57.29 8.26
N THR H 88 0.30 57.53 8.83
CA THR H 88 0.39 58.47 9.95
C THR H 88 -0.09 59.84 9.50
N ARG H 89 0.31 60.22 8.29
CA ARG H 89 -0.12 61.49 7.71
C ARG H 89 -1.64 61.59 7.64
N LYS H 90 -2.27 60.61 7.02
CA LYS H 90 -3.71 60.61 6.84
C LYS H 90 -4.48 60.49 8.15
N LEU H 91 -3.86 59.88 9.15
CA LEU H 91 -4.52 59.66 10.44
C LEU H 91 -4.39 60.87 11.37
N SER H 92 -3.36 61.68 11.17
CA SER H 92 -3.19 62.90 11.97
C SER H 92 -4.06 64.04 11.46
N GLN H 93 -4.68 63.83 10.30
CA GLN H 93 -5.60 64.81 9.73
C GLN H 93 -6.99 64.20 9.60
N ARG H 94 -7.44 63.58 10.69
CA ARG H 94 -8.70 62.83 10.70
C ARG H 94 -9.83 63.69 11.25
N PRO H 95 -10.79 64.05 10.38
CA PRO H 95 -11.89 64.96 10.74
C PRO H 95 -12.72 64.49 11.93
N THR H 96 -13.40 65.44 12.57
CA THR H 96 -14.23 65.14 13.73
C THR H 96 -15.59 64.61 13.29
N VAL H 97 -16.28 63.93 14.21
CA VAL H 97 -17.59 63.36 13.92
C VAL H 97 -18.57 64.46 13.50
N GLU H 98 -18.34 65.68 13.99
CA GLU H 98 -19.17 66.82 13.67
C GLU H 98 -19.00 67.26 12.22
N GLU H 99 -17.77 67.26 11.74
CA GLU H 99 -17.50 67.65 10.36
C GLU H 99 -18.22 66.72 9.39
N LEU H 100 -18.20 65.43 9.70
CA LEU H 100 -18.87 64.43 8.86
C LEU H 100 -20.39 64.56 8.97
N ARG H 101 -20.89 64.79 10.18
CA ARG H 101 -22.31 65.02 10.40
C ARG H 101 -22.81 66.19 9.56
N GLU H 102 -22.10 67.31 9.66
CA GLU H 102 -22.45 68.53 8.94
C GLU H 102 -22.41 68.33 7.43
N ARG H 103 -21.60 67.38 6.97
CA ARG H 103 -21.42 67.14 5.54
C ARG H 103 -22.24 65.96 5.04
N LYS H 104 -23.22 65.55 5.82
CA LYS H 104 -24.13 64.46 5.46
C LYS H 104 -23.45 63.13 5.20
N ILE H 105 -22.24 62.97 5.73
CA ILE H 105 -21.51 61.70 5.63
C ILE H 105 -22.05 60.72 6.66
N LEU H 106 -22.10 61.16 7.92
CA LEU H 106 -22.83 60.41 8.94
C LEU H 106 -24.29 60.82 8.89
N ILE H 107 -25.18 59.83 8.82
CA ILE H 107 -26.59 60.09 8.63
C ILE H 107 -27.34 59.98 9.96
N ARG H 108 -26.78 59.24 10.91
CA ARG H 108 -27.39 59.07 12.21
C ARG H 108 -26.53 59.68 13.33
N PHE H 109 -27.18 60.26 14.33
CA PHE H 109 -26.48 60.89 15.44
C PHE H 109 -25.95 59.84 16.40
N SER H 110 -26.66 58.72 16.50
CA SER H 110 -26.27 57.63 17.38
C SER H 110 -24.93 57.03 16.96
N ASP H 111 -24.54 57.23 15.71
CA ASP H 111 -23.27 56.74 15.21
C ASP H 111 -22.10 57.58 15.71
N TYR H 112 -21.19 56.93 16.43
CA TYR H 112 -20.03 57.59 17.03
C TYR H 112 -20.42 58.72 17.97
N VAL H 113 -21.58 58.57 18.61
CA VAL H 113 -22.09 59.55 19.55
C VAL H 113 -21.13 59.73 20.73
N GLU H 114 -20.66 58.61 21.26
CA GLU H 114 -19.83 58.59 22.45
C GLU H 114 -18.38 58.99 22.19
N VAL H 115 -18.12 59.59 21.04
CA VAL H 115 -16.79 60.11 20.72
C VAL H 115 -16.69 61.58 21.11
PG ATP I . -11.46 4.06 41.16
O1G ATP I . -10.06 4.59 41.35
O2G ATP I . -11.53 2.75 40.43
O3G ATP I . -12.44 5.10 40.67
PB ATP I . -11.32 2.63 43.62
O1B ATP I . -10.90 1.43 42.78
O2B ATP I . -10.34 3.29 44.54
O3B ATP I . -11.97 3.74 42.66
PA ATP I . -12.69 0.90 45.40
O1A ATP I . -12.77 -0.33 44.53
O2A ATP I . -11.61 0.99 46.46
O3A ATP I . -12.62 2.22 44.48
O5' ATP I . -14.11 1.14 46.10
C5' ATP I . -14.22 1.98 47.24
C4' ATP I . -15.60 2.62 47.26
O4' ATP I . -16.59 1.60 47.35
C3' ATP I . -15.79 3.55 48.45
O3' ATP I . -16.15 4.85 47.98
C2' ATP I . -16.93 2.96 49.26
O2' ATP I . -17.88 3.98 49.57
C1' ATP I . -17.55 1.91 48.35
N9 ATP I . -17.88 0.68 49.13
C8 ATP I . -16.99 -0.13 49.73
N7 ATP I . -17.62 -1.16 50.36
C5 ATP I . -18.95 -1.00 50.16
C6 ATP I . -20.18 -1.71 50.56
N6 ATP I . -20.13 -2.85 51.31
N1 ATP I . -21.37 -1.21 50.14
C2 ATP I . -21.43 -0.08 49.40
N3 ATP I . -20.36 0.62 49.01
C4 ATP I . -19.11 0.22 49.35
MG MG J . -10.76 0.06 40.80
C1 GOL K . -25.01 14.70 63.38
O1 GOL K . -23.81 14.55 64.10
C2 GOL K . -26.20 14.63 64.33
O2 GOL K . -26.08 13.50 65.16
C3 GOL K . -27.50 14.53 63.53
O3 GOL K . -27.25 14.78 62.16
C1 GOL L . -26.88 -13.41 38.54
O1 GOL L . -27.68 -14.32 37.81
C2 GOL L . -26.95 -13.75 40.03
O2 GOL L . -25.95 -13.04 40.72
C3 GOL L . -28.32 -13.37 40.58
O3 GOL L . -28.58 -14.13 41.74
PG ATP M . -25.47 -20.79 2.70
O1G ATP M . -26.89 -20.34 2.44
O2G ATP M . -24.41 -19.81 2.26
O3G ATP M . -25.19 -22.21 2.29
PB ATP M . -25.22 -19.53 5.25
O1B ATP M . -25.20 -18.28 4.41
O2B ATP M . -26.22 -19.66 6.38
O3B ATP M . -25.35 -20.84 4.32
PA ATP M . -22.87 -18.57 6.44
O1A ATP M . -22.20 -17.85 5.30
O2A ATP M . -23.69 -17.80 7.45
O3A ATP M . -23.77 -19.78 5.87
O5' ATP M . -21.76 -19.42 7.24
C5' ATP M . -22.13 -20.14 8.41
C4' ATP M . -21.08 -21.22 8.64
O4' ATP M . -19.80 -20.61 8.75
C3' ATP M . -21.32 -22.01 9.91
O3' ATP M . -21.60 -23.37 9.58
C2' ATP M . -20.04 -21.93 10.71
O2' ATP M . -19.58 -23.24 11.03
C1' ATP M . -19.05 -21.22 9.80
N9 ATP M . -18.29 -20.18 10.54
C8 ATP M . -18.81 -19.10 11.17
N7 ATP M . -17.84 -18.35 11.74
C5 ATP M . -16.66 -18.94 11.48
C6 ATP M . -15.24 -18.68 11.79
N6 ATP M . -14.87 -17.59 12.51
N1 ATP M . -14.32 -19.55 11.32
C2 ATP M . -14.66 -20.63 10.60
N3 ATP M . -15.93 -20.93 10.29
C4 ATP M . -16.96 -20.14 10.69
MG MG N . -24.68 -17.21 2.24
C1 GOL O . -15.49 -35.11 26.34
O1 GOL O . -14.68 -36.15 25.82
C2 GOL O . -16.88 -35.20 25.72
O2 GOL O . -17.38 -36.51 25.88
C3 GOL O . -17.81 -34.20 26.38
O3 GOL O . -18.78 -33.78 25.45
PG ATP P . -3.06 -9.01 -37.91
O1G ATP P . -1.82 -9.88 -37.90
O2G ATP P . -4.33 -9.75 -38.28
O3G ATP P . -2.88 -7.70 -38.63
PB ATP P . -3.73 -9.58 -35.21
O1B ATP P . -4.11 -10.92 -35.78
O2B ATP P . -2.72 -9.48 -34.08
O3B ATP P . -3.27 -8.57 -36.38
PA ATP P . -6.21 -9.53 -33.86
O1A ATP P . -7.13 -10.28 -34.77
O2A ATP P . -5.56 -10.23 -32.69
O3A ATP P . -5.06 -8.81 -34.73
O5' ATP P . -6.96 -8.22 -33.32
C5' ATP P . -6.37 -7.45 -32.27
C4' ATP P . -6.87 -6.02 -32.34
O4' ATP P . -8.31 -6.00 -32.24
C3' ATP P . -6.33 -5.17 -31.20
O3' ATP P . -5.65 -4.03 -31.74
C2' ATP P . -7.54 -4.68 -30.42
O2' ATP P . -7.45 -3.28 -30.18
C1' ATP P . -8.73 -4.99 -31.32
N9 ATP P . -9.89 -5.49 -30.53
C8 ATP P . -9.93 -6.62 -29.80
N7 ATP P . -11.14 -6.76 -29.20
C5 ATP P . -11.90 -5.71 -29.55
C6 ATP P . -13.27 -5.23 -29.29
N6 ATP P . -14.12 -5.93 -28.49
N1 ATP P . -13.67 -4.07 -29.85
C2 ATP P . -12.84 -3.36 -30.65
N3 ATP P . -11.59 -3.73 -30.93
C4 ATP P . -11.06 -4.87 -30.42
MG MG Q . -5.22 -12.24 -37.55
C1 GOL R . -4.95 11.37 -18.10
O1 GOL R . -5.22 10.00 -18.36
C2 GOL R . -6.24 12.16 -18.23
O2 GOL R . -6.79 12.00 -19.51
C3 GOL R . -5.95 13.65 -18.00
O3 GOL R . -6.49 14.40 -19.05
C1 GOL S . -0.62 13.85 -19.86
O1 GOL S . 0.05 12.88 -20.63
C2 GOL S . -0.57 13.49 -18.39
O2 GOL S . -0.55 12.10 -18.24
C3 GOL S . -1.79 14.07 -17.68
O3 GOL S . -2.31 13.11 -16.79
PG ATP T . 28.85 -29.71 -3.37
O1G ATP T . 27.86 -30.42 -2.48
O2G ATP T . 29.45 -28.46 -2.78
O3G ATP T . 28.39 -29.56 -4.80
PB ATP T . 31.06 -31.16 -2.27
O1B ATP T . 31.11 -30.06 -1.24
O2B ATP T . 30.71 -32.56 -1.87
O3B ATP T . 30.11 -30.73 -3.50
PA ATP T . 33.89 -30.92 -2.32
O1A ATP T . 34.01 -29.44 -2.08
O2A ATP T . 34.07 -31.89 -1.18
O3A ATP T . 32.47 -31.23 -3.04
O5' ATP T . 34.87 -31.34 -3.52
C5' ATP T . 34.79 -32.65 -4.09
C4' ATP T . 35.01 -32.55 -5.58
O4' ATP T . 36.20 -31.79 -5.83
C3' ATP T . 35.20 -33.91 -6.23
O3' ATP T . 34.33 -34.03 -7.36
C2' ATP T . 36.63 -33.95 -6.71
O2' ATP T . 36.71 -34.48 -8.04
C1' ATP T . 37.09 -32.51 -6.69
N9 ATP T . 38.47 -32.39 -6.14
C8 ATP T . 38.85 -32.72 -4.89
N7 ATP T . 40.18 -32.49 -4.72
C5 ATP T . 40.66 -32.01 -5.89
C6 ATP T . 41.98 -31.57 -6.39
N6 ATP T . 43.08 -31.59 -5.61
N1 ATP T . 42.05 -31.14 -7.68
C2 ATP T . 40.96 -31.11 -8.47
N3 ATP T . 39.73 -31.51 -8.08
C4 ATP T . 39.53 -31.95 -6.82
MG MG U . 30.24 -27.85 -0.10
PG ATP V . 27.69 18.12 -3.22
O1G ATP V . 28.11 18.48 -4.61
O2G ATP V . 26.25 17.69 -3.08
O3G ATP V . 28.12 19.13 -2.17
PB ATP V . 28.30 15.34 -3.47
O1B ATP V . 26.96 15.30 -4.18
O2B ATP V . 29.55 14.93 -4.21
O3B ATP V . 28.55 16.81 -2.83
PA ATP V . 27.52 13.02 -2.06
O1A ATP V . 26.02 13.18 -2.14
O2A ATP V . 28.23 12.10 -3.01
O3A ATP V . 28.21 14.47 -2.13
O5' ATP V . 27.90 12.59 -0.55
C5' ATP V . 29.04 11.78 -0.28
C4' ATP V . 29.36 11.89 1.21
O4' ATP V . 28.48 11.06 1.96
C3' ATP V . 30.78 11.42 1.52
O3' ATP V . 31.51 12.53 2.08
C2' ATP V . 30.65 10.32 2.55
O2' ATP V . 31.51 10.58 3.66
C1' ATP V . 29.19 10.37 2.99
N9 ATP V . 28.62 9.01 3.17
C8 ATP V . 28.42 8.09 2.21
N7 ATP V . 27.88 6.96 2.72
C5 ATP V . 27.69 7.15 4.04
C6 ATP V . 27.16 6.36 5.17
N6 ATP V . 26.69 5.10 4.99
N1 ATP V . 27.16 6.94 6.39
C2 ATP V . 27.63 8.18 6.57
N3 ATP V . 28.13 8.96 5.60
C4 ATP V . 28.19 8.51 4.33
MG MG W . 24.15 15.58 -3.95
C1 GOL X . 46.30 4.65 15.04
O1 GOL X . 46.71 5.84 15.66
C2 GOL X . 47.21 4.35 13.86
O2 GOL X . 46.86 5.18 12.78
C3 GOL X . 47.06 2.90 13.45
O3 GOL X . 47.32 2.76 12.07
PG ATP Y . -14.65 35.84 9.70
O1G ATP Y . -14.42 35.93 11.19
O2G ATP Y . -14.13 37.03 8.92
O3G ATP Y . -16.06 35.43 9.34
PB ATP Y . -12.15 34.58 9.15
O1B ATP Y . -11.61 35.98 9.16
O2B ATP Y . -11.67 33.58 10.18
O3B ATP Y . -13.76 34.59 9.20
PA ATP Y . -10.61 34.09 6.81
O1A ATP Y . -10.56 35.49 6.24
O2A ATP Y . -9.43 33.54 7.58
O3A ATP Y . -11.95 33.92 7.69
O5' ATP Y . -10.96 33.08 5.62
C5' ATP Y . -11.06 31.68 5.88
C4' ATP Y . -11.84 31.02 4.74
O4' ATP Y . -11.25 31.38 3.49
C3' ATP Y . -11.81 29.51 4.84
O3' ATP Y . -13.14 28.99 4.88
C2' ATP Y . -11.12 29.03 3.58
O2' ATP Y . -11.83 27.94 3.00
C1' ATP Y . -11.12 30.24 2.66
N9 ATP Y . -9.87 30.30 1.87
C8 ATP Y . -8.63 30.35 2.36
N7 ATP Y . -7.71 30.39 1.36
C5 ATP Y . -8.38 30.35 0.20
C6 ATP Y . -8.03 30.36 -1.24
N6 ATP Y . -6.74 30.41 -1.66
N1 ATP Y . -9.05 30.31 -2.14
C2 ATP Y . -10.34 30.25 -1.74
N3 ATP Y . -10.73 30.23 -0.45
C4 ATP Y . -9.81 30.28 0.54
MG MG Z . -11.66 38.51 8.65
C1 GOL AA . -13.11 11.02 -0.64
O1 GOL AA . -12.82 10.33 0.56
C2 GOL AA . -13.71 10.05 -1.65
O2 GOL AA . -15.02 9.72 -1.23
C3 GOL AA . -13.78 10.72 -3.02
O3 GOL AA . -14.91 10.25 -3.72
C1 GOL BA . -18.52 51.93 17.41
O1 GOL BA . -17.50 51.90 16.43
C2 GOL BA . -19.53 53.02 17.05
O2 GOL BA . -20.48 53.13 18.08
C3 GOL BA . -20.24 52.64 15.74
O3 GOL BA . -21.55 53.15 15.77
#